data_6BNM
# 
_entry.id   6BNM 
# 
_audit_conform.dict_name       mmcif_pdbx.dic 
_audit_conform.dict_version    5.379 
_audit_conform.dict_location   http://mmcif.pdb.org/dictionaries/ascii/mmcif_pdbx.dic 
# 
loop_
_database_2.database_id 
_database_2.database_code 
_database_2.pdbx_database_accession 
_database_2.pdbx_DOI 
PDB   6BNM         pdb_00006bnm 10.2210/pdb6bnm/pdb 
WWPDB D_1000231160 ?            ?                   
# 
_pdbx_database_status.status_code                     REL 
_pdbx_database_status.status_code_sf                  REL 
_pdbx_database_status.status_code_mr                  ? 
_pdbx_database_status.entry_id                        6BNM 
_pdbx_database_status.recvd_initial_deposition_date   2017-11-17 
_pdbx_database_status.SG_entry                        N 
_pdbx_database_status.deposit_site                    RCSB 
_pdbx_database_status.process_site                    RCSB 
_pdbx_database_status.status_code_cs                  ? 
_pdbx_database_status.methods_development_category    ? 
_pdbx_database_status.pdb_format_compatible           Y 
_pdbx_database_status.status_code_nmr_data            ? 
# 
loop_
_audit_author.name 
_audit_author.pdbx_ordinal 
_audit_author.identifier_ORCID 
'Cash, J.N.'     1 0000-0002-0277-7652 
'Sharma, P.V.'   2 ?                   
'Tesmer, J.J.G.' 3 0000-0003-1125-3727 
# 
_citation.abstract                  ? 
_citation.abstract_id_CAS           ? 
_citation.book_id_ISBN              ? 
_citation.book_publisher            ? 
_citation.book_publisher_city       ? 
_citation.book_title                ? 
_citation.coordinate_linkage        ? 
_citation.country                   US 
_citation.database_id_Medline       ? 
_citation.details                   ? 
_citation.id                        primary 
_citation.journal_abbrev            J.Struct.Biol. 
_citation.journal_id_ASTM           JSBIEM 
_citation.journal_id_CSD            0803 
_citation.journal_id_ISSN           1095-8657 
_citation.journal_full              ? 
_citation.journal_issue             ? 
_citation.journal_volume            1 
_citation.language                  ? 
_citation.page_first                ? 
_citation.page_last                 ? 
_citation.title                     
'Structural and biochemical characterization of the pleckstrin homology domain of the RhoGEF P-Rex2 and its regulation by PIP3.' 
_citation.year                      2019 
_citation.database_id_CSD           ? 
_citation.pdbx_database_id_DOI      10.1016/j.yjsbx.2018.100001 
_citation.pdbx_database_id_PubMed   ? 
_citation.unpublished_flag          ? 
# 
loop_
_citation_author.citation_id 
_citation_author.name 
_citation_author.ordinal 
_citation_author.identifier_ORCID 
primary 'Cash, J.N.'     1 ? 
primary 'Sharma, P.V.'   2 ? 
primary 'Tesmer, J.J.G.' 3 ? 
# 
_cell.angle_alpha                  90.000 
_cell.angle_alpha_esd              ? 
_cell.angle_beta                   90.000 
_cell.angle_beta_esd               ? 
_cell.angle_gamma                  120.000 
_cell.angle_gamma_esd              ? 
_cell.entry_id                     6BNM 
_cell.details                      ? 
_cell.formula_units_Z              ? 
_cell.length_a                     60.105 
_cell.length_a_esd                 ? 
_cell.length_b                     60.105 
_cell.length_b_esd                 ? 
_cell.length_c                     86.238 
_cell.length_c_esd                 ? 
_cell.volume                       ? 
_cell.volume_esd                   ? 
_cell.Z_PDB                        6 
_cell.reciprocal_angle_alpha       ? 
_cell.reciprocal_angle_beta        ? 
_cell.reciprocal_angle_gamma       ? 
_cell.reciprocal_angle_alpha_esd   ? 
_cell.reciprocal_angle_beta_esd    ? 
_cell.reciprocal_angle_gamma_esd   ? 
_cell.reciprocal_length_a          ? 
_cell.reciprocal_length_b          ? 
_cell.reciprocal_length_c          ? 
_cell.reciprocal_length_a_esd      ? 
_cell.reciprocal_length_b_esd      ? 
_cell.reciprocal_length_c_esd      ? 
_cell.pdbx_unique_axis             ? 
# 
_symmetry.entry_id                         6BNM 
_symmetry.cell_setting                     ? 
_symmetry.Int_Tables_number                152 
_symmetry.space_group_name_Hall            ? 
_symmetry.space_group_name_H-M             'P 31 2 1' 
_symmetry.pdbx_full_space_group_name_H-M   ? 
# 
loop_
_entity.id 
_entity.type 
_entity.src_method 
_entity.pdbx_description 
_entity.formula_weight 
_entity.pdbx_number_of_molecules 
_entity.pdbx_ec 
_entity.pdbx_mutation 
_entity.pdbx_fragment 
_entity.details 
1 polymer     man 'Phosphatidylinositol 3,4,5-trisphosphate-dependent Rac exchanger 2 protein' 19066.775 1  ? ? ? ? 
2 non-polymer syn 'CHLORIDE ION'                                                               35.453    4  ? ? ? ? 
3 water       nat water                                                                        18.015    74 ? ? ? ? 
# 
_entity_name_com.entity_id   1 
_entity_name_com.name        'PtdIns(3,4,5)-dependent Rac exchanger 2,DEP domain-containing protein 2' 
# 
_entity_poly.entity_id                      1 
_entity_poly.type                           'polypeptide(L)' 
_entity_poly.nstd_linkage                   no 
_entity_poly.nstd_monomer                   no 
_entity_poly.pdbx_seq_one_letter_code       
;GEFEKLEVLEEWQSHIEGWEGSNITDTCTEMLMCGVLLKISSGNIQERVFFLFDNLLVYCKRKHRRLKNSKASTDGHRYL
FRGRINTEVMEVENVDDGTADFHSSGHIVVNGWKIHNTAKNKWFVCMAKTPEEKHEWFEAILKERERRKGLKLGMEQDTW
VM
;
_entity_poly.pdbx_seq_one_letter_code_can   
;GEFEKLEVLEEWQSHIEGWEGSNITDTCTEMLMCGVLLKISSGNIQERVFFLFDNLLVYCKRKHRRLKNSKASTDGHRYL
FRGRINTEVMEVENVDDGTADFHSSGHIVVNGWKIHNTAKNKWFVCMAKTPEEKHEWFEAILKERERRKGLKLGMEQDTW
VM
;
_entity_poly.pdbx_strand_id                 A 
_entity_poly.pdbx_target_identifier         ? 
# 
loop_
_entity_poly_seq.entity_id 
_entity_poly_seq.num 
_entity_poly_seq.mon_id 
_entity_poly_seq.hetero 
1 1   GLY n 
1 2   GLU n 
1 3   PHE n 
1 4   GLU n 
1 5   LYS n 
1 6   LEU n 
1 7   GLU n 
1 8   VAL n 
1 9   LEU n 
1 10  GLU n 
1 11  GLU n 
1 12  TRP n 
1 13  GLN n 
1 14  SER n 
1 15  HIS n 
1 16  ILE n 
1 17  GLU n 
1 18  GLY n 
1 19  TRP n 
1 20  GLU n 
1 21  GLY n 
1 22  SER n 
1 23  ASN n 
1 24  ILE n 
1 25  THR n 
1 26  ASP n 
1 27  THR n 
1 28  CYS n 
1 29  THR n 
1 30  GLU n 
1 31  MET n 
1 32  LEU n 
1 33  MET n 
1 34  CYS n 
1 35  GLY n 
1 36  VAL n 
1 37  LEU n 
1 38  LEU n 
1 39  LYS n 
1 40  ILE n 
1 41  SER n 
1 42  SER n 
1 43  GLY n 
1 44  ASN n 
1 45  ILE n 
1 46  GLN n 
1 47  GLU n 
1 48  ARG n 
1 49  VAL n 
1 50  PHE n 
1 51  PHE n 
1 52  LEU n 
1 53  PHE n 
1 54  ASP n 
1 55  ASN n 
1 56  LEU n 
1 57  LEU n 
1 58  VAL n 
1 59  TYR n 
1 60  CYS n 
1 61  LYS n 
1 62  ARG n 
1 63  LYS n 
1 64  HIS n 
1 65  ARG n 
1 66  ARG n 
1 67  LEU n 
1 68  LYS n 
1 69  ASN n 
1 70  SER n 
1 71  LYS n 
1 72  ALA n 
1 73  SER n 
1 74  THR n 
1 75  ASP n 
1 76  GLY n 
1 77  HIS n 
1 78  ARG n 
1 79  TYR n 
1 80  LEU n 
1 81  PHE n 
1 82  ARG n 
1 83  GLY n 
1 84  ARG n 
1 85  ILE n 
1 86  ASN n 
1 87  THR n 
1 88  GLU n 
1 89  VAL n 
1 90  MET n 
1 91  GLU n 
1 92  VAL n 
1 93  GLU n 
1 94  ASN n 
1 95  VAL n 
1 96  ASP n 
1 97  ASP n 
1 98  GLY n 
1 99  THR n 
1 100 ALA n 
1 101 ASP n 
1 102 PHE n 
1 103 HIS n 
1 104 SER n 
1 105 SER n 
1 106 GLY n 
1 107 HIS n 
1 108 ILE n 
1 109 VAL n 
1 110 VAL n 
1 111 ASN n 
1 112 GLY n 
1 113 TRP n 
1 114 LYS n 
1 115 ILE n 
1 116 HIS n 
1 117 ASN n 
1 118 THR n 
1 119 ALA n 
1 120 LYS n 
1 121 ASN n 
1 122 LYS n 
1 123 TRP n 
1 124 PHE n 
1 125 VAL n 
1 126 CYS n 
1 127 MET n 
1 128 ALA n 
1 129 LYS n 
1 130 THR n 
1 131 PRO n 
1 132 GLU n 
1 133 GLU n 
1 134 LYS n 
1 135 HIS n 
1 136 GLU n 
1 137 TRP n 
1 138 PHE n 
1 139 GLU n 
1 140 ALA n 
1 141 ILE n 
1 142 LEU n 
1 143 LYS n 
1 144 GLU n 
1 145 ARG n 
1 146 GLU n 
1 147 ARG n 
1 148 ARG n 
1 149 LYS n 
1 150 GLY n 
1 151 LEU n 
1 152 LYS n 
1 153 LEU n 
1 154 GLY n 
1 155 MET n 
1 156 GLU n 
1 157 GLN n 
1 158 ASP n 
1 159 THR n 
1 160 TRP n 
1 161 VAL n 
1 162 MET n 
# 
_entity_src_gen.entity_id                          1 
_entity_src_gen.pdbx_src_id                        1 
_entity_src_gen.pdbx_alt_source_flag               sample 
_entity_src_gen.pdbx_seq_type                      'Biological sequence' 
_entity_src_gen.pdbx_beg_seq_num                   1 
_entity_src_gen.pdbx_end_seq_num                   162 
_entity_src_gen.gene_src_common_name               Human 
_entity_src_gen.gene_src_genus                     ? 
_entity_src_gen.pdbx_gene_src_gene                 'PREX2, DEPDC2' 
_entity_src_gen.gene_src_species                   ? 
_entity_src_gen.gene_src_strain                    ? 
_entity_src_gen.gene_src_tissue                    ? 
_entity_src_gen.gene_src_tissue_fraction           ? 
_entity_src_gen.gene_src_details                   ? 
_entity_src_gen.pdbx_gene_src_fragment             ? 
_entity_src_gen.pdbx_gene_src_scientific_name      'Homo sapiens' 
_entity_src_gen.pdbx_gene_src_ncbi_taxonomy_id     9606 
_entity_src_gen.pdbx_gene_src_variant              ? 
_entity_src_gen.pdbx_gene_src_cell_line            ? 
_entity_src_gen.pdbx_gene_src_atcc                 ? 
_entity_src_gen.pdbx_gene_src_organ                ? 
_entity_src_gen.pdbx_gene_src_organelle            ? 
_entity_src_gen.pdbx_gene_src_cell                 ? 
_entity_src_gen.pdbx_gene_src_cellular_location    ? 
_entity_src_gen.host_org_common_name               ? 
_entity_src_gen.pdbx_host_org_scientific_name      
;Escherichia coli 'BL21-Gold(DE3)pLysS AG'
;
_entity_src_gen.pdbx_host_org_ncbi_taxonomy_id     866768 
_entity_src_gen.host_org_genus                     ? 
_entity_src_gen.pdbx_host_org_gene                 ? 
_entity_src_gen.pdbx_host_org_organ                ? 
_entity_src_gen.host_org_species                   ? 
_entity_src_gen.pdbx_host_org_tissue               ? 
_entity_src_gen.pdbx_host_org_tissue_fraction      ? 
_entity_src_gen.pdbx_host_org_strain               ? 
_entity_src_gen.pdbx_host_org_variant              ? 
_entity_src_gen.pdbx_host_org_cell_line            ? 
_entity_src_gen.pdbx_host_org_atcc                 ? 
_entity_src_gen.pdbx_host_org_culture_collection   ? 
_entity_src_gen.pdbx_host_org_cell                 ? 
_entity_src_gen.pdbx_host_org_organelle            ? 
_entity_src_gen.pdbx_host_org_cellular_location    ? 
_entity_src_gen.pdbx_host_org_vector_type          plasmid 
_entity_src_gen.pdbx_host_org_vector               ? 
_entity_src_gen.host_org_details                   ? 
_entity_src_gen.expression_system_id               ? 
_entity_src_gen.plasmid_name                       pMALc2H10T 
_entity_src_gen.plasmid_details                    ? 
_entity_src_gen.pdbx_description                   ? 
# 
_struct_ref.id                         1 
_struct_ref.db_name                    UNP 
_struct_ref.db_code                    PREX2_HUMAN 
_struct_ref.pdbx_db_accession          Q70Z35 
_struct_ref.pdbx_db_isoform            Q70Z35-2 
_struct_ref.entity_id                  1 
_struct_ref.pdbx_seq_one_letter_code   
;EKLEVLEEWQSHIEGWEGSNITDTCTEMLMCGVLLKISSGNIQERVFFLFDNLLVYCKRKHRRLKNSKASTDGHRYLFRG
RINTEVMEVENVDDGTADFHSSGHIVVNGWKIHNTAKNKWFVCMAKTPEEKHEWFEAILKERERRKGLKLGMEQDTWVM
;
_struct_ref.pdbx_align_begin           219 
# 
_struct_ref_seq.align_id                      1 
_struct_ref_seq.ref_id                        1 
_struct_ref_seq.pdbx_PDB_id_code              6BNM 
_struct_ref_seq.pdbx_strand_id                A 
_struct_ref_seq.seq_align_beg                 4 
_struct_ref_seq.pdbx_seq_align_beg_ins_code   ? 
_struct_ref_seq.seq_align_end                 162 
_struct_ref_seq.pdbx_seq_align_end_ins_code   ? 
_struct_ref_seq.pdbx_db_accession             Q70Z35 
_struct_ref_seq.db_align_beg                  219 
_struct_ref_seq.pdbx_db_align_beg_ins_code    ? 
_struct_ref_seq.db_align_end                  377 
_struct_ref_seq.pdbx_db_align_end_ins_code    ? 
_struct_ref_seq.pdbx_auth_seq_align_beg       219 
_struct_ref_seq.pdbx_auth_seq_align_end       377 
# 
loop_
_struct_ref_seq_dif.align_id 
_struct_ref_seq_dif.pdbx_pdb_id_code 
_struct_ref_seq_dif.mon_id 
_struct_ref_seq_dif.pdbx_pdb_strand_id 
_struct_ref_seq_dif.seq_num 
_struct_ref_seq_dif.pdbx_pdb_ins_code 
_struct_ref_seq_dif.pdbx_seq_db_name 
_struct_ref_seq_dif.pdbx_seq_db_accession_code 
_struct_ref_seq_dif.db_mon_id 
_struct_ref_seq_dif.pdbx_seq_db_seq_num 
_struct_ref_seq_dif.details 
_struct_ref_seq_dif.pdbx_auth_seq_num 
_struct_ref_seq_dif.pdbx_ordinal 
1 6BNM GLY A 1 ? UNP Q70Z35 ? ? 'expression tag' -2 1 
1 6BNM GLU A 2 ? UNP Q70Z35 ? ? 'expression tag' -1 2 
1 6BNM PHE A 3 ? UNP Q70Z35 ? ? 'expression tag' 0  3 
# 
loop_
_chem_comp.id 
_chem_comp.type 
_chem_comp.mon_nstd_flag 
_chem_comp.name 
_chem_comp.pdbx_synonyms 
_chem_comp.formula 
_chem_comp.formula_weight 
ALA 'L-peptide linking' y ALANINE         ? 'C3 H7 N O2'     89.093  
ARG 'L-peptide linking' y ARGININE        ? 'C6 H15 N4 O2 1' 175.209 
ASN 'L-peptide linking' y ASPARAGINE      ? 'C4 H8 N2 O3'    132.118 
ASP 'L-peptide linking' y 'ASPARTIC ACID' ? 'C4 H7 N O4'     133.103 
CL  non-polymer         . 'CHLORIDE ION'  ? 'Cl -1'          35.453  
CYS 'L-peptide linking' y CYSTEINE        ? 'C3 H7 N O2 S'   121.158 
GLN 'L-peptide linking' y GLUTAMINE       ? 'C5 H10 N2 O3'   146.144 
GLU 'L-peptide linking' y 'GLUTAMIC ACID' ? 'C5 H9 N O4'     147.129 
GLY 'peptide linking'   y GLYCINE         ? 'C2 H5 N O2'     75.067  
HIS 'L-peptide linking' y HISTIDINE       ? 'C6 H10 N3 O2 1' 156.162 
HOH non-polymer         . WATER           ? 'H2 O'           18.015  
ILE 'L-peptide linking' y ISOLEUCINE      ? 'C6 H13 N O2'    131.173 
LEU 'L-peptide linking' y LEUCINE         ? 'C6 H13 N O2'    131.173 
LYS 'L-peptide linking' y LYSINE          ? 'C6 H15 N2 O2 1' 147.195 
MET 'L-peptide linking' y METHIONINE      ? 'C5 H11 N O2 S'  149.211 
PHE 'L-peptide linking' y PHENYLALANINE   ? 'C9 H11 N O2'    165.189 
PRO 'L-peptide linking' y PROLINE         ? 'C5 H9 N O2'     115.130 
SER 'L-peptide linking' y SERINE          ? 'C3 H7 N O3'     105.093 
THR 'L-peptide linking' y THREONINE       ? 'C4 H9 N O3'     119.119 
TRP 'L-peptide linking' y TRYPTOPHAN      ? 'C11 H12 N2 O2'  204.225 
TYR 'L-peptide linking' y TYROSINE        ? 'C9 H11 N O3'    181.189 
VAL 'L-peptide linking' y VALINE          ? 'C5 H11 N O2'    117.146 
# 
_exptl.absorpt_coefficient_mu     ? 
_exptl.absorpt_correction_T_max   ? 
_exptl.absorpt_correction_T_min   ? 
_exptl.absorpt_correction_type    ? 
_exptl.absorpt_process_details    ? 
_exptl.entry_id                   6BNM 
_exptl.crystals_number            1 
_exptl.details                    ? 
_exptl.method                     'X-RAY DIFFRACTION' 
_exptl.method_details             ? 
# 
_exptl_crystal.colour                      ? 
_exptl_crystal.density_diffrn              ? 
_exptl_crystal.density_Matthews            2.36 
_exptl_crystal.density_method              ? 
_exptl_crystal.density_percent_sol         47.85 
_exptl_crystal.description                 ? 
_exptl_crystal.F_000                       ? 
_exptl_crystal.id                          1 
_exptl_crystal.preparation                 ? 
_exptl_crystal.size_max                    ? 
_exptl_crystal.size_mid                    ? 
_exptl_crystal.size_min                    ? 
_exptl_crystal.size_rad                    ? 
_exptl_crystal.colour_lustre               ? 
_exptl_crystal.colour_modifier             ? 
_exptl_crystal.colour_primary              ? 
_exptl_crystal.density_meas                ? 
_exptl_crystal.density_meas_esd            ? 
_exptl_crystal.density_meas_gt             ? 
_exptl_crystal.density_meas_lt             ? 
_exptl_crystal.density_meas_temp           ? 
_exptl_crystal.density_meas_temp_esd       ? 
_exptl_crystal.density_meas_temp_gt        ? 
_exptl_crystal.density_meas_temp_lt        ? 
_exptl_crystal.pdbx_crystal_image_url      ? 
_exptl_crystal.pdbx_crystal_image_format   ? 
_exptl_crystal.pdbx_mosaicity              ? 
_exptl_crystal.pdbx_mosaicity_esd          ? 
# 
_exptl_crystal_grow.apparatus       ? 
_exptl_crystal_grow.atmosphere      ? 
_exptl_crystal_grow.crystal_id      1 
_exptl_crystal_grow.details         ? 
_exptl_crystal_grow.method          'VAPOR DIFFUSION, HANGING DROP' 
_exptl_crystal_grow.method_ref      ? 
_exptl_crystal_grow.pH              5 
_exptl_crystal_grow.pressure        ? 
_exptl_crystal_grow.pressure_esd    ? 
_exptl_crystal_grow.seeding         ? 
_exptl_crystal_grow.seeding_ref     ? 
_exptl_crystal_grow.temp            295 
_exptl_crystal_grow.temp_details    ? 
_exptl_crystal_grow.temp_esd        ? 
_exptl_crystal_grow.time            ? 
_exptl_crystal_grow.pdbx_details    '0.1 M Sodium Acetate pH 5, 3.325 M Sodium Chloride' 
_exptl_crystal_grow.pdbx_pH_range   ? 
# 
_diffrn.ambient_environment    ? 
_diffrn.ambient_temp           110 
_diffrn.ambient_temp_details   ? 
_diffrn.ambient_temp_esd       ? 
_diffrn.crystal_id             1 
_diffrn.crystal_support        ? 
_diffrn.crystal_treatment      ? 
_diffrn.details                ? 
_diffrn.id                     1 
_diffrn.ambient_pressure       ? 
_diffrn.ambient_pressure_esd   ? 
_diffrn.ambient_pressure_gt    ? 
_diffrn.ambient_pressure_lt    ? 
_diffrn.ambient_temp_gt        ? 
_diffrn.ambient_temp_lt        ? 
# 
_diffrn_detector.details                      ? 
_diffrn_detector.detector                     CCD 
_diffrn_detector.diffrn_id                    1 
_diffrn_detector.type                         'MARMOSAIC 300 mm CCD' 
_diffrn_detector.area_resol_mean              ? 
_diffrn_detector.dtime                        ? 
_diffrn_detector.pdbx_frames_total            ? 
_diffrn_detector.pdbx_collection_time_total   ? 
_diffrn_detector.pdbx_collection_date         2015-04-23 
# 
_diffrn_radiation.collimation                      ? 
_diffrn_radiation.diffrn_id                        1 
_diffrn_radiation.filter_edge                      ? 
_diffrn_radiation.inhomogeneity                    ? 
_diffrn_radiation.monochromator                    ? 
_diffrn_radiation.polarisn_norm                    ? 
_diffrn_radiation.polarisn_ratio                   ? 
_diffrn_radiation.probe                            ? 
_diffrn_radiation.type                             ? 
_diffrn_radiation.xray_symbol                      ? 
_diffrn_radiation.wavelength_id                    1 
_diffrn_radiation.pdbx_monochromatic_or_laue_m_l   M 
_diffrn_radiation.pdbx_wavelength_list             ? 
_diffrn_radiation.pdbx_wavelength                  ? 
_diffrn_radiation.pdbx_diffrn_protocol             'SINGLE WAVELENGTH' 
_diffrn_radiation.pdbx_analyzer                    ? 
_diffrn_radiation.pdbx_scattering_type             x-ray 
# 
_diffrn_radiation_wavelength.id           1 
_diffrn_radiation_wavelength.wavelength   1.078 
_diffrn_radiation_wavelength.wt           1.0 
# 
_diffrn_source.current                     ? 
_diffrn_source.details                     ? 
_diffrn_source.diffrn_id                   1 
_diffrn_source.power                       ? 
_diffrn_source.size                        ? 
_diffrn_source.source                      SYNCHROTRON 
_diffrn_source.target                      ? 
_diffrn_source.type                        'APS BEAMLINE 21-ID-D' 
_diffrn_source.voltage                     ? 
_diffrn_source.take-off_angle              ? 
_diffrn_source.pdbx_wavelength_list        1.078 
_diffrn_source.pdbx_wavelength             ? 
_diffrn_source.pdbx_synchrotron_beamline   21-ID-D 
_diffrn_source.pdbx_synchrotron_site       APS 
# 
_reflns.B_iso_Wilson_estimate            ? 
_reflns.entry_id                         6BNM 
_reflns.data_reduction_details           ? 
_reflns.data_reduction_method            ? 
_reflns.d_resolution_high                1.900 
_reflns.d_resolution_low                 52.05 
_reflns.details                          ? 
_reflns.limit_h_max                      ? 
_reflns.limit_h_min                      ? 
_reflns.limit_k_max                      ? 
_reflns.limit_k_min                      ? 
_reflns.limit_l_max                      ? 
_reflns.limit_l_min                      ? 
_reflns.number_all                       ? 
_reflns.number_obs                       14598 
_reflns.observed_criterion               ? 
_reflns.observed_criterion_F_max         ? 
_reflns.observed_criterion_F_min         ? 
_reflns.observed_criterion_I_max         ? 
_reflns.observed_criterion_I_min         ? 
_reflns.observed_criterion_sigma_F       ? 
_reflns.observed_criterion_sigma_I       ? 
_reflns.percent_possible_obs             99.000 
_reflns.R_free_details                   ? 
_reflns.Rmerge_F_all                     ? 
_reflns.Rmerge_F_obs                     ? 
_reflns.Friedel_coverage                 ? 
_reflns.number_gt                        ? 
_reflns.threshold_expression             ? 
_reflns.pdbx_redundancy                  7.200 
_reflns.pdbx_Rmerge_I_obs                0.064 
_reflns.pdbx_Rmerge_I_all                ? 
_reflns.pdbx_Rsym_value                  ? 
_reflns.pdbx_netI_over_av_sigmaI         ? 
_reflns.pdbx_netI_over_sigmaI            10.100 
_reflns.pdbx_res_netI_over_av_sigmaI_2   ? 
_reflns.pdbx_res_netI_over_sigmaI_2      ? 
_reflns.pdbx_chi_squared                 1.027 
_reflns.pdbx_scaling_rejects             ? 
_reflns.pdbx_d_res_high_opt              ? 
_reflns.pdbx_d_res_low_opt               ? 
_reflns.pdbx_d_res_opt_method            ? 
_reflns.phase_calculation_details        ? 
_reflns.pdbx_Rrim_I_all                  0.069 
_reflns.pdbx_Rpim_I_all                  0.024 
_reflns.pdbx_d_opt                       ? 
_reflns.pdbx_number_measured_all         ? 
_reflns.pdbx_diffrn_id                   1 
_reflns.pdbx_ordinal                     1 
_reflns.pdbx_CC_half                     ? 
_reflns.pdbx_R_split                     ? 
# 
loop_
_reflns_shell.d_res_high 
_reflns_shell.d_res_low 
_reflns_shell.meanI_over_sigI_all 
_reflns_shell.meanI_over_sigI_obs 
_reflns_shell.number_measured_all 
_reflns_shell.number_measured_obs 
_reflns_shell.number_possible 
_reflns_shell.number_unique_all 
_reflns_shell.number_unique_obs 
_reflns_shell.percent_possible_all 
_reflns_shell.percent_possible_obs 
_reflns_shell.Rmerge_F_all 
_reflns_shell.Rmerge_F_obs 
_reflns_shell.Rmerge_I_all 
_reflns_shell.Rmerge_I_obs 
_reflns_shell.meanI_over_sigI_gt 
_reflns_shell.meanI_over_uI_all 
_reflns_shell.meanI_over_uI_gt 
_reflns_shell.number_measured_gt 
_reflns_shell.number_unique_gt 
_reflns_shell.percent_possible_gt 
_reflns_shell.Rmerge_F_gt 
_reflns_shell.Rmerge_I_gt 
_reflns_shell.pdbx_redundancy 
_reflns_shell.pdbx_Rsym_value 
_reflns_shell.pdbx_chi_squared 
_reflns_shell.pdbx_netI_over_sigmaI_all 
_reflns_shell.pdbx_netI_over_sigmaI_obs 
_reflns_shell.pdbx_Rrim_I_all 
_reflns_shell.pdbx_Rpim_I_all 
_reflns_shell.pdbx_rejects 
_reflns_shell.pdbx_ordinal 
_reflns_shell.pdbx_diffrn_id 
_reflns_shell.pdbx_CC_half 
_reflns_shell.pdbx_R_split 
1.900 1.930  ? ? ? ? ? ? 700 96.800  ? ? ? ? 0.713 ? ? ? ? ? ? ? ? 4.500 ? 0.576 ? ? 0.799 0.350 ? 1  1 0.726 ? 
1.930 1.970  ? ? ? ? ? ? 715 99.900  ? ? ? ? 0.637 ? ? ? ? ? ? ? ? 5.000 ? 0.590 ? ? 0.704 0.292 ? 2  1 0.824 ? 
1.970 2.010  ? ? ? ? ? ? 734 100.000 ? ? ? ? 0.494 ? ? ? ? ? ? ? ? 5.700 ? 0.637 ? ? 0.540 0.213 ? 3  1 0.889 ? 
2.010 2.050  ? ? ? ? ? ? 706 100.000 ? ? ? ? 0.402 ? ? ? ? ? ? ? ? 7.300 ? 0.662 ? ? 0.432 0.156 ? 4  1 0.932 ? 
2.050 2.090  ? ? ? ? ? ? 719 99.900  ? ? ? ? 0.345 ? ? ? ? ? ? ? ? 7.600 ? 0.689 ? ? 0.370 0.132 ? 5  1 0.951 ? 
2.090 2.140  ? ? ? ? ? ? 743 99.900  ? ? ? ? 0.269 ? ? ? ? ? ? ? ? 7.700 ? 0.700 ? ? 0.288 0.102 ? 6  1 0.966 ? 
2.140 2.190  ? ? ? ? ? ? 713 99.900  ? ? ? ? 0.214 ? ? ? ? ? ? ? ? 7.500 ? 0.738 ? ? 0.230 0.082 ? 7  1 0.974 ? 
2.190 2.250  ? ? ? ? ? ? 735 99.900  ? ? ? ? 0.180 ? ? ? ? ? ? ? ? 7.600 ? 0.770 ? ? 0.193 0.068 ? 8  1 0.986 ? 
2.250 2.320  ? ? ? ? ? ? 735 99.900  ? ? ? ? 0.164 ? ? ? ? ? ? ? ? 7.800 ? 0.798 ? ? 0.175 0.061 ? 9  1 0.987 ? 
2.320 2.390  ? ? ? ? ? ? 713 99.700  ? ? ? ? 0.129 ? ? ? ? ? ? ? ? 7.600 ? 0.786 ? ? 0.139 0.049 ? 10 1 0.989 ? 
2.390 2.480  ? ? ? ? ? ? 723 99.200  ? ? ? ? 0.124 ? ? ? ? ? ? ? ? 7.700 ? 0.897 ? ? 0.133 0.046 ? 11 1 0.993 ? 
2.480 2.580  ? ? ? ? ? ? 727 99.600  ? ? ? ? 0.106 ? ? ? ? ? ? ? ? 7.600 ? 1.038 ? ? 0.114 0.040 ? 12 1 0.993 ? 
2.580 2.700  ? ? ? ? ? ? 736 99.300  ? ? ? ? 0.103 ? ? ? ? ? ? ? ? 7.600 ? 1.310 ? ? 0.111 0.039 ? 13 1 0.994 ? 
2.700 2.840  ? ? ? ? ? ? 730 99.500  ? ? ? ? 0.089 ? ? ? ? ? ? ? ? 7.600 ? 1.604 ? ? 0.095 0.033 ? 14 1 0.996 ? 
2.840 3.020  ? ? ? ? ? ? 736 99.200  ? ? ? ? 0.070 ? ? ? ? ? ? ? ? 7.700 ? 1.630 ? ? 0.074 0.025 ? 15 1 0.997 ? 
3.020 3.250  ? ? ? ? ? ? 723 98.900  ? ? ? ? 0.052 ? ? ? ? ? ? ? ? 7.600 ? 1.352 ? ? 0.055 0.019 ? 16 1 0.998 ? 
3.250 3.580  ? ? ? ? ? ? 741 98.500  ? ? ? ? 0.049 ? ? ? ? ? ? ? ? 7.700 ? 1.189 ? ? 0.052 0.018 ? 17 1 0.998 ? 
3.580 4.090  ? ? ? ? ? ? 738 98.000  ? ? ? ? 0.056 ? ? ? ? ? ? ? ? 7.600 ? 1.491 ? ? 0.059 0.020 ? 18 1 0.997 ? 
4.090 5.160  ? ? ? ? ? ? 743 97.100  ? ? ? ? 0.038 ? ? ? ? ? ? ? ? 7.600 ? 1.336 ? ? 0.040 0.014 ? 19 1 0.999 ? 
5.160 50.000 ? ? ? ? ? ? 788 95.300  ? ? ? ? 0.036 ? ? ? ? ? ? ? ? 7.100 ? 1.179 ? ? 0.039 0.014 ? 20 1 0.999 ? 
# 
_refine.aniso_B[1][1]                            -0.4300 
_refine.aniso_B[1][2]                            -0.2200 
_refine.aniso_B[1][3]                            0.0000 
_refine.aniso_B[2][2]                            -0.4300 
_refine.aniso_B[2][3]                            0.0000 
_refine.aniso_B[3][3]                            1.4100 
_refine.B_iso_max                                89.230 
_refine.B_iso_mean                               36.2530 
_refine.B_iso_min                                19.280 
_refine.correlation_coeff_Fo_to_Fc               0.9620 
_refine.correlation_coeff_Fo_to_Fc_free          0.9500 
_refine.details                                  
'HYDROGENS HAVE BEEN ADDED IN THE RIDING POSITIONS U VALUES      : REFINED INDIVIDUALLY' 
_refine.diff_density_max                         ? 
_refine.diff_density_max_esd                     ? 
_refine.diff_density_min                         ? 
_refine.diff_density_min_esd                     ? 
_refine.diff_density_rms                         ? 
_refine.diff_density_rms_esd                     ? 
_refine.entry_id                                 6BNM 
_refine.pdbx_refine_id                           'X-RAY DIFFRACTION' 
_refine.ls_abs_structure_details                 ? 
_refine.ls_abs_structure_Flack                   ? 
_refine.ls_abs_structure_Flack_esd               ? 
_refine.ls_abs_structure_Rogers                  ? 
_refine.ls_abs_structure_Rogers_esd              ? 
_refine.ls_d_res_high                            1.9000 
_refine.ls_d_res_low                             52.0500 
_refine.ls_extinction_coef                       ? 
_refine.ls_extinction_coef_esd                   ? 
_refine.ls_extinction_expression                 ? 
_refine.ls_extinction_method                     ? 
_refine.ls_goodness_of_fit_all                   ? 
_refine.ls_goodness_of_fit_all_esd               ? 
_refine.ls_goodness_of_fit_obs                   ? 
_refine.ls_goodness_of_fit_obs_esd               ? 
_refine.ls_hydrogen_treatment                    ? 
_refine.ls_matrix_type                           ? 
_refine.ls_number_constraints                    ? 
_refine.ls_number_parameters                     ? 
_refine.ls_number_reflns_all                     ? 
_refine.ls_number_reflns_obs                     13861 
_refine.ls_number_reflns_R_free                  736 
_refine.ls_number_reflns_R_work                  ? 
_refine.ls_number_restraints                     ? 
_refine.ls_percent_reflns_obs                    99.1200 
_refine.ls_percent_reflns_R_free                 5.0000 
_refine.ls_R_factor_all                          ? 
_refine.ls_R_factor_obs                          0.1928 
_refine.ls_R_factor_R_free                       0.2316 
_refine.ls_R_factor_R_free_error                 ? 
_refine.ls_R_factor_R_free_error_details         ? 
_refine.ls_R_factor_R_work                       0.1908 
_refine.ls_R_Fsqd_factor_obs                     ? 
_refine.ls_R_I_factor_obs                        ? 
_refine.ls_redundancy_reflns_all                 ? 
_refine.ls_redundancy_reflns_obs                 ? 
_refine.ls_restrained_S_all                      ? 
_refine.ls_restrained_S_obs                      ? 
_refine.ls_shift_over_esd_max                    ? 
_refine.ls_shift_over_esd_mean                   ? 
_refine.ls_structure_factor_coef                 ? 
_refine.ls_weighting_details                     ? 
_refine.ls_weighting_scheme                      ? 
_refine.ls_wR_factor_all                         ? 
_refine.ls_wR_factor_obs                         ? 
_refine.ls_wR_factor_R_free                      ? 
_refine.ls_wR_factor_R_work                      ? 
_refine.occupancy_max                            ? 
_refine.occupancy_min                            ? 
_refine.solvent_model_details                    ? 
_refine.solvent_model_param_bsol                 ? 
_refine.solvent_model_param_ksol                 ? 
_refine.ls_R_factor_gt                           ? 
_refine.ls_goodness_of_fit_gt                    ? 
_refine.ls_goodness_of_fit_ref                   ? 
_refine.ls_shift_over_su_max                     ? 
_refine.ls_shift_over_su_max_lt                  ? 
_refine.ls_shift_over_su_mean                    ? 
_refine.ls_shift_over_su_mean_lt                 ? 
_refine.pdbx_ls_sigma_I                          ? 
_refine.pdbx_ls_sigma_F                          0.000 
_refine.pdbx_ls_sigma_Fsqd                       ? 
_refine.pdbx_data_cutoff_high_absF               ? 
_refine.pdbx_data_cutoff_high_rms_absF           ? 
_refine.pdbx_data_cutoff_low_absF                ? 
_refine.pdbx_isotropic_thermal_model             ? 
_refine.pdbx_ls_cross_valid_method               THROUGHOUT 
_refine.pdbx_method_to_determine_struct          'MOLECULAR REPLACEMENT' 
_refine.pdbx_starting_model                      5D27 
_refine.pdbx_stereochemistry_target_values       ? 
_refine.pdbx_R_Free_selection_details            RANDOM 
_refine.pdbx_stereochem_target_val_spec_case     ? 
_refine.pdbx_overall_ESU_R                       0.1360 
_refine.pdbx_overall_ESU_R_Free                  0.1330 
_refine.pdbx_solvent_vdw_probe_radii             1.2000 
_refine.pdbx_solvent_ion_probe_radii             0.8000 
_refine.pdbx_solvent_shrinkage_radii             0.8000 
_refine.pdbx_real_space_R                        ? 
_refine.pdbx_density_correlation                 ? 
_refine.pdbx_pd_number_of_powder_patterns        ? 
_refine.pdbx_pd_number_of_points                 ? 
_refine.pdbx_pd_meas_number_of_points            ? 
_refine.pdbx_pd_proc_ls_prof_R_factor            ? 
_refine.pdbx_pd_proc_ls_prof_wR_factor           ? 
_refine.pdbx_pd_Marquardt_correlation_coeff      ? 
_refine.pdbx_pd_Fsqrd_R_factor                   ? 
_refine.pdbx_pd_ls_matrix_band_width             ? 
_refine.pdbx_overall_phase_error                 ? 
_refine.pdbx_overall_SU_R_free_Cruickshank_DPI   ? 
_refine.pdbx_overall_SU_R_free_Blow_DPI          ? 
_refine.pdbx_overall_SU_R_Blow_DPI               ? 
_refine.pdbx_TLS_residual_ADP_flag               ? 
_refine.pdbx_diffrn_id                           1 
_refine.overall_SU_B                             3.4130 
_refine.overall_SU_ML                            0.0970 
_refine.overall_SU_R_Cruickshank_DPI             0.1356 
_refine.overall_SU_R_free                        ? 
_refine.overall_FOM_free_R_set                   ? 
_refine.overall_FOM_work_R_set                   ? 
_refine.pdbx_average_fsc_overall                 ? 
_refine.pdbx_average_fsc_work                    ? 
_refine.pdbx_average_fsc_free                    ? 
# 
_refine_hist.cycle_id                         final 
_refine_hist.pdbx_refine_id                   'X-RAY DIFFRACTION' 
_refine_hist.d_res_high                       1.9000 
_refine_hist.d_res_low                        52.0500 
_refine_hist.pdbx_number_atoms_ligand         4 
_refine_hist.number_atoms_solvent             74 
_refine_hist.number_atoms_total               1213 
_refine_hist.pdbx_number_residues_total       137 
_refine_hist.pdbx_B_iso_mean_ligand           34.62 
_refine_hist.pdbx_B_iso_mean_solvent          40.60 
_refine_hist.pdbx_number_atoms_protein        1135 
_refine_hist.pdbx_number_atoms_nucleic_acid   0 
# 
loop_
_refine_ls_restr.pdbx_refine_id 
_refine_ls_restr.criterion 
_refine_ls_restr.dev_ideal 
_refine_ls_restr.dev_ideal_target 
_refine_ls_restr.number 
_refine_ls_restr.rejects 
_refine_ls_restr.type 
_refine_ls_restr.weight 
_refine_ls_restr.pdbx_restraint_function 
'X-RAY DIFFRACTION' ? 0.011  0.019  1160 ? r_bond_refined_d       ? ? 
'X-RAY DIFFRACTION' ? 0.002  0.020  1090 ? r_bond_other_d         ? ? 
'X-RAY DIFFRACTION' ? 1.447  1.917  1557 ? r_angle_refined_deg    ? ? 
'X-RAY DIFFRACTION' ? 0.911  3.000  2506 ? r_angle_other_deg      ? ? 
'X-RAY DIFFRACTION' ? 6.532  5.000  135  ? r_dihedral_angle_1_deg ? ? 
'X-RAY DIFFRACTION' ? 35.697 24.032 62   ? r_dihedral_angle_2_deg ? ? 
'X-RAY DIFFRACTION' ? 13.631 15.000 217  ? r_dihedral_angle_3_deg ? ? 
'X-RAY DIFFRACTION' ? 11.798 15.000 8    ? r_dihedral_angle_4_deg ? ? 
'X-RAY DIFFRACTION' ? 0.096  0.200  162  ? r_chiral_restr         ? ? 
'X-RAY DIFFRACTION' ? 0.005  0.020  1296 ? r_gen_planes_refined   ? ? 
'X-RAY DIFFRACTION' ? 0.001  0.020  288  ? r_gen_planes_other     ? ? 
# 
_refine_ls_shell.pdbx_refine_id                   'X-RAY DIFFRACTION' 
_refine_ls_shell.d_res_high                       1.8990 
_refine_ls_shell.d_res_low                        1.9480 
_refine_ls_shell.number_reflns_all                1045 
_refine_ls_shell.number_reflns_obs                ? 
_refine_ls_shell.number_reflns_R_free             64 
_refine_ls_shell.number_reflns_R_work             981 
_refine_ls_shell.percent_reflns_obs               97.2100 
_refine_ls_shell.percent_reflns_R_free            ? 
_refine_ls_shell.R_factor_all                     ? 
_refine_ls_shell.R_factor_obs                     ? 
_refine_ls_shell.R_factor_R_free                  0.3070 
_refine_ls_shell.R_factor_R_free_error            0.0000 
_refine_ls_shell.R_factor_R_work                  0.2860 
_refine_ls_shell.redundancy_reflns_all            ? 
_refine_ls_shell.redundancy_reflns_obs            ? 
_refine_ls_shell.wR_factor_all                    ? 
_refine_ls_shell.wR_factor_obs                    ? 
_refine_ls_shell.wR_factor_R_free                 ? 
_refine_ls_shell.wR_factor_R_work                 ? 
_refine_ls_shell.pdbx_total_number_of_bins_used   20 
_refine_ls_shell.pdbx_phase_error                 ? 
_refine_ls_shell.pdbx_fsc_work                    ? 
_refine_ls_shell.pdbx_fsc_free                    ? 
# 
_struct.entry_id                     6BNM 
_struct.title                        'Crystal Structure of the P-Rex2 PH domain' 
_struct.pdbx_model_details           ? 
_struct.pdbx_formula_weight          ? 
_struct.pdbx_formula_weight_method   ? 
_struct.pdbx_model_type_details      ? 
_struct.pdbx_CASP_flag               N 
# 
_struct_keywords.entry_id        6BNM 
_struct_keywords.text            'pleckstrin homology domain, beta sandwich, phosphatidylinositol-binding, LIPID BINDING PROTEIN' 
_struct_keywords.pdbx_keywords   'LIPID BINDING PROTEIN' 
# 
loop_
_struct_asym.id 
_struct_asym.pdbx_blank_PDB_chainid_flag 
_struct_asym.pdbx_modified 
_struct_asym.entity_id 
_struct_asym.details 
A N N 1 ? 
B N N 2 ? 
C N N 2 ? 
D N N 2 ? 
E N N 2 ? 
F N N 3 ? 
# 
loop_
_struct_conf.conf_type_id 
_struct_conf.id 
_struct_conf.pdbx_PDB_helix_id 
_struct_conf.beg_label_comp_id 
_struct_conf.beg_label_asym_id 
_struct_conf.beg_label_seq_id 
_struct_conf.pdbx_beg_PDB_ins_code 
_struct_conf.end_label_comp_id 
_struct_conf.end_label_asym_id 
_struct_conf.end_label_seq_id 
_struct_conf.pdbx_end_PDB_ins_code 
_struct_conf.beg_auth_comp_id 
_struct_conf.beg_auth_asym_id 
_struct_conf.beg_auth_seq_id 
_struct_conf.end_auth_comp_id 
_struct_conf.end_auth_asym_id 
_struct_conf.end_auth_seq_id 
_struct_conf.pdbx_PDB_helix_class 
_struct_conf.details 
_struct_conf.pdbx_PDB_helix_length 
HELX_P HELX_P1 AA1 GLY A 1   ? HIS A 15  ? GLY A -2  HIS A 230 1 ? 15 
HELX_P HELX_P2 AA2 ASN A 23  ? THR A 27  ? ASN A 238 THR A 242 5 ? 5  
HELX_P HELX_P3 AA3 THR A 130 ? GLY A 150 ? THR A 345 GLY A 365 1 ? 21 
# 
_struct_conf_type.id          HELX_P 
_struct_conf_type.criteria    ? 
_struct_conf_type.reference   ? 
# 
loop_
_struct_sheet.id 
_struct_sheet.type 
_struct_sheet.number_strands 
_struct_sheet.details 
AA1 ? 8 ? 
AA2 ? 2 ? 
# 
loop_
_struct_sheet_order.sheet_id 
_struct_sheet_order.range_id_1 
_struct_sheet_order.range_id_2 
_struct_sheet_order.offset 
_struct_sheet_order.sense 
AA1 1 2 ? parallel      
AA1 2 3 ? anti-parallel 
AA1 3 4 ? anti-parallel 
AA1 4 5 ? anti-parallel 
AA1 5 6 ? anti-parallel 
AA1 6 7 ? anti-parallel 
AA1 7 8 ? anti-parallel 
AA2 1 2 ? anti-parallel 
# 
loop_
_struct_sheet_range.sheet_id 
_struct_sheet_range.id 
_struct_sheet_range.beg_label_comp_id 
_struct_sheet_range.beg_label_asym_id 
_struct_sheet_range.beg_label_seq_id 
_struct_sheet_range.pdbx_beg_PDB_ins_code 
_struct_sheet_range.end_label_comp_id 
_struct_sheet_range.end_label_asym_id 
_struct_sheet_range.end_label_seq_id 
_struct_sheet_range.pdbx_end_PDB_ins_code 
_struct_sheet_range.beg_auth_comp_id 
_struct_sheet_range.beg_auth_asym_id 
_struct_sheet_range.beg_auth_seq_id 
_struct_sheet_range.end_auth_comp_id 
_struct_sheet_range.end_auth_asym_id 
_struct_sheet_range.end_auth_seq_id 
AA1 1 ILE A 16  ? GLU A 17  ? ILE A 231 GLU A 232 
AA1 2 TYR A 79  ? ASN A 86  ? TYR A 294 ASN A 301 
AA1 3 LEU A 56  ? LYS A 61  ? LEU A 271 LYS A 276 
AA1 4 ASN A 44  ? PHE A 53  ? ASN A 259 PHE A 268 
AA1 5 MET A 31  ? SER A 41  ? MET A 246 SER A 256 
AA1 6 LYS A 122 ? MET A 127 ? LYS A 337 MET A 342 
AA1 7 GLY A 112 ? ASN A 117 ? GLY A 327 ASN A 332 
AA1 8 MET A 90  ? ASN A 94  ? MET A 305 ASN A 309 
AA2 1 THR A 99  ? ASP A 101 ? THR A 314 ASP A 316 
AA2 2 HIS A 107 ? VAL A 109 ? HIS A 322 VAL A 324 
# 
loop_
_pdbx_struct_sheet_hbond.sheet_id 
_pdbx_struct_sheet_hbond.range_id_1 
_pdbx_struct_sheet_hbond.range_id_2 
_pdbx_struct_sheet_hbond.range_1_label_atom_id 
_pdbx_struct_sheet_hbond.range_1_label_comp_id 
_pdbx_struct_sheet_hbond.range_1_label_asym_id 
_pdbx_struct_sheet_hbond.range_1_label_seq_id 
_pdbx_struct_sheet_hbond.range_1_PDB_ins_code 
_pdbx_struct_sheet_hbond.range_1_auth_atom_id 
_pdbx_struct_sheet_hbond.range_1_auth_comp_id 
_pdbx_struct_sheet_hbond.range_1_auth_asym_id 
_pdbx_struct_sheet_hbond.range_1_auth_seq_id 
_pdbx_struct_sheet_hbond.range_2_label_atom_id 
_pdbx_struct_sheet_hbond.range_2_label_comp_id 
_pdbx_struct_sheet_hbond.range_2_label_asym_id 
_pdbx_struct_sheet_hbond.range_2_label_seq_id 
_pdbx_struct_sheet_hbond.range_2_PDB_ins_code 
_pdbx_struct_sheet_hbond.range_2_auth_atom_id 
_pdbx_struct_sheet_hbond.range_2_auth_comp_id 
_pdbx_struct_sheet_hbond.range_2_auth_asym_id 
_pdbx_struct_sheet_hbond.range_2_auth_seq_id 
AA1 1 2 N GLU A 17  ? N GLU A 232 O PHE A 81  ? O PHE A 296 
AA1 2 3 O LEU A 80  ? O LEU A 295 N LYS A 61  ? N LYS A 276 
AA1 3 4 O LEU A 56  ? O LEU A 271 N PHE A 53  ? N PHE A 268 
AA1 4 5 O LEU A 52  ? O LEU A 267 N LEU A 32  ? N LEU A 247 
AA1 5 6 N LEU A 38  ? N LEU A 253 O MET A 127 ? O MET A 342 
AA1 6 7 O LYS A 122 ? O LYS A 337 N ASN A 117 ? N ASN A 332 
AA1 7 8 O LYS A 114 ? O LYS A 329 N GLU A 93  ? N GLU A 308 
AA2 1 2 N THR A 99  ? N THR A 314 O VAL A 109 ? O VAL A 324 
# 
loop_
_struct_site.id 
_struct_site.pdbx_evidence_code 
_struct_site.pdbx_auth_asym_id 
_struct_site.pdbx_auth_comp_id 
_struct_site.pdbx_auth_seq_id 
_struct_site.pdbx_auth_ins_code 
_struct_site.pdbx_num_residues 
_struct_site.details 
AC1 Software A CL 401 ? 5 'binding site for residue CL A 401' 
AC2 Software A CL 402 ? 3 'binding site for residue CL A 402' 
AC3 Software A CL 403 ? 3 'binding site for residue CL A 403' 
AC4 Software A CL 404 ? 1 'binding site for residue CL A 404' 
# 
loop_
_struct_site_gen.id 
_struct_site_gen.site_id 
_struct_site_gen.pdbx_num_res 
_struct_site_gen.label_comp_id 
_struct_site_gen.label_asym_id 
_struct_site_gen.label_seq_id 
_struct_site_gen.pdbx_auth_ins_code 
_struct_site_gen.auth_comp_id 
_struct_site_gen.auth_asym_id 
_struct_site_gen.auth_seq_id 
_struct_site_gen.label_atom_id 
_struct_site_gen.label_alt_id 
_struct_site_gen.symmetry 
_struct_site_gen.details 
1  AC1 5 GLY A 1   ? GLY A -2  . ? 1_555 ? 
2  AC1 5 PHE A 3   ? PHE A 0   . ? 1_555 ? 
3  AC1 5 GLU A 4   ? GLU A 219 . ? 1_555 ? 
4  AC1 5 ASN A 94  ? ASN A 309 . ? 5_664 ? 
5  AC1 5 HOH F .   ? HOH A 509 . ? 5_664 ? 
6  AC2 3 GLU A 91  ? GLU A 306 . ? 1_555 ? 
7  AC2 3 VAL A 92  ? VAL A 307 . ? 1_555 ? 
8  AC2 3 ARG A 145 ? ARG A 360 . ? 1_555 ? 
9  AC3 3 LYS A 39  ? LYS A 254 . ? 1_555 ? 
10 AC3 3 ARG A 48  ? ARG A 263 . ? 1_555 ? 
11 AC3 3 TYR A 59  ? TYR A 274 . ? 1_555 ? 
12 AC4 1 ARG A 148 ? ARG A 363 . ? 1_555 ? 
# 
_atom_sites.entry_id                    6BNM 
_atom_sites.fract_transf_matrix[1][1]   0.00377912 
_atom_sites.fract_transf_matrix[1][2]   0.01422297 
_atom_sites.fract_transf_matrix[1][3]   -0.01235004 
_atom_sites.fract_transf_matrix[2][1]   0.01796264 
_atom_sites.fract_transf_matrix[2][2]   0.00281595 
_atom_sites.fract_transf_matrix[2][3]   -0.00620295 
_atom_sites.fract_transf_matrix[3][1]   -0.00193902 
_atom_sites.fract_transf_matrix[3][2]   -0.00719770 
_atom_sites.fract_transf_matrix[3][3]   -0.00888260 
_atom_sites.fract_transf_vector[1]      -0.094856 
_atom_sites.fract_transf_vector[2]      0.326748 
_atom_sites.fract_transf_vector[3]      -0.083715 
# 
loop_
_atom_type.symbol 
C  
CL 
N  
O  
S  
# 
loop_
_atom_site.group_PDB 
_atom_site.id 
_atom_site.type_symbol 
_atom_site.label_atom_id 
_atom_site.label_alt_id 
_atom_site.label_comp_id 
_atom_site.label_asym_id 
_atom_site.label_entity_id 
_atom_site.label_seq_id 
_atom_site.pdbx_PDB_ins_code 
_atom_site.Cartn_x 
_atom_site.Cartn_y 
_atom_site.Cartn_z 
_atom_site.occupancy 
_atom_site.B_iso_or_equiv 
_atom_site.pdbx_formal_charge 
_atom_site.auth_seq_id 
_atom_site.auth_comp_id 
_atom_site.auth_asym_id 
_atom_site.auth_atom_id 
_atom_site.pdbx_PDB_model_num 
ATOM   1    N  N   . GLY A 1 1   ? 16.951  16.603  -7.876  1.00 34.53 ? -2  GLY A N   1 
ATOM   2    C  CA  . GLY A 1 1   ? 16.693  16.943  -6.469  1.00 31.44 ? -2  GLY A CA  1 
ATOM   3    C  C   . GLY A 1 1   ? 15.211  17.083  -6.196  1.00 31.45 ? -2  GLY A C   1 
ATOM   4    O  O   . GLY A 1 1   ? 14.381  16.478  -6.900  1.00 32.17 ? -2  GLY A O   1 
ATOM   5    N  N   . GLU A 1 2   ? 14.880  17.906  -5.211  1.00 31.74 ? -1  GLU A N   1 
ATOM   6    C  CA  . GLU A 1 2   ? 13.542  17.908  -4.644  1.00 33.86 ? -1  GLU A CA  1 
ATOM   7    C  C   . GLU A 1 2   ? 12.504  18.386  -5.666  1.00 32.42 ? -1  GLU A C   1 
ATOM   8    O  O   . GLU A 1 2   ? 11.397  17.844  -5.714  1.00 26.55 ? -1  GLU A O   1 
ATOM   9    C  CB  . GLU A 1 2   ? 13.470  18.752  -3.382  1.00 37.60 ? -1  GLU A CB  1 
ATOM   10   C  CG  . GLU A 1 2   ? 14.395  18.269  -2.260  1.00 44.51 ? -1  GLU A CG  1 
ATOM   11   C  CD  . GLU A 1 2   ? 14.101  16.845  -1.787  1.00 47.08 ? -1  GLU A CD  1 
ATOM   12   O  OE1 . GLU A 1 2   ? 12.994  16.604  -1.246  1.00 49.45 ? -1  GLU A OE1 1 
ATOM   13   O  OE2 . GLU A 1 2   ? 14.972  15.961  -1.961  1.00 50.09 ? -1  GLU A OE2 1 
ATOM   14   N  N   . PHE A 1 3   ? 12.875  19.358  -6.504  1.00 28.83 ? 0   PHE A N   1 
ATOM   15   C  CA  . PHE A 1 3   ? 11.950  19.847  -7.523  1.00 27.94 ? 0   PHE A CA  1 
ATOM   16   C  C   . PHE A 1 3   ? 11.655  18.765  -8.570  1.00 25.89 ? 0   PHE A C   1 
ATOM   17   O  O   . PHE A 1 3   ? 10.497  18.570  -8.942  1.00 25.29 ? 0   PHE A O   1 
ATOM   18   C  CB  . PHE A 1 3   ? 12.456  21.144  -8.169  1.00 27.47 ? 0   PHE A CB  1 
ATOM   19   C  CG  . PHE A 1 3   ? 11.575  21.629  -9.268  1.00 26.28 ? 0   PHE A CG  1 
ATOM   20   C  CD1 . PHE A 1 3   ? 10.435  22.363  -8.966  1.00 26.05 ? 0   PHE A CD1 1 
ATOM   21   C  CD2 . PHE A 1 3   ? 11.832  21.292  -10.579 1.00 25.89 ? 0   PHE A CD2 1 
ATOM   22   C  CE1 . PHE A 1 3   ? 9.584   22.787  -9.982  1.00 26.40 ? 0   PHE A CE1 1 
ATOM   23   C  CE2 . PHE A 1 3   ? 11.013  21.729  -11.603 1.00 27.35 ? 0   PHE A CE2 1 
ATOM   24   C  CZ  . PHE A 1 3   ? 9.872   22.467  -11.300 1.00 26.64 ? 0   PHE A CZ  1 
ATOM   25   N  N   . GLU A 1 4   ? 12.690  18.076  -9.043  1.00 27.41 ? 219 GLU A N   1 
ATOM   26   C  CA  . GLU A 1 4   ? 12.517  16.955  -9.977  1.00 30.98 ? 219 GLU A CA  1 
ATOM   27   C  C   . GLU A 1 4   ? 11.643  15.852  -9.400  1.00 27.58 ? 219 GLU A C   1 
ATOM   28   O  O   . GLU A 1 4   ? 10.793  15.327  -10.099 1.00 28.16 ? 219 GLU A O   1 
ATOM   29   C  CB  . GLU A 1 4   ? 13.862  16.352  -10.423 1.00 37.67 ? 219 GLU A CB  1 
ATOM   30   C  CG  . GLU A 1 4   ? 14.617  17.317  -11.332 1.00 47.39 ? 219 GLU A CG  1 
ATOM   31   C  CD  . GLU A 1 4   ? 16.000  16.865  -11.795 1.00 52.56 ? 219 GLU A CD  1 
ATOM   32   O  OE1 . GLU A 1 4   ? 16.656  16.027  -11.132 1.00 58.11 ? 219 GLU A OE1 1 
ATOM   33   O  OE2 . GLU A 1 4   ? 16.424  17.397  -12.842 1.00 59.08 ? 219 GLU A OE2 1 
ATOM   34   N  N   . LYS A 1 5   ? 11.802  15.579  -8.118  1.00 26.66 ? 220 LYS A N   1 
ATOM   35   C  CA  . LYS A 1 5   ? 10.997  14.547  -7.468  1.00 26.06 ? 220 LYS A CA  1 
ATOM   36   C  C   . LYS A 1 5   ? 9.526   14.943  -7.440  1.00 25.11 ? 220 LYS A C   1 
ATOM   37   O  O   . LYS A 1 5   ? 8.679   14.125  -7.712  1.00 21.39 ? 220 LYS A O   1 
ATOM   38   C  CB  . LYS A 1 5   ? 11.484  14.315  -6.062  1.00 29.43 ? 220 LYS A CB  1 
ATOM   39   C  CG  . LYS A 1 5   ? 12.780  13.522  -5.935  1.00 35.75 ? 220 LYS A CG  1 
ATOM   40   C  CD  . LYS A 1 5   ? 13.208  13.656  -4.473  1.00 39.78 ? 220 LYS A CD  1 
ATOM   41   C  CE  . LYS A 1 5   ? 14.245  12.646  -4.019  1.00 45.51 ? 220 LYS A CE  1 
ATOM   42   N  NZ  . LYS A 1 5   ? 14.581  12.977  -2.601  1.00 49.18 ? 220 LYS A NZ  1 
ATOM   43   N  N   . LEU A 1 6   ? 9.223   16.202  -7.132  1.00 21.35 ? 221 LEU A N   1 
ATOM   44   C  CA  . LEU A 1 6   ? 7.838   16.662  -7.191  1.00 23.60 ? 221 LEU A CA  1 
ATOM   45   C  C   . LEU A 1 6   ? 7.227   16.530  -8.590  1.00 23.72 ? 221 LEU A C   1 
ATOM   46   O  O   . LEU A 1 6   ? 6.060   16.137  -8.747  1.00 22.56 ? 221 LEU A O   1 
ATOM   47   C  CB  . LEU A 1 6   ? 7.731   18.109  -6.700  1.00 24.84 ? 221 LEU A CB  1 
ATOM   48   C  CG  . LEU A 1 6   ? 8.122   18.287  -5.231  1.00 27.52 ? 221 LEU A CG  1 
ATOM   49   C  CD1 . LEU A 1 6   ? 7.968   19.751  -4.868  1.00 29.07 ? 221 LEU A CD1 1 
ATOM   50   C  CD2 . LEU A 1 6   ? 7.309   17.424  -4.255  1.00 30.13 ? 221 LEU A CD2 1 
ATOM   51   N  N   . GLU A 1 7   ? 8.005   16.904  -9.600  1.00 23.77 ? 222 GLU A N   1 
ATOM   52   C  CA  . GLU A 1 7   ? 7.566   16.796  -10.989 1.00 25.72 ? 222 GLU A CA  1 
ATOM   53   C  C   . GLU A 1 7   ? 7.197   15.352  -11.360 1.00 24.15 ? 222 GLU A C   1 
ATOM   54   O  O   . GLU A 1 7   ? 6.148   15.120  -11.933 1.00 23.12 ? 222 GLU A O   1 
ATOM   55   C  CB  . GLU A 1 7   ? 8.666   17.297  -11.915 1.00 28.65 ? 222 GLU A CB  1 
ATOM   56   C  CG  . GLU A 1 7   ? 8.281   17.280  -13.382 1.00 34.73 ? 222 GLU A CG  1 
ATOM   57   C  CD  . GLU A 1 7   ? 9.130   18.256  -14.205 1.00 40.26 ? 222 GLU A CD  1 
ATOM   58   O  OE1 . GLU A 1 7   ? 10.337  18.413  -13.853 1.00 42.43 ? 222 GLU A OE1 1 
ATOM   59   O  OE2 . GLU A 1 7   ? 8.555   18.885  -15.147 1.00 38.27 ? 222 GLU A OE2 1 
ATOM   60   N  N   . VAL A 1 8   ? 8.053   14.411  -10.987 1.00 23.82 ? 223 VAL A N   1 
ATOM   61   C  CA  . VAL A 1 8   ? 7.821   13.002  -11.244 1.00 24.89 ? 223 VAL A CA  1 
ATOM   62   C  C   . VAL A 1 8   ? 6.593   12.461  -10.498 1.00 24.94 ? 223 VAL A C   1 
ATOM   63   O  O   . VAL A 1 8   ? 5.794   11.741  -11.100 1.00 25.61 ? 223 VAL A O   1 
ATOM   64   C  CB  . VAL A 1 8   ? 9.080   12.179  -10.962 1.00 27.16 ? 223 VAL A CB  1 
ATOM   65   C  CG1 . VAL A 1 8   ? 8.793   10.692  -11.037 1.00 31.68 ? 223 VAL A CG1 1 
ATOM   66   C  CG2 . VAL A 1 8   ? 10.156  12.512  -11.983 1.00 31.24 ? 223 VAL A CG2 1 
ATOM   67   N  N   . LEU A 1 9   ? 6.423   12.824  -9.229  1.00 23.37 ? 224 LEU A N   1 
ATOM   68   C  CA  . LEU A 1 9   ? 5.213   12.498  -8.473  1.00 23.33 ? 224 LEU A CA  1 
ATOM   69   C  C   . LEU A 1 9   ? 3.939   12.995  -9.160  1.00 24.08 ? 224 LEU A C   1 
ATOM   70   O  O   . LEU A 1 9   ? 2.999   12.252  -9.304  1.00 21.39 ? 224 LEU A O   1 
ATOM   71   C  CB  . LEU A 1 9   ? 5.286   13.048  -7.047  1.00 24.57 ? 224 LEU A CB  1 
ATOM   72   C  CG  . LEU A 1 9   ? 6.284   12.405  -6.076  1.00 27.55 ? 224 LEU A CG  1 
ATOM   73   C  CD1 . LEU A 1 9   ? 5.955   12.831  -4.660  1.00 27.97 ? 224 LEU A CD1 1 
ATOM   74   C  CD2 . LEU A 1 9   ? 6.384   10.891  -6.187  1.00 28.81 ? 224 LEU A CD2 1 
ATOM   75   N  N   . GLU A 1 10  ? 3.938   14.232  -9.653  1.00 24.70 ? 225 GLU A N   1 
ATOM   76   C  CA  . GLU A 1 10  ? 2.745   14.762  -10.321 1.00 27.98 ? 225 GLU A CA  1 
ATOM   77   C  C   . GLU A 1 10  ? 2.485   14.096  -11.665 1.00 27.55 ? 225 GLU A C   1 
ATOM   78   O  O   . GLU A 1 10  ? 1.343   13.824  -11.985 1.00 28.43 ? 225 GLU A O   1 
ATOM   79   C  CB  . GLU A 1 10  ? 2.809   16.269  -10.443 1.00 30.80 ? 225 GLU A CB  1 
ATOM   80   C  CG  . GLU A 1 10  ? 2.801   16.867  -9.051  1.00 36.49 ? 225 GLU A CG  1 
ATOM   81   C  CD  . GLU A 1 10  ? 2.520   18.360  -8.988  1.00 40.34 ? 225 GLU A CD  1 
ATOM   82   O  OE1 . GLU A 1 10  ? 2.515   19.077  -10.029 1.00 43.27 ? 225 GLU A OE1 1 
ATOM   83   O  OE2 . GLU A 1 10  ? 2.304   18.803  -7.848  1.00 43.61 ? 225 GLU A OE2 1 
ATOM   84   N  N   . GLU A 1 11  ? 3.542   13.768  -12.404 1.00 27.78 ? 226 GLU A N   1 
ATOM   85   C  CA  . GLU A 1 11  ? 3.405   12.981  -13.635 1.00 30.35 ? 226 GLU A CA  1 
ATOM   86   C  C   . GLU A 1 11  ? 2.733   11.618  -13.324 1.00 28.40 ? 226 GLU A C   1 
ATOM   87   O  O   . GLU A 1 11  ? 1.801   11.202  -14.019 1.00 24.54 ? 226 GLU A O   1 
ATOM   88   C  CB  . GLU A 1 11  ? 4.763   12.795  -14.284 1.00 34.89 ? 226 GLU A CB  1 
ATOM   89   C  CG  . GLU A 1 11  ? 4.767   12.003  -15.583 1.00 42.09 ? 226 GLU A CG  1 
ATOM   90   C  CD  . GLU A 1 11  ? 3.861   12.596  -16.663 1.00 46.58 ? 226 GLU A CD  1 
ATOM   91   O  OE1 . GLU A 1 11  ? 3.781   13.848  -16.755 1.00 50.75 ? 226 GLU A OE1 1 
ATOM   92   O  OE2 . GLU A 1 11  ? 3.231   11.802  -17.418 1.00 46.95 ? 226 GLU A OE2 1 
ATOM   93   N  N   . TRP A 1 12  ? 3.189   10.978  -12.240 1.00 24.45 ? 227 TRP A N   1 
ATOM   94   C  CA  . TRP A 1 12  ? 2.664   9.692   -11.791 1.00 23.16 ? 227 TRP A CA  1 
ATOM   95   C  C   . TRP A 1 12  ? 1.198   9.822   -11.483 1.00 22.47 ? 227 TRP A C   1 
ATOM   96   O  O   . TRP A 1 12  ? 0.396   9.038   -12.007 1.00 25.91 ? 227 TRP A O   1 
ATOM   97   C  CB  . TRP A 1 12  ? 3.440   9.173   -10.570 1.00 23.10 ? 227 TRP A CB  1 
ATOM   98   C  CG  . TRP A 1 12  ? 2.816   7.995   -9.948  1.00 22.28 ? 227 TRP A CG  1 
ATOM   99   C  CD1 . TRP A 1 12  ? 2.895   6.700   -10.368 1.00 23.36 ? 227 TRP A CD1 1 
ATOM   100  C  CD2 . TRP A 1 12  ? 1.970   8.000   -8.796  1.00 22.97 ? 227 TRP A CD2 1 
ATOM   101  N  NE1 . TRP A 1 12  ? 2.151   5.890   -9.527  1.00 24.24 ? 227 TRP A NE1 1 
ATOM   102  C  CE2 . TRP A 1 12  ? 1.573   6.665   -8.558  1.00 22.80 ? 227 TRP A CE2 1 
ATOM   103  C  CE3 . TRP A 1 12  ? 1.492   9.004   -7.950  1.00 22.62 ? 227 TRP A CE3 1 
ATOM   104  C  CZ2 . TRP A 1 12  ? 0.736   6.317   -7.496  1.00 23.09 ? 227 TRP A CZ2 1 
ATOM   105  C  CZ3 . TRP A 1 12  ? 0.674   8.655   -6.894  1.00 24.58 ? 227 TRP A CZ3 1 
ATOM   106  C  CH2 . TRP A 1 12  ? 0.297   7.322   -6.679  1.00 22.46 ? 227 TRP A CH2 1 
ATOM   107  N  N   . GLN A 1 13  ? 0.827   10.830  -10.694 1.00 23.41 ? 228 GLN A N   1 
ATOM   108  C  CA  . GLN A 1 13  ? -0.562  11.015  -10.306 1.00 24.78 ? 228 GLN A CA  1 
ATOM   109  C  C   . GLN A 1 13  ? -1.485  11.315  -11.498 1.00 28.96 ? 228 GLN A C   1 
ATOM   110  O  O   . GLN A 1 13  ? -2.616  10.818  -11.539 1.00 28.04 ? 228 GLN A O   1 
ATOM   111  C  CB  . GLN A 1 13  ? -0.706  12.097  -9.257  1.00 25.04 ? 228 GLN A CB  1 
ATOM   112  C  CG  . GLN A 1 13  ? -2.018  12.039  -8.507  1.00 26.30 ? 228 GLN A CG  1 
ATOM   113  C  CD  . GLN A 1 13  ? -2.350  13.375  -7.859  1.00 28.32 ? 228 GLN A CD  1 
ATOM   114  O  OE1 . GLN A 1 13  ? -1.516  13.961  -7.190  1.00 27.38 ? 228 GLN A OE1 1 
ATOM   115  N  NE2 . GLN A 1 13  ? -3.573  13.857  -8.056  1.00 29.54 ? 228 GLN A NE2 1 
ATOM   116  N  N   . SER A 1 14  ? -0.979  12.057  -12.486 1.00 30.16 ? 229 SER A N   1 
ATOM   117  C  CA  . SER A 1 14  ? -1.787  12.423  -13.658 1.00 32.94 ? 229 SER A CA  1 
ATOM   118  C  C   . SER A 1 14  ? -2.380  11.211  -14.383 1.00 34.82 ? 229 SER A C   1 
ATOM   119  O  O   . SER A 1 14  ? -3.434  11.336  -14.994 1.00 36.34 ? 229 SER A O   1 
ATOM   120  C  CB  . SER A 1 14  ? -0.981  13.293  -14.635 1.00 33.17 ? 229 SER A CB  1 
ATOM   121  O  OG  . SER A 1 14  ? -0.026  12.519  -15.343 1.00 33.42 ? 229 SER A OG  1 
ATOM   122  N  N   . HIS A 1 15  ? -1.726  10.050  -14.282 1.00 35.26 ? 230 HIS A N   1 
ATOM   123  C  CA  . HIS A 1 15  ? -2.171  8.807   -14.916 1.00 36.60 ? 230 HIS A CA  1 
ATOM   124  C  C   . HIS A 1 15  ? -3.059  7.916   -14.034 1.00 38.27 ? 230 HIS A C   1 
ATOM   125  O  O   . HIS A 1 15  ? -3.362  6.775   -14.384 1.00 39.90 ? 230 HIS A O   1 
ATOM   126  C  CB  . HIS A 1 15  ? -0.951  8.047   -15.461 1.00 38.71 ? 230 HIS A CB  1 
ATOM   127  C  CG  . HIS A 1 15  ? -0.135  8.878   -16.397 1.00 41.70 ? 230 HIS A CG  1 
ATOM   128  N  ND1 . HIS A 1 15  ? -0.662  9.430   -17.545 1.00 47.06 ? 230 HIS A ND1 1 
ATOM   129  C  CD2 . HIS A 1 15  ? 1.139   9.321   -16.323 1.00 42.85 ? 230 HIS A CD2 1 
ATOM   130  C  CE1 . HIS A 1 15  ? 0.263   10.154  -18.151 1.00 44.45 ? 230 HIS A CE1 1 
ATOM   131  N  NE2 . HIS A 1 15  ? 1.364   10.102  -17.429 1.00 43.56 ? 230 HIS A NE2 1 
ATOM   132  N  N   . ILE A 1 16  ? -3.552  8.468   -12.931 1.00 37.54 ? 231 ILE A N   1 
ATOM   133  C  CA  . ILE A 1 16  ? -4.453  7.751   -12.067 1.00 38.82 ? 231 ILE A CA  1 
ATOM   134  C  C   . ILE A 1 16  ? -5.857  8.311   -12.193 1.00 39.89 ? 231 ILE A C   1 
ATOM   135  O  O   . ILE A 1 16  ? -6.116  9.486   -11.903 1.00 35.74 ? 231 ILE A O   1 
ATOM   136  C  CB  . ILE A 1 16  ? -3.982  7.803   -10.623 1.00 36.85 ? 231 ILE A CB  1 
ATOM   137  C  CG1 . ILE A 1 16  ? -2.598  7.170   -10.536 1.00 38.61 ? 231 ILE A CG1 1 
ATOM   138  C  CG2 . ILE A 1 16  ? -4.956  7.089   -9.697  1.00 38.22 ? 231 ILE A CG2 1 
ATOM   139  C  CD1 . ILE A 1 16  ? -1.879  7.553   -9.281  1.00 41.19 ? 231 ILE A CD1 1 
ATOM   140  N  N   . GLU A 1 17  ? -6.761  7.416   -12.571 1.00 40.71 ? 232 GLU A N   1 
ATOM   141  C  CA  . GLU A 1 17  ? -8.168  7.722   -12.717 1.00 41.91 ? 232 GLU A CA  1 
ATOM   142  C  C   . GLU A 1 17  ? -8.845  7.693   -11.352 1.00 40.41 ? 232 GLU A C   1 
ATOM   143  O  O   . GLU A 1 17  ? -8.643  6.765   -10.568 1.00 41.19 ? 232 GLU A O   1 
ATOM   144  C  CB  . GLU A 1 17  ? -8.786  6.674   -13.653 1.00 47.45 ? 232 GLU A CB  1 
ATOM   145  C  CG  . GLU A 1 17  ? -10.100 7.072   -14.300 1.00 54.87 ? 232 GLU A CG  1 
ATOM   146  C  CD  . GLU A 1 17  ? -10.421 6.272   -15.568 1.00 59.09 ? 232 GLU A CD  1 
ATOM   147  O  OE1 . GLU A 1 17  ? -9.498  5.847   -16.307 1.00 58.83 ? 232 GLU A OE1 1 
ATOM   148  O  OE2 . GLU A 1 17  ? -11.623 6.077   -15.839 1.00 73.80 ? 232 GLU A OE2 1 
ATOM   149  N  N   . GLY A 1 18  ? -9.637  8.715   -11.061 1.00 37.17 ? 233 GLY A N   1 
ATOM   150  C  CA  . GLY A 1 18  ? -10.492 8.705   -9.871  1.00 39.06 ? 233 GLY A CA  1 
ATOM   151  C  C   . GLY A 1 18  ? -9.743  8.975   -8.585  1.00 37.77 ? 233 GLY A C   1 
ATOM   152  O  O   . GLY A 1 18  ? -10.151 8.541   -7.513  1.00 37.43 ? 233 GLY A O   1 
ATOM   153  N  N   . TRP A 1 19  ? -8.664  9.734   -8.695  1.00 37.38 ? 234 TRP A N   1 
ATOM   154  C  CA  . TRP A 1 19  ? -7.914  10.183  -7.536  1.00 34.74 ? 234 TRP A CA  1 
ATOM   155  C  C   . TRP A 1 19  ? -8.811  10.791  -6.452  1.00 39.01 ? 234 TRP A C   1 
ATOM   156  O  O   . TRP A 1 19  ? -9.679  11.636  -6.736  1.00 38.13 ? 234 TRP A O   1 
ATOM   157  C  CB  . TRP A 1 19  ? -6.851  11.197  -7.974  1.00 33.01 ? 234 TRP A CB  1 
ATOM   158  C  CG  . TRP A 1 19  ? -5.961  11.562  -6.840  1.00 31.64 ? 234 TRP A CG  1 
ATOM   159  C  CD1 . TRP A 1 19  ? -6.095  12.617  -6.010  1.00 31.88 ? 234 TRP A CD1 1 
ATOM   160  C  CD2 . TRP A 1 19  ? -4.841  10.827  -6.381  1.00 29.10 ? 234 TRP A CD2 1 
ATOM   161  N  NE1 . TRP A 1 19  ? -5.097  12.624  -5.079  1.00 31.88 ? 234 TRP A NE1 1 
ATOM   162  C  CE2 . TRP A 1 19  ? -4.318  11.516  -5.272  1.00 29.30 ? 234 TRP A CE2 1 
ATOM   163  C  CE3 . TRP A 1 19  ? -4.213  9.658   -6.810  1.00 30.09 ? 234 TRP A CE3 1 
ATOM   164  C  CZ2 . TRP A 1 19  ? -3.201  11.080  -4.573  1.00 28.61 ? 234 TRP A CZ2 1 
ATOM   165  C  CZ3 . TRP A 1 19  ? -3.090  9.217   -6.105  1.00 27.52 ? 234 TRP A CZ3 1 
ATOM   166  C  CH2 . TRP A 1 19  ? -2.596  9.939   -5.011  1.00 28.38 ? 234 TRP A CH2 1 
ATOM   167  N  N   . GLU A 1 20  ? -8.612  10.366  -5.210  1.00 35.53 ? 235 GLU A N   1 
ATOM   168  C  CA  . GLU A 1 20  ? -9.341  10.941  -4.084  1.00 38.40 ? 235 GLU A CA  1 
ATOM   169  C  C   . GLU A 1 20  ? -8.375  11.609  -3.126  1.00 38.08 ? 235 GLU A C   1 
ATOM   170  O  O   . GLU A 1 20  ? -7.243  11.154  -2.952  1.00 31.41 ? 235 GLU A O   1 
ATOM   171  C  CB  . GLU A 1 20  ? -10.152 9.870   -3.356  1.00 40.10 ? 235 GLU A CB  1 
ATOM   172  C  CG  . GLU A 1 20  ? -11.123 9.146   -4.268  1.00 43.36 ? 235 GLU A CG  1 
ATOM   173  C  CD  . GLU A 1 20  ? -11.902 8.044   -3.581  1.00 44.58 ? 235 GLU A CD  1 
ATOM   174  O  OE1 . GLU A 1 20  ? -11.867 7.968   -2.338  1.00 46.16 ? 235 GLU A OE1 1 
ATOM   175  O  OE2 . GLU A 1 20  ? -12.538 7.236   -4.296  1.00 49.42 ? 235 GLU A OE2 1 
ATOM   176  N  N   . GLY A 1 21  ? -8.829  12.699  -2.526  1.00 35.10 ? 236 GLY A N   1 
ATOM   177  C  CA  . GLY A 1 21  ? -8.044  13.452  -1.565  1.00 35.52 ? 236 GLY A CA  1 
ATOM   178  C  C   . GLY A 1 21  ? -7.061  14.406  -2.213  1.00 33.55 ? 236 GLY A C   1 
ATOM   179  O  O   . GLY A 1 21  ? -7.040  14.588  -3.434  1.00 35.32 ? 236 GLY A O   1 
ATOM   180  N  N   . SER A 1 22  ? -6.241  15.015  -1.378  1.00 33.32 ? 237 SER A N   1 
ATOM   181  C  CA  . SER A 1 22  ? -5.300  16.023  -1.823  1.00 34.69 ? 237 SER A CA  1 
ATOM   182  C  C   . SER A 1 22  ? -4.258  15.447  -2.802  1.00 31.86 ? 237 SER A C   1 
ATOM   183  O  O   . SER A 1 22  ? -4.037  14.241  -2.859  1.00 26.78 ? 237 SER A O   1 
ATOM   184  C  CB  . SER A 1 22  ? -4.614  16.685  -0.630  1.00 38.62 ? 237 SER A CB  1 
ATOM   185  O  OG  . SER A 1 22  ? -4.140  15.714  0.298   1.00 45.36 ? 237 SER A OG  1 
ATOM   186  N  N   . ASN A 1 23  ? -3.655  16.325  -3.595  1.00 29.40 ? 238 ASN A N   1 
ATOM   187  C  CA  . ASN A 1 23  ? -2.661  15.887  -4.552  1.00 32.14 ? 238 ASN A CA  1 
ATOM   188  C  C   . ASN A 1 23  ? -1.459  15.301  -3.825  1.00 28.50 ? 238 ASN A C   1 
ATOM   189  O  O   . ASN A 1 23  ? -1.199  15.631  -2.672  1.00 27.66 ? 238 ASN A O   1 
ATOM   190  C  CB  . ASN A 1 23  ? -2.258  17.018  -5.497  1.00 34.68 ? 238 ASN A CB  1 
ATOM   191  C  CG  . ASN A 1 23  ? -3.399  17.430  -6.411  1.00 38.43 ? 238 ASN A CG  1 
ATOM   192  O  OD1 . ASN A 1 23  ? -4.338  16.653  -6.686  1.00 35.00 ? 238 ASN A OD1 1 
ATOM   193  N  ND2 . ASN A 1 23  ? -3.344  18.674  -6.869  1.00 41.84 ? 238 ASN A ND2 1 
ATOM   194  N  N   . ILE A 1 24  ? -0.760  14.393  -4.505  1.00 27.39 ? 239 ILE A N   1 
ATOM   195  C  CA  . ILE A 1 24  ? 0.286   13.579  -3.871  1.00 26.92 ? 239 ILE A CA  1 
ATOM   196  C  C   . ILE A 1 24  ? 1.380   14.479  -3.314  1.00 27.64 ? 239 ILE A C   1 
ATOM   197  O  O   . ILE A 1 24  ? 1.902   14.224  -2.224  1.00 26.98 ? 239 ILE A O   1 
ATOM   198  C  CB  . ILE A 1 24  ? 0.843   12.481  -4.847  1.00 27.48 ? 239 ILE A CB  1 
ATOM   199  C  CG1 . ILE A 1 24  ? 1.802   11.523  -4.131  1.00 28.87 ? 239 ILE A CG1 1 
ATOM   200  C  CG2 . ILE A 1 24  ? 1.520   13.077  -6.062  1.00 26.24 ? 239 ILE A CG2 1 
ATOM   201  C  CD1 . ILE A 1 24  ? 1.102   10.458  -3.343  1.00 32.22 ? 239 ILE A CD1 1 
ATOM   202  N  N   . THR A 1 25  ? 1.703   15.544  -4.047  1.00 27.90 ? 240 THR A N   1 
ATOM   203  C  CA  . THR A 1 25  ? 2.763   16.480  -3.626  1.00 31.37 ? 240 THR A CA  1 
ATOM   204  C  C   . THR A 1 25  ? 2.411   17.412  -2.469  1.00 31.34 ? 240 THR A C   1 
ATOM   205  O  O   . THR A 1 25  ? 3.289   18.128  -2.011  1.00 32.41 ? 240 THR A O   1 
ATOM   206  C  CB  . THR A 1 25  ? 3.250   17.367  -4.779  1.00 30.17 ? 240 THR A CB  1 
ATOM   207  O  OG1 . THR A 1 25  ? 2.121   17.980  -5.398  1.00 28.57 ? 240 THR A OG1 1 
ATOM   208  C  CG2 . THR A 1 25  ? 4.000   16.568  -5.781  1.00 31.01 ? 240 THR A CG2 1 
ATOM   209  N  N   . ASP A 1 26  ? 1.160   17.437  -2.030  1.00 30.95 ? 241 ASP A N   1 
ATOM   210  C  CA  . ASP A 1 26  ? 0.792   18.151  -0.816  1.00 33.97 ? 241 ASP A CA  1 
ATOM   211  C  C   . ASP A 1 26  ? 1.388   17.500  0.403   1.00 34.84 ? 241 ASP A C   1 
ATOM   212  O  O   . ASP A 1 26  ? 1.601   18.180  1.370   1.00 30.49 ? 241 ASP A O   1 
ATOM   213  C  CB  . ASP A 1 26  ? -0.711  18.121  -0.564  1.00 37.56 ? 241 ASP A CB  1 
ATOM   214  C  CG  . ASP A 1 26  ? -1.468  19.150  -1.352  1.00 44.26 ? 241 ASP A CG  1 
ATOM   215  O  OD1 . ASP A 1 26  ? -0.926  19.678  -2.341  1.00 47.99 ? 241 ASP A OD1 1 
ATOM   216  O  OD2 . ASP A 1 26  ? -2.638  19.421  -0.974  1.00 49.45 ? 241 ASP A OD2 1 
ATOM   217  N  N   . THR A 1 27  ? 1.556   16.170  0.373   1.00 31.26 ? 242 THR A N   1 
ATOM   218  C  CA  . THR A 1 27  ? 2.012   15.386  1.545   1.00 31.31 ? 242 THR A CA  1 
ATOM   219  C  C   . THR A 1 27  ? 3.318   14.584  1.349   1.00 28.39 ? 242 THR A C   1 
ATOM   220  O  O   . THR A 1 27  ? 3.919   14.131  2.333   1.00 29.13 ? 242 THR A O   1 
ATOM   221  C  CB  . THR A 1 27  ? 0.906   14.377  1.957   1.00 30.98 ? 242 THR A CB  1 
ATOM   222  O  OG1 . THR A 1 27  ? 0.516   13.587  0.826   1.00 29.77 ? 242 THR A OG1 1 
ATOM   223  C  CG2 . THR A 1 27  ? -0.327  15.106  2.466   1.00 33.92 ? 242 THR A CG2 1 
ATOM   224  N  N   . CYS A 1 28  ? 3.746   14.401  0.101   1.00 26.74 ? 243 CYS A N   1 
ATOM   225  C  CA  . CYS A 1 28  ? 4.772   13.437  -0.259  1.00 26.66 ? 243 CYS A CA  1 
ATOM   226  C  C   . CYS A 1 28  ? 5.843   14.088  -1.108  1.00 28.03 ? 243 CYS A C   1 
ATOM   227  O  O   . CYS A 1 28  ? 5.583   15.082  -1.787  1.00 28.40 ? 243 CYS A O   1 
ATOM   228  C  CB  . CYS A 1 28  ? 4.144   12.264  -1.035  1.00 26.78 ? 243 CYS A CB  1 
ATOM   229  S  SG  . CYS A 1 28  ? 2.751   11.463  -0.200  1.00 26.17 ? 243 CYS A SG  1 
ATOM   230  N  N   . THR A 1 29  ? 7.040   13.520  -1.052  1.00 26.65 ? 244 THR A N   1 
ATOM   231  C  CA  . THR A 1 29  ? 8.199   13.980  -1.817  1.00 28.70 ? 244 THR A CA  1 
ATOM   232  C  C   . THR A 1 29  ? 8.896   12.898  -2.603  1.00 28.45 ? 244 THR A C   1 
ATOM   233  O  O   . THR A 1 29  ? 9.626   13.221  -3.560  1.00 30.93 ? 244 THR A O   1 
ATOM   234  C  CB  . THR A 1 29  ? 9.248   14.638  -0.895  1.00 31.57 ? 244 THR A CB  1 
ATOM   235  O  OG1 . THR A 1 29  ? 9.774   13.660  0.029   1.00 33.12 ? 244 THR A OG1 1 
ATOM   236  C  CG2 . THR A 1 29  ? 8.620   15.844  -0.131  1.00 32.66 ? 244 THR A CG2 1 
ATOM   237  N  N   . GLU A 1 30  ? 8.726   11.621  -2.229  1.00 25.20 ? 245 GLU A N   1 
ATOM   238  C  CA  . GLU A 1 30  ? 9.340   10.547  -2.980  1.00 26.48 ? 245 GLU A CA  1 
ATOM   239  C  C   . GLU A 1 30  ? 8.642   9.237   -2.743  1.00 25.92 ? 245 GLU A C   1 
ATOM   240  O  O   . GLU A 1 30  ? 8.032   9.049   -1.698  1.00 24.51 ? 245 GLU A O   1 
ATOM   241  C  CB  . GLU A 1 30  ? 10.799  10.363  -2.592  1.00 30.28 ? 245 GLU A CB  1 
ATOM   242  C  CG  . GLU A 1 30  ? 11.004  10.050  -1.131  1.00 31.95 ? 245 GLU A CG  1 
ATOM   243  C  CD  . GLU A 1 30  ? 12.464  9.850   -0.781  1.00 37.13 ? 245 GLU A CD  1 
ATOM   244  O  OE1 . GLU A 1 30  ? 13.308  9.573   -1.660  1.00 42.54 ? 245 GLU A OE1 1 
ATOM   245  O  OE2 . GLU A 1 30  ? 12.748  9.977   0.407   1.00 43.98 ? 245 GLU A OE2 1 
ATOM   246  N  N   . MET A 1 31  ? 8.800   8.342   -3.706  1.00 24.21 ? 246 MET A N   1 
ATOM   247  C  CA  . MET A 1 31  ? 8.262   7.008   -3.646  1.00 24.56 ? 246 MET A CA  1 
ATOM   248  C  C   . MET A 1 31  ? 9.304   6.136   -2.997  1.00 26.80 ? 246 MET A C   1 
ATOM   249  O  O   . MET A 1 31  ? 10.458  6.158   -3.395  1.00 28.30 ? 246 MET A O   1 
ATOM   250  C  CB  . MET A 1 31  ? 7.968   6.449   -5.023  1.00 25.57 ? 246 MET A CB  1 
ATOM   251  C  CG  . MET A 1 31  ? 7.153   5.157   -4.940  1.00 25.81 ? 246 MET A CG  1 
ATOM   252  S  SD  . MET A 1 31  ? 6.740   4.517   -6.553  1.00 30.65 ? 246 MET A SD  1 
ATOM   253  C  CE  . MET A 1 31  ? 8.397   3.915   -6.999  1.00 30.01 ? 246 MET A CE  1 
ATOM   254  N  N   . LEU A 1 32  ? 8.903   5.373   -1.989  1.00 23.49 ? 247 LEU A N   1 
ATOM   255  C  CA  . LEU A 1 32  ? 9.819   4.523   -1.269  1.00 23.49 ? 247 LEU A CA  1 
ATOM   256  C  C   . LEU A 1 32  ? 9.737   3.075   -1.679  1.00 24.11 ? 247 LEU A C   1 
ATOM   257  O  O   . LEU A 1 32  ? 10.726  2.340   -1.538  1.00 22.68 ? 247 LEU A O   1 
ATOM   258  C  CB  . LEU A 1 32  ? 9.552   4.644   0.230   1.00 23.71 ? 247 LEU A CB  1 
ATOM   259  C  CG  . LEU A 1 32  ? 9.628   6.075   0.761   1.00 25.28 ? 247 LEU A CG  1 
ATOM   260  C  CD1 . LEU A 1 32  ? 9.002   6.158   2.140   1.00 25.81 ? 247 LEU A CD1 1 
ATOM   261  C  CD2 . LEU A 1 32  ? 11.085  6.530   0.769   1.00 27.01 ? 247 LEU A CD2 1 
ATOM   262  N  N   . MET A 1 33  ? 8.578   2.640   -2.164  1.00 22.52 ? 248 MET A N   1 
ATOM   263  C  CA  . MET A 1 33  ? 8.389   1.243   -2.519  1.00 25.53 ? 248 MET A CA  1 
ATOM   264  C  C   . MET A 1 33  ? 7.171   1.113   -3.392  1.00 23.57 ? 248 MET A C   1 
ATOM   265  O  O   . MET A 1 33  ? 6.182   1.796   -3.196  1.00 21.66 ? 248 MET A O   1 
ATOM   266  C  CB  . MET A 1 33  ? 8.217   0.377   -1.243  1.00 27.21 ? 248 MET A CB  1 
ATOM   267  C  CG  . MET A 1 33  ? 7.872   -1.094  -1.441  1.00 29.62 ? 248 MET A CG  1 
ATOM   268  S  SD  . MET A 1 33  ? 9.300   -2.039  -1.968  1.00 34.00 ? 248 MET A SD  1 
ATOM   269  C  CE  . MET A 1 33  ? 8.683   -3.697  -2.280  1.00 36.50 ? 248 MET A CE  1 
ATOM   270  N  N   . CYS A 1 34  ? 7.239   0.213   -4.363  1.00 23.96 ? 249 CYS A N   1 
ATOM   271  C  CA  . CYS A 1 34  ? 6.050   -0.128  -5.125  1.00 24.51 ? 249 CYS A CA  1 
ATOM   272  C  C   . CYS A 1 34  ? 6.103   -1.570  -5.545  1.00 25.18 ? 249 CYS A C   1 
ATOM   273  O  O   . CYS A 1 34  ? 7.153   -2.183  -5.498  1.00 27.88 ? 249 CYS A O   1 
ATOM   274  C  CB  . CYS A 1 34  ? 5.830   0.806   -6.292  1.00 26.32 ? 249 CYS A CB  1 
ATOM   275  S  SG  . CYS A 1 34  ? 7.040   0.691   -7.627  1.00 27.90 ? 249 CYS A SG  1 
ATOM   276  N  N   . GLY A 1 35  ? 4.953   -2.109  -5.898  1.00 26.79 ? 250 GLY A N   1 
ATOM   277  C  CA  . GLY A 1 35  ? 4.862   -3.513  -6.220  1.00 29.77 ? 250 GLY A CA  1 
ATOM   278  C  C   . GLY A 1 35  ? 3.446   -3.982  -6.353  1.00 28.87 ? 250 GLY A C   1 
ATOM   279  O  O   . GLY A 1 35  ? 2.517   -3.351  -5.862  1.00 28.49 ? 250 GLY A O   1 
ATOM   280  N  N   . VAL A 1 36  ? 3.295   -5.104  -7.039  1.00 28.28 ? 251 VAL A N   1 
ATOM   281  C  CA  . VAL A 1 36  ? 2.007   -5.739  -7.228  1.00 31.79 ? 251 VAL A CA  1 
ATOM   282  C  C   . VAL A 1 36  ? 1.817   -6.665  -6.025  1.00 30.16 ? 251 VAL A C   1 
ATOM   283  O  O   . VAL A 1 36  ? 2.735   -7.365  -5.660  1.00 31.95 ? 251 VAL A O   1 
ATOM   284  C  CB  . VAL A 1 36  ? 1.970   -6.557  -8.533  1.00 34.56 ? 251 VAL A CB  1 
ATOM   285  C  CG1 . VAL A 1 36  ? 0.620   -7.237  -8.685  1.00 38.29 ? 251 VAL A CG1 1 
ATOM   286  C  CG2 . VAL A 1 36  ? 2.261   -5.643  -9.726  1.00 33.97 ? 251 VAL A CG2 1 
ATOM   287  N  N   . LEU A 1 37  ? 0.653   -6.588  -5.392  1.00 30.95 ? 252 LEU A N   1 
ATOM   288  C  CA  . LEU A 1 37  ? 0.309   -7.463  -4.275  1.00 30.94 ? 252 LEU A CA  1 
ATOM   289  C  C   . LEU A 1 37  ? -1.093  -7.944  -4.451  1.00 29.67 ? 252 LEU A C   1 
ATOM   290  O  O   . LEU A 1 37  ? -1.919  -7.273  -5.077  1.00 32.11 ? 252 LEU A O   1 
ATOM   291  C  CB  . LEU A 1 37  ? 0.393   -6.726  -2.941  1.00 29.41 ? 252 LEU A CB  1 
ATOM   292  C  CG  . LEU A 1 37  ? 1.768   -6.210  -2.533  1.00 29.47 ? 252 LEU A CG  1 
ATOM   293  C  CD1 . LEU A 1 37  ? 1.618   -5.293  -1.319  1.00 29.56 ? 252 LEU A CD1 1 
ATOM   294  C  CD2 . LEU A 1 37  ? 2.707   -7.358  -2.202  1.00 28.85 ? 252 LEU A CD2 1 
ATOM   295  N  N   . LEU A 1 38  ? -1.374  -9.100  -3.870  1.00 28.52 ? 253 LEU A N   1 
ATOM   296  C  CA  . LEU A 1 38  ? -2.733  -9.587  -3.804  1.00 29.25 ? 253 LEU A CA  1 
ATOM   297  C  C   . LEU A 1 38  ? -3.370  -8.996  -2.572  1.00 27.37 ? 253 LEU A C   1 
ATOM   298  O  O   . LEU A 1 38  ? -2.736  -8.967  -1.524  1.00 29.34 ? 253 LEU A O   1 
ATOM   299  C  CB  . LEU A 1 38  ? -2.711  -11.115 -3.751  1.00 32.15 ? 253 LEU A CB  1 
ATOM   300  C  CG  . LEU A 1 38  ? -2.176  -11.824 -4.997  1.00 35.81 ? 253 LEU A CG  1 
ATOM   301  C  CD1 . LEU A 1 38  ? -2.068  -13.331 -4.726  1.00 38.61 ? 253 LEU A CD1 1 
ATOM   302  C  CD2 . LEU A 1 38  ? -3.106  -11.591 -6.187  1.00 38.27 ? 253 LEU A CD2 1 
ATOM   303  N  N   . LYS A 1 39  ? -4.592  -8.482  -2.703  1.00 25.48 ? 254 LYS A N   1 
ATOM   304  C  CA  . LYS A 1 39  ? -5.326  -7.852  -1.629  1.00 27.15 ? 254 LYS A CA  1 
ATOM   305  C  C   . LYS A 1 39  ? -6.623  -8.615  -1.388  1.00 30.79 ? 254 LYS A C   1 
ATOM   306  O  O   . LYS A 1 39  ? -7.381  -8.812  -2.335  1.00 31.98 ? 254 LYS A O   1 
ATOM   307  C  CB  . LYS A 1 39  ? -5.680  -6.432  -1.995  1.00 27.83 ? 254 LYS A CB  1 
ATOM   308  C  CG  . LYS A 1 39  ? -6.578  -5.725  -0.991  1.00 29.46 ? 254 LYS A CG  1 
ATOM   309  C  CD  . LYS A 1 39  ? -6.596  -4.220  -1.188  1.00 31.91 ? 254 LYS A CD  1 
ATOM   310  C  CE  . LYS A 1 39  ? -7.562  -3.521  -0.246  1.00 36.26 ? 254 LYS A CE  1 
ATOM   311  N  NZ  . LYS A 1 39  ? -8.980  -3.709  -0.654  1.00 39.39 ? 254 LYS A NZ  1 
ATOM   312  N  N   . ILE A 1 40  ? -6.870  -9.010  -0.138  1.00 31.48 ? 255 ILE A N   1 
ATOM   313  C  CA  . ILE A 1 40  ? -8.116  -9.664  0.286   1.00 35.44 ? 255 ILE A CA  1 
ATOM   314  C  C   . ILE A 1 40  ? -8.886  -8.681  1.138   1.00 41.83 ? 255 ILE A C   1 
ATOM   315  O  O   . ILE A 1 40  ? -8.433  -8.339  2.235   1.00 43.48 ? 255 ILE A O   1 
ATOM   316  C  CB  . ILE A 1 40  ? -7.874  -10.902 1.202   1.00 34.62 ? 255 ILE A CB  1 
ATOM   317  C  CG1 . ILE A 1 40  ? -6.854  -11.875 0.597   1.00 33.67 ? 255 ILE A CG1 1 
ATOM   318  C  CG2 . ILE A 1 40  ? -9.209  -11.611 1.464   1.00 35.80 ? 255 ILE A CG2 1 
ATOM   319  C  CD1 . ILE A 1 40  ? -6.446  -13.015 1.519   1.00 32.73 ? 255 ILE A CD1 1 
ATOM   320  N  N   . SER A 1 41  ? -10.055 -8.246  0.687   1.00 45.75 ? 256 SER A N   1 
ATOM   321  C  CA  . SER A 1 41  ? -10.895 -7.368  1.522   1.00 54.75 ? 256 SER A CA  1 
ATOM   322  C  C   . SER A 1 41  ? -12.351 -7.837  1.488   1.00 61.21 ? 256 SER A C   1 
ATOM   323  O  O   . SER A 1 41  ? -12.959 -7.909  0.418   1.00 66.61 ? 256 SER A O   1 
ATOM   324  C  CB  . SER A 1 41  ? -10.769 -5.911  1.077   1.00 57.51 ? 256 SER A CB  1 
ATOM   325  O  OG  . SER A 1 41  ? -10.491 -5.835  -0.315  1.00 65.30 ? 256 SER A OG  1 
ATOM   326  N  N   . SER A 1 42  ? -12.881 -8.162  2.669   1.00 67.32 ? 257 SER A N   1 
ATOM   327  C  CA  . SER A 1 42  ? -14.208 -8.773  2.838   1.00 72.66 ? 257 SER A CA  1 
ATOM   328  C  C   . SER A 1 42  ? -14.391 -10.021 1.946   1.00 75.49 ? 257 SER A C   1 
ATOM   329  O  O   . SER A 1 42  ? -15.454 -10.221 1.353   1.00 72.55 ? 257 SER A O   1 
ATOM   330  C  CB  . SER A 1 42  ? -15.328 -7.733  2.633   1.00 69.12 ? 257 SER A CB  1 
ATOM   331  O  OG  . SER A 1 42  ? -15.400 -7.278  1.293   1.00 71.80 ? 257 SER A OG  1 
ATOM   332  N  N   . GLY A 1 43  ? -13.326 -10.832 1.861   1.00 75.67 ? 258 GLY A N   1 
ATOM   333  C  CA  . GLY A 1 43  ? -13.312 -12.110 1.132   1.00 71.73 ? 258 GLY A CA  1 
ATOM   334  C  C   . GLY A 1 43  ? -13.080 -12.114 -0.371  1.00 70.28 ? 258 GLY A C   1 
ATOM   335  O  O   . GLY A 1 43  ? -13.099 -13.176 -0.998  1.00 71.52 ? 258 GLY A O   1 
ATOM   336  N  N   . ASN A 1 44  ? -12.850 -10.936 -0.947  1.00 68.41 ? 259 ASN A N   1 
ATOM   337  C  CA  . ASN A 1 44  ? -12.620 -10.781 -2.387  1.00 66.43 ? 259 ASN A CA  1 
ATOM   338  C  C   . ASN A 1 44  ? -11.123 -10.641 -2.592  1.00 62.61 ? 259 ASN A C   1 
ATOM   339  O  O   . ASN A 1 44  ? -10.513 -9.751  -2.001  1.00 65.11 ? 259 ASN A O   1 
ATOM   340  C  CB  . ASN A 1 44  ? -13.353 -9.538  -2.901  1.00 65.77 ? 259 ASN A CB  1 
ATOM   341  C  CG  . ASN A 1 44  ? -14.793 -9.493  -2.425  1.00 68.85 ? 259 ASN A CG  1 
ATOM   342  O  OD1 . ASN A 1 44  ? -15.628 -10.264 -2.901  1.00 67.96 ? 259 ASN A OD1 1 
ATOM   343  N  ND2 . ASN A 1 44  ? -15.079 -8.633  -1.445  1.00 66.97 ? 259 ASN A ND2 1 
ATOM   344  N  N   . ILE A 1 45  ? -10.544 -11.506 -3.424  1.00 59.38 ? 260 ILE A N   1 
ATOM   345  C  CA  . ILE A 1 45  ? -9.091  -11.515 -3.654  1.00 55.57 ? 260 ILE A CA  1 
ATOM   346  C  C   . ILE A 1 45  ? -8.745  -10.937 -5.032  1.00 56.05 ? 260 ILE A C   1 
ATOM   347  O  O   . ILE A 1 45  ? -9.186  -11.467 -6.045  1.00 53.65 ? 260 ILE A O   1 
ATOM   348  C  CB  . ILE A 1 45  ? -8.471  -12.907 -3.462  1.00 55.51 ? 260 ILE A CB  1 
ATOM   349  C  CG1 . ILE A 1 45  ? -6.956  -12.854 -3.704  1.00 56.52 ? 260 ILE A CG1 1 
ATOM   350  C  CG2 . ILE A 1 45  ? -9.123  -13.967 -4.343  1.00 58.18 ? 260 ILE A CG2 1 
ATOM   351  C  CD1 . ILE A 1 45  ? -6.201  -13.912 -2.931  1.00 56.75 ? 260 ILE A CD1 1 
ATOM   352  N  N   . GLN A 1 46  ? -7.978  -9.838  -5.057  1.00 51.23 ? 261 GLN A N   1 
ATOM   353  C  CA  . GLN A 1 46  ? -7.628  -9.130  -6.304  1.00 50.17 ? 261 GLN A CA  1 
ATOM   354  C  C   . GLN A 1 46  ? -6.201  -8.617  -6.284  1.00 44.31 ? 261 GLN A C   1 
ATOM   355  O  O   . GLN A 1 46  ? -5.672  -8.294  -5.229  1.00 39.50 ? 261 GLN A O   1 
ATOM   356  C  CB  . GLN A 1 46  ? -8.534  -7.919  -6.575  1.00 54.75 ? 261 GLN A CB  1 
ATOM   357  C  CG  . GLN A 1 46  ? -10.029 -8.093  -6.334  1.00 60.52 ? 261 GLN A CG  1 
ATOM   358  C  CD  . GLN A 1 46  ? -10.554 -7.399  -5.082  1.00 62.39 ? 261 GLN A CD  1 
ATOM   359  O  OE1 . GLN A 1 46  ? -11.733 -7.070  -5.031  1.00 68.06 ? 261 GLN A OE1 1 
ATOM   360  N  NE2 . GLN A 1 46  ? -9.699  -7.176  -4.070  1.00 66.67 ? 261 GLN A NE2 1 
ATOM   361  N  N   . GLU A 1 47  ? -5.609  -8.513  -7.470  1.00 41.39 ? 262 GLU A N   1 
ATOM   362  C  CA  . GLU A 1 47  ? -4.282  -7.937  -7.646  1.00 41.60 ? 262 GLU A CA  1 
ATOM   363  C  C   . GLU A 1 47  ? -4.398  -6.436  -7.559  1.00 37.19 ? 262 GLU A C   1 
ATOM   364  O  O   . GLU A 1 47  ? -5.284  -5.847  -8.165  1.00 35.60 ? 262 GLU A O   1 
ATOM   365  C  CB  . GLU A 1 47  ? -3.677  -8.292  -9.002  1.00 44.27 ? 262 GLU A CB  1 
ATOM   366  C  CG  . GLU A 1 47  ? -2.889  -9.591  -9.007  1.00 49.00 ? 262 GLU A CG  1 
ATOM   367  C  CD  . GLU A 1 47  ? -2.069  -9.767  -10.270 1.00 52.85 ? 262 GLU A CD  1 
ATOM   368  O  OE1 . GLU A 1 47  ? -1.762  -8.756  -10.947 1.00 59.12 ? 262 GLU A OE1 1 
ATOM   369  O  OE2 . GLU A 1 47  ? -1.727  -10.924 -10.585 1.00 58.39 ? 262 GLU A OE2 1 
ATOM   370  N  N   . ARG A 1 48  ? -3.522  -5.821  -6.779  1.00 34.43 ? 263 ARG A N   1 
ATOM   371  C  CA  . ARG A 1 48  ? -3.457  -4.356  -6.714  1.00 32.87 ? 263 ARG A CA  1 
ATOM   372  C  C   . ARG A 1 48  ? -2.024  -3.940  -6.836  1.00 30.87 ? 263 ARG A C   1 
ATOM   373  O  O   . ARG A 1 48  ? -1.111  -4.729  -6.554  1.00 33.09 ? 263 ARG A O   1 
ATOM   374  C  CB  . ARG A 1 48  ? -4.034  -3.836  -5.411  1.00 33.21 ? 263 ARG A CB  1 
ATOM   375  C  CG  . ARG A 1 48  ? -5.509  -4.089  -5.209  1.00 35.64 ? 263 ARG A CG  1 
ATOM   376  C  CD  . ARG A 1 48  ? -6.319  -3.084  -5.968  1.00 35.36 ? 263 ARG A CD  1 
ATOM   377  N  NE  . ARG A 1 48  ? -7.753  -3.320  -5.992  1.00 38.13 ? 263 ARG A NE  1 
ATOM   378  C  CZ  . ARG A 1 48  ? -8.402  -4.106  -6.858  1.00 39.28 ? 263 ARG A CZ  1 
ATOM   379  N  NH1 . ARG A 1 48  ? -7.753  -4.836  -7.755  1.00 41.76 ? 263 ARG A NH1 1 
ATOM   380  N  NH2 . ARG A 1 48  ? -9.725  -4.173  -6.806  1.00 40.46 ? 263 ARG A NH2 1 
ATOM   381  N  N   . VAL A 1 49  ? -1.821  -2.701  -7.276  1.00 29.06 ? 264 VAL A N   1 
ATOM   382  C  CA  . VAL A 1 49  ? -0.507  -2.111  -7.301  1.00 29.37 ? 264 VAL A CA  1 
ATOM   383  C  C   . VAL A 1 49  ? -0.449  -1.169  -6.112  1.00 26.01 ? 264 VAL A C   1 
ATOM   384  O  O   . VAL A 1 49  ? -1.267  -0.263  -5.998  1.00 25.35 ? 264 VAL A O   1 
ATOM   385  C  CB  . VAL A 1 49  ? -0.211  -1.341  -8.615  1.00 32.87 ? 264 VAL A CB  1 
ATOM   386  C  CG1 . VAL A 1 49  ? 1.218   -0.874  -8.623  1.00 32.89 ? 264 VAL A CG1 1 
ATOM   387  C  CG2 . VAL A 1 49  ? -0.442  -2.241  -9.828  1.00 38.62 ? 264 VAL A CG2 1 
ATOM   388  N  N   . PHE A 1 50  ? 0.536   -1.384  -5.252  1.00 23.99 ? 265 PHE A N   1 
ATOM   389  C  CA  . PHE A 1 50  ? 0.701   -0.573  -4.064  1.00 24.14 ? 265 PHE A CA  1 
ATOM   390  C  C   . PHE A 1 50  ? 1.918   0.340   -4.252  1.00 22.84 ? 265 PHE A C   1 
ATOM   391  O  O   . PHE A 1 50  ? 2.962   -0.098  -4.751  1.00 21.85 ? 265 PHE A O   1 
ATOM   392  C  CB  . PHE A 1 50  ? 0.926   -1.435  -2.823  1.00 23.71 ? 265 PHE A CB  1 
ATOM   393  C  CG  . PHE A 1 50  ? -0.334  -2.024  -2.239  1.00 24.94 ? 265 PHE A CG  1 
ATOM   394  C  CD1 . PHE A 1 50  ? -0.934  -3.139  -2.824  1.00 25.25 ? 265 PHE A CD1 1 
ATOM   395  C  CD2 . PHE A 1 50  ? -0.892  -1.501  -1.083  1.00 25.03 ? 265 PHE A CD2 1 
ATOM   396  C  CE1 . PHE A 1 50  ? -2.076  -3.711  -2.261  1.00 24.58 ? 265 PHE A CE1 1 
ATOM   397  C  CE2 . PHE A 1 50  ? -2.038  -2.065  -0.524  1.00 25.95 ? 265 PHE A CE2 1 
ATOM   398  C  CZ  . PHE A 1 50  ? -2.640  -3.154  -1.138  1.00 25.12 ? 265 PHE A CZ  1 
ATOM   399  N  N   . PHE A 1 51  ? 1.761   1.582   -3.812  1.00 21.90 ? 266 PHE A N   1 
ATOM   400  C  CA  . PHE A 1 51  ? 2.816   2.590   -3.833  1.00 22.28 ? 266 PHE A CA  1 
ATOM   401  C  C   . PHE A 1 51  ? 2.949   3.185   -2.443  1.00 22.02 ? 266 PHE A C   1 
ATOM   402  O  O   . PHE A 1 51  ? 1.995   3.773   -1.928  1.00 22.23 ? 266 PHE A O   1 
ATOM   403  C  CB  . PHE A 1 51  ? 2.447   3.704   -4.794  1.00 22.88 ? 266 PHE A CB  1 
ATOM   404  C  CG  . PHE A 1 51  ? 2.166   3.232   -6.190  1.00 24.30 ? 266 PHE A CG  1 
ATOM   405  C  CD1 . PHE A 1 51  ? 0.886   2.822   -6.565  1.00 25.88 ? 266 PHE A CD1 1 
ATOM   406  C  CD2 . PHE A 1 51  ? 3.186   3.199   -7.138  1.00 26.62 ? 266 PHE A CD2 1 
ATOM   407  C  CE1 . PHE A 1 51  ? 0.641   2.383   -7.869  1.00 27.00 ? 266 PHE A CE1 1 
ATOM   408  C  CE2 . PHE A 1 51  ? 2.950   2.758   -8.431  1.00 26.89 ? 266 PHE A CE2 1 
ATOM   409  C  CZ  . PHE A 1 51  ? 1.673   2.343   -8.791  1.00 26.41 ? 266 PHE A CZ  1 
ATOM   410  N  N   . LEU A 1 52  ? 4.132   3.047   -1.850  1.00 20.96 ? 267 LEU A N   1 
ATOM   411  C  CA  . LEU A 1 52  ? 4.446   3.698   -0.593  1.00 20.17 ? 267 LEU A CA  1 
ATOM   412  C  C   . LEU A 1 52  ? 5.317   4.935   -0.843  1.00 20.26 ? 267 LEU A C   1 
ATOM   413  O  O   . LEU A 1 52  ? 6.399   4.843   -1.462  1.00 20.04 ? 267 LEU A O   1 
ATOM   414  C  CB  . LEU A 1 52  ? 5.165   2.741   0.333   1.00 20.91 ? 267 LEU A CB  1 
ATOM   415  C  CG  . LEU A 1 52  ? 5.569   3.283   1.695   1.00 21.50 ? 267 LEU A CG  1 
ATOM   416  C  CD1 . LEU A 1 52  ? 4.342   3.584   2.563   1.00 21.92 ? 267 LEU A CD1 1 
ATOM   417  C  CD2 . LEU A 1 52  ? 6.496   2.319   2.391   1.00 21.15 ? 267 LEU A CD2 1 
ATOM   418  N  N   . PHE A 1 53  ? 4.845   6.068   -0.330  1.00 19.63 ? 268 PHE A N   1 
ATOM   419  C  CA  . PHE A 1 53  ? 5.571   7.316   -0.358  1.00 21.03 ? 268 PHE A CA  1 
ATOM   420  C  C   . PHE A 1 53  ? 5.874   7.722   1.090   1.00 23.68 ? 268 PHE A C   1 
ATOM   421  O  O   . PHE A 1 53  ? 5.328   7.150   2.020   1.00 23.40 ? 268 PHE A O   1 
ATOM   422  C  CB  . PHE A 1 53  ? 4.722   8.399   -1.017  1.00 20.53 ? 268 PHE A CB  1 
ATOM   423  C  CG  . PHE A 1 53  ? 4.233   8.048   -2.393  1.00 20.82 ? 268 PHE A CG  1 
ATOM   424  C  CD1 . PHE A 1 53  ? 3.034   7.363   -2.568  1.00 20.19 ? 268 PHE A CD1 1 
ATOM   425  C  CD2 . PHE A 1 53  ? 4.962   8.413   -3.524  1.00 22.10 ? 268 PHE A CD2 1 
ATOM   426  C  CE1 . PHE A 1 53  ? 2.576   7.049   -3.820  1.00 21.70 ? 268 PHE A CE1 1 
ATOM   427  C  CE2 . PHE A 1 53  ? 4.500   8.096   -4.801  1.00 22.80 ? 268 PHE A CE2 1 
ATOM   428  C  CZ  . PHE A 1 53  ? 3.299   7.405   -4.944  1.00 22.02 ? 268 PHE A CZ  1 
ATOM   429  N  N   . ASP A 1 54  ? 6.722   8.721   1.295   1.00 22.64 ? 269 ASP A N   1 
ATOM   430  C  CA  . ASP A 1 54  ? 6.764   9.348   2.626   1.00 24.37 ? 269 ASP A CA  1 
ATOM   431  C  C   . ASP A 1 54  ? 5.381   9.903   2.965   1.00 24.65 ? 269 ASP A C   1 
ATOM   432  O  O   . ASP A 1 54  ? 4.805   10.609  2.157   1.00 25.95 ? 269 ASP A O   1 
ATOM   433  C  CB  . ASP A 1 54  ? 7.873   10.412  2.761   1.00 27.42 ? 269 ASP A CB  1 
ATOM   434  C  CG  . ASP A 1 54  ? 7.838   11.496  1.657   1.00 30.29 ? 269 ASP A CG  1 
ATOM   435  O  OD1 . ASP A 1 54  ? 7.438   11.229  0.509   1.00 28.00 ? 269 ASP A OD1 1 
ATOM   436  O  OD2 . ASP A 1 54  ? 8.252   12.629  1.950   1.00 30.80 ? 269 ASP A OD2 1 
ATOM   437  N  N   . ASN A 1 55  ? 4.820   9.491   4.103   1.00 23.45 ? 270 ASN A N   1 
ATOM   438  C  CA  . ASN A 1 55  ? 3.529   9.914   4.595   1.00 24.66 ? 270 ASN A CA  1 
ATOM   439  C  C   . ASN A 1 55  ? 2.295   9.273   3.999   1.00 23.90 ? 270 ASN A C   1 
ATOM   440  O  O   . ASN A 1 55  ? 1.213   9.545   4.490   1.00 23.90 ? 270 ASN A O   1 
ATOM   441  C  CB  . ASN A 1 55  ? 3.376   11.435  4.515   1.00 27.00 ? 270 ASN A CB  1 
ATOM   442  C  CG  . ASN A 1 55  ? 4.443   12.130  5.284   1.00 30.05 ? 270 ASN A CG  1 
ATOM   443  O  OD1 . ASN A 1 55  ? 4.533   11.946  6.470   1.00 32.78 ? 270 ASN A OD1 1 
ATOM   444  N  ND2 . ASN A 1 55  ? 5.300   12.879  4.606   1.00 31.50 ? 270 ASN A ND2 1 
ATOM   445  N  N   . LEU A 1 56  ? 2.418   8.434   2.965   1.00 22.53 ? 271 LEU A N   1 
ATOM   446  C  CA  . LEU A 1 56  ? 1.216   7.917   2.288   1.00 22.33 ? 271 LEU A CA  1 
ATOM   447  C  C   . LEU A 1 56  ? 1.382   6.568   1.617   1.00 22.28 ? 271 LEU A C   1 
ATOM   448  O  O   . LEU A 1 56  ? 2.364   6.338   0.869   1.00 21.92 ? 271 LEU A O   1 
ATOM   449  C  CB  . LEU A 1 56  ? 0.721   8.906   1.226   1.00 23.44 ? 271 LEU A CB  1 
ATOM   450  C  CG  . LEU A 1 56  ? -0.707  8.685   0.742   1.00 24.11 ? 271 LEU A CG  1 
ATOM   451  C  CD1 . LEU A 1 56  ? -1.694  9.105   1.825   1.00 25.47 ? 271 LEU A CD1 1 
ATOM   452  C  CD2 . LEU A 1 56  ? -0.974  9.490   -0.524  1.00 25.62 ? 271 LEU A CD2 1 
ATOM   453  N  N   . LEU A 1 57  ? 0.382   5.704   1.826   1.00 21.23 ? 272 LEU A N   1 
ATOM   454  C  CA  . LEU A 1 57  ? 0.228   4.484   1.028   1.00 21.09 ? 272 LEU A CA  1 
ATOM   455  C  C   . LEU A 1 57  ? -0.942  4.654   0.096   1.00 22.06 ? 272 LEU A C   1 
ATOM   456  O  O   . LEU A 1 57  ? -1.982  5.111   0.527   1.00 22.94 ? 272 LEU A O   1 
ATOM   457  C  CB  . LEU A 1 57  ? -0.010  3.277   1.912   1.00 21.29 ? 272 LEU A CB  1 
ATOM   458  C  CG  . LEU A 1 57  ? -0.102  1.942   1.183   1.00 22.58 ? 272 LEU A CG  1 
ATOM   459  C  CD1 . LEU A 1 57  ? 1.281   1.542   0.713   1.00 22.79 ? 272 LEU A CD1 1 
ATOM   460  C  CD2 . LEU A 1 57  ? -0.729  0.858   2.070   1.00 23.52 ? 272 LEU A CD2 1 
ATOM   461  N  N   . VAL A 1 58  ? -0.741  4.310   -1.174  1.00 20.81 ? 273 VAL A N   1 
ATOM   462  C  CA  . VAL A 1 58  ? -1.768  4.390   -2.197  1.00 22.14 ? 273 VAL A CA  1 
ATOM   463  C  C   . VAL A 1 58  ? -1.823  3.050   -2.880  1.00 23.40 ? 273 VAL A C   1 
ATOM   464  O  O   . VAL A 1 58  ? -0.790  2.471   -3.189  1.00 24.53 ? 273 VAL A O   1 
ATOM   465  C  CB  . VAL A 1 58  ? -1.455  5.491   -3.249  1.00 23.49 ? 273 VAL A CB  1 
ATOM   466  C  CG1 . VAL A 1 58  ? -2.542  5.574   -4.325  1.00 25.02 ? 273 VAL A CG1 1 
ATOM   467  C  CG2 . VAL A 1 58  ? -1.297  6.834   -2.571  1.00 24.33 ? 273 VAL A CG2 1 
ATOM   468  N  N   . TYR A 1 59  ? -3.026  2.554   -3.133  1.00 23.58 ? 274 TYR A N   1 
ATOM   469  C  CA  . TYR A 1 59  ? -3.193  1.360   -3.955  1.00 25.01 ? 274 TYR A CA  1 
ATOM   470  C  C   . TYR A 1 59  ? -4.209  1.579   -5.041  1.00 26.76 ? 274 TYR A C   1 
ATOM   471  O  O   . TYR A 1 59  ? -5.153  2.378   -4.888  1.00 26.25 ? 274 TYR A O   1 
ATOM   472  C  CB  . TYR A 1 59  ? -3.540  0.111   -3.153  1.00 26.12 ? 274 TYR A CB  1 
ATOM   473  C  CG  . TYR A 1 59  ? -4.682  0.238   -2.201  1.00 27.32 ? 274 TYR A CG  1 
ATOM   474  C  CD1 . TYR A 1 59  ? -4.502  0.778   -0.954  1.00 28.50 ? 274 TYR A CD1 1 
ATOM   475  C  CD2 . TYR A 1 59  ? -5.956  -0.244  -2.530  1.00 32.03 ? 274 TYR A CD2 1 
ATOM   476  C  CE1 . TYR A 1 59  ? -5.553  0.900   -0.065  1.00 28.96 ? 274 TYR A CE1 1 
ATOM   477  C  CE2 . TYR A 1 59  ? -7.011  -0.137  -1.643  1.00 32.27 ? 274 TYR A CE2 1 
ATOM   478  C  CZ  . TYR A 1 59  ? -6.794  0.429   -0.408  1.00 33.00 ? 274 TYR A CZ  1 
ATOM   479  O  OH  . TYR A 1 59  ? -7.816  0.538   0.501   1.00 35.44 ? 274 TYR A OH  1 
ATOM   480  N  N   . CYS A 1 60  ? -3.970  0.883   -6.150  1.00 27.74 ? 275 CYS A N   1 
ATOM   481  C  CA  . CYS A 1 60  ? -4.711  1.096   -7.397  1.00 31.62 ? 275 CYS A CA  1 
ATOM   482  C  C   . CYS A 1 60  ? -4.938  -0.229  -8.103  1.00 33.58 ? 275 CYS A C   1 
ATOM   483  O  O   . CYS A 1 60  ? -4.181  -1.188  -7.888  1.00 33.47 ? 275 CYS A O   1 
ATOM   484  C  CB  . CYS A 1 60  ? -3.888  1.937   -8.359  1.00 30.58 ? 275 CYS A CB  1 
ATOM   485  S  SG  . CYS A 1 60  ? -3.433  3.579   -7.801  1.00 35.13 ? 275 CYS A SG  1 
ATOM   486  N  N   . LYS A 1 61  ? -5.941  -0.266  -8.980  1.00 38.79 ? 276 LYS A N   1 
ATOM   487  C  CA  . LYS A 1 61  ? -6.102  -1.398  -9.918  1.00 42.41 ? 276 LYS A CA  1 
ATOM   488  C  C   . LYS A 1 61  ? -5.573  -1.016  -11.303 1.00 44.54 ? 276 LYS A C   1 
ATOM   489  O  O   . LYS A 1 61  ? -5.860  0.072   -11.783 1.00 48.09 ? 276 LYS A O   1 
ATOM   490  C  CB  . LYS A 1 61  ? -7.561  -1.856  -9.999  1.00 47.32 ? 276 LYS A CB  1 
ATOM   491  C  CG  . LYS A 1 61  ? -7.798  -2.875  -11.108 1.00 51.30 ? 276 LYS A CG  1 
ATOM   492  C  CD  . LYS A 1 61  ? -8.998  -3.762  -10.881 1.00 56.22 ? 276 LYS A CD  1 
ATOM   493  C  CE  . LYS A 1 61  ? -10.293 -2.979  -10.897 1.00 59.83 ? 276 LYS A CE  1 
ATOM   494  N  NZ  . LYS A 1 61  ? -11.407 -3.848  -11.377 1.00 62.84 ? 276 LYS A NZ  1 
ATOM   495  N  N   . ARG A 1 62  ? -4.791  -1.900  -11.920 1.00 46.18 ? 277 ARG A N   1 
ATOM   496  C  CA  . ARG A 1 62  ? -4.307  -1.712  -13.300 1.00 54.93 ? 277 ARG A CA  1 
ATOM   497  C  C   . ARG A 1 62  ? -5.445  -1.745  -14.340 1.00 61.75 ? 277 ARG A C   1 
ATOM   498  O  O   . ARG A 1 62  ? -6.624  -1.866  -13.995 1.00 63.83 ? 277 ARG A O   1 
ATOM   499  C  CB  . ARG A 1 62  ? -3.336  -2.832  -13.656 1.00 54.62 ? 277 ARG A CB  1 
ATOM   500  C  CG  . ARG A 1 62  ? -1.955  -2.692  -13.071 1.00 58.09 ? 277 ARG A CG  1 
ATOM   501  C  CD  . ARG A 1 62  ? -1.284  -4.060  -12.932 1.00 59.50 ? 277 ARG A CD  1 
ATOM   502  N  NE  . ARG A 1 62  ? 0.131   -4.044  -13.289 1.00 58.51 ? 277 ARG A NE  1 
ATOM   503  C  CZ  . ARG A 1 62  ? 0.927   -5.109  -13.250 1.00 61.71 ? 277 ARG A CZ  1 
ATOM   504  N  NH1 . ARG A 1 62  ? 0.466   -6.301  -12.856 1.00 62.84 ? 277 ARG A NH1 1 
ATOM   505  N  NH2 . ARG A 1 62  ? 2.205   -4.984  -13.604 1.00 61.63 ? 277 ARG A NH2 1 
ATOM   506  N  N   . LYS A 1 63  ? -5.076  -1.618  -15.615 1.00 70.84 ? 278 LYS A N   1 
ATOM   507  C  CA  . LYS A 1 63  ? -5.913  -2.106  -16.730 1.00 72.92 ? 278 LYS A CA  1 
ATOM   508  C  C   . LYS A 1 63  ? -5.094  -2.262  -18.004 1.00 71.54 ? 278 LYS A C   1 
ATOM   509  O  O   . LYS A 1 63  ? -3.918  -1.889  -18.035 1.00 75.90 ? 278 LYS A O   1 
ATOM   510  C  CB  . LYS A 1 63  ? -7.130  -1.204  -16.971 1.00 73.75 ? 278 LYS A CB  1 
ATOM   511  C  CG  . LYS A 1 63  ? -8.394  -1.992  -17.303 1.00 76.53 ? 278 LYS A CG  1 
ATOM   512  C  CD  . LYS A 1 63  ? -9.633  -1.461  -16.585 1.00 79.35 ? 278 LYS A CD  1 
ATOM   513  C  CE  . LYS A 1 63  ? -10.612 -2.578  -16.233 1.00 78.35 ? 278 LYS A CE  1 
ATOM   514  N  NZ  . LYS A 1 63  ? -11.501 -2.211  -15.099 1.00 75.16 ? 278 LYS A NZ  1 
ATOM   515  N  N   . HIS A 1 77  ? -4.841  7.053   -18.690 1.00 71.52 ? 292 HIS A N   1 
ATOM   516  C  CA  . HIS A 1 77  ? -5.147  6.484   -17.384 1.00 70.36 ? 292 HIS A CA  1 
ATOM   517  C  C   . HIS A 1 77  ? -4.878  4.976   -17.310 1.00 70.22 ? 292 HIS A C   1 
ATOM   518  O  O   . HIS A 1 77  ? -5.736  4.166   -17.649 1.00 72.56 ? 292 HIS A O   1 
ATOM   519  C  CB  . HIS A 1 77  ? -6.604  6.764   -16.998 1.00 70.54 ? 292 HIS A CB  1 
ATOM   520  C  CG  . HIS A 1 77  ? -6.873  8.170   -16.553 1.00 72.53 ? 292 HIS A CG  1 
ATOM   521  N  ND1 . HIS A 1 77  ? -5.935  8.959   -15.916 1.00 73.09 ? 292 HIS A ND1 1 
ATOM   522  C  CD2 . HIS A 1 77  ? -8.002  8.916   -16.617 1.00 73.79 ? 292 HIS A CD2 1 
ATOM   523  C  CE1 . HIS A 1 77  ? -6.465  10.134  -15.628 1.00 72.89 ? 292 HIS A CE1 1 
ATOM   524  N  NE2 . HIS A 1 77  ? -7.719  10.133  -16.042 1.00 77.34 ? 292 HIS A NE2 1 
ATOM   525  N  N   . ARG A 1 78  ? -3.684  4.617   -16.849 1.00 68.03 ? 293 ARG A N   1 
ATOM   526  C  CA  . ARG A 1 78  ? -3.303  3.223   -16.638 1.00 67.46 ? 293 ARG A CA  1 
ATOM   527  C  C   . ARG A 1 78  ? -3.911  2.626   -15.343 1.00 61.15 ? 293 ARG A C   1 
ATOM   528  O  O   . ARG A 1 78  ? -4.441  1.508   -15.354 1.00 57.98 ? 293 ARG A O   1 
ATOM   529  C  CB  . ARG A 1 78  ? -1.778  3.141   -16.600 1.00 73.15 ? 293 ARG A CB  1 
ATOM   530  C  CG  . ARG A 1 78  ? -1.210  1.748   -16.413 1.00 77.24 ? 293 ARG A CG  1 
ATOM   531  C  CD  . ARG A 1 78  ? 0.275   1.829   -16.112 1.00 83.02 ? 293 ARG A CD  1 
ATOM   532  N  NE  . ARG A 1 78  ? 1.067   2.022   -17.318 1.00 85.66 ? 293 ARG A NE  1 
ATOM   533  C  CZ  . ARG A 1 78  ? 1.376   1.064   -18.197 1.00 87.73 ? 293 ARG A CZ  1 
ATOM   534  N  NH1 . ARG A 1 78  ? 0.949   -0.196  -18.041 1.00 84.44 ? 293 ARG A NH1 1 
ATOM   535  N  NH2 . ARG A 1 78  ? 2.117   1.375   -19.259 1.00 89.23 ? 293 ARG A NH2 1 
ATOM   536  N  N   . TYR A 1 79  ? -3.816  3.363   -14.237 1.00 53.35 ? 294 TYR A N   1 
ATOM   537  C  CA  . TYR A 1 79  ? -4.249  2.864   -12.922 1.00 48.82 ? 294 TYR A CA  1 
ATOM   538  C  C   . TYR A 1 79  ? -5.590  3.492   -12.526 1.00 46.99 ? 294 TYR A C   1 
ATOM   539  O  O   . TYR A 1 79  ? -5.879  4.646   -12.869 1.00 48.88 ? 294 TYR A O   1 
ATOM   540  C  CB  . TYR A 1 79  ? -3.156  3.096   -11.835 1.00 44.58 ? 294 TYR A CB  1 
ATOM   541  C  CG  . TYR A 1 79  ? -1.733  2.626   -12.167 1.00 43.27 ? 294 TYR A CG  1 
ATOM   542  C  CD1 . TYR A 1 79  ? -1.378  1.268   -12.155 1.00 45.67 ? 294 TYR A CD1 1 
ATOM   543  C  CD2 . TYR A 1 79  ? -0.734  3.541   -12.469 1.00 45.29 ? 294 TYR A CD2 1 
ATOM   544  C  CE1 . TYR A 1 79  ? -0.072  0.847   -12.455 1.00 44.49 ? 294 TYR A CE1 1 
ATOM   545  C  CE2 . TYR A 1 79  ? 0.576   3.139   -12.773 1.00 44.27 ? 294 TYR A CE2 1 
ATOM   546  C  CZ  . TYR A 1 79  ? 0.920   1.790   -12.773 1.00 48.63 ? 294 TYR A CZ  1 
ATOM   547  O  OH  . TYR A 1 79  ? 2.242   1.412   -13.113 1.00 40.49 ? 294 TYR A OH  1 
ATOM   548  N  N   . LEU A 1 80  ? -6.430  2.723   -11.832 1.00 44.42 ? 295 LEU A N   1 
ATOM   549  C  CA  . LEU A 1 80  ? -7.640  3.244   -11.203 1.00 43.70 ? 295 LEU A CA  1 
ATOM   550  C  C   . LEU A 1 80  ? -7.407  3.313   -9.696  1.00 41.08 ? 295 LEU A C   1 
ATOM   551  O  O   . LEU A 1 80  ? -7.048  2.295   -9.091  1.00 36.67 ? 295 LEU A O   1 
ATOM   552  C  CB  . LEU A 1 80  ? -8.861  2.358   -11.485 1.00 50.60 ? 295 LEU A CB  1 
ATOM   553  C  CG  . LEU A 1 80  ? -9.329  2.198   -12.949 1.00 56.17 ? 295 LEU A CG  1 
ATOM   554  C  CD1 . LEU A 1 80  ? -8.555  1.107   -13.688 1.00 58.27 ? 295 LEU A CD1 1 
ATOM   555  C  CD2 . LEU A 1 80  ? -10.831 1.914   -13.005 1.00 57.02 ? 295 LEU A CD2 1 
ATOM   556  N  N   . PHE A 1 81  ? -7.622  4.496   -9.109  1.00 35.79 ? 296 PHE A N   1 
ATOM   557  C  CA  . PHE A 1 81  ? -7.455  4.730   -7.678  1.00 34.05 ? 296 PHE A CA  1 
ATOM   558  C  C   . PHE A 1 81  ? -8.364  3.809   -6.871  1.00 38.26 ? 296 PHE A C   1 
ATOM   559  O  O   . PHE A 1 81  ? -9.567  3.752   -7.126  1.00 36.03 ? 296 PHE A O   1 
ATOM   560  C  CB  . PHE A 1 81  ? -7.825  6.165   -7.336  1.00 33.68 ? 296 PHE A CB  1 
ATOM   561  C  CG  . PHE A 1 81  ? -7.652  6.513   -5.887  1.00 32.69 ? 296 PHE A CG  1 
ATOM   562  C  CD1 . PHE A 1 81  ? -8.679  6.311   -4.962  1.00 32.17 ? 296 PHE A CD1 1 
ATOM   563  C  CD2 . PHE A 1 81  ? -6.451  7.038   -5.435  1.00 31.80 ? 296 PHE A CD2 1 
ATOM   564  C  CE1 . PHE A 1 81  ? -8.519  6.645   -3.620  1.00 32.10 ? 296 PHE A CE1 1 
ATOM   565  C  CE2 . PHE A 1 81  ? -6.286  7.369   -4.097  1.00 29.60 ? 296 PHE A CE2 1 
ATOM   566  C  CZ  . PHE A 1 81  ? -7.316  7.169   -3.188  1.00 30.78 ? 296 PHE A CZ  1 
ATOM   567  N  N   . ARG A 1 82  ? -7.803  3.124   -5.874  1.00 34.22 ? 297 ARG A N   1 
ATOM   568  C  CA  . ARG A 1 82  ? -8.607  2.314   -4.962  1.00 34.48 ? 297 ARG A CA  1 
ATOM   569  C  C   . ARG A 1 82  ? -8.580  2.746   -3.495  1.00 34.53 ? 297 ARG A C   1 
ATOM   570  O  O   . ARG A 1 82  ? -9.581  2.631   -2.790  1.00 34.72 ? 297 ARG A O   1 
ATOM   571  C  CB  . ARG A 1 82  ? -8.256  0.839   -5.160  1.00 36.49 ? 297 ARG A CB  1 
ATOM   572  C  CG  . ARG A 1 82  ? -8.805  0.279   -6.461  1.00 38.74 ? 297 ARG A CG  1 
ATOM   573  C  CD  . ARG A 1 82  ? -10.303 -0.011  -6.340  1.00 44.06 ? 297 ARG A CD  1 
ATOM   574  N  NE  . ARG A 1 82  ? -10.905 -0.448  -7.600  1.00 49.07 ? 297 ARG A NE  1 
ATOM   575  C  CZ  . ARG A 1 82  ? -11.271 0.353   -8.610  1.00 57.17 ? 297 ARG A CZ  1 
ATOM   576  N  NH1 . ARG A 1 82  ? -11.084 1.675   -8.569  1.00 56.98 ? 297 ARG A NH1 1 
ATOM   577  N  NH2 . ARG A 1 82  ? -11.821 -0.178  -9.701  1.00 58.10 ? 297 ARG A NH2 1 
ATOM   578  N  N   . GLY A 1 83  ? -7.459  3.264   -3.020  1.00 29.14 ? 298 GLY A N   1 
ATOM   579  C  CA  . GLY A 1 83  ? -7.441  3.804   -1.686  1.00 28.35 ? 298 GLY A CA  1 
ATOM   580  C  C   . GLY A 1 83  ? -6.121  4.459   -1.331  1.00 26.13 ? 298 GLY A C   1 
ATOM   581  O  O   . GLY A 1 83  ? -5.134  4.314   -2.028  1.00 25.82 ? 298 GLY A O   1 
ATOM   582  N  N   . ARG A 1 84  ? -6.135  5.185   -0.237  1.00 25.57 ? 299 ARG A N   1 
ATOM   583  C  CA  . ARG A 1 84  ? -4.958  5.851   0.302   1.00 26.00 ? 299 ARG A CA  1 
ATOM   584  C  C   . ARG A 1 84  ? -5.021  5.757   1.809   1.00 26.30 ? 299 ARG A C   1 
ATOM   585  O  O   . ARG A 1 84  ? -6.117  5.753   2.386   1.00 27.51 ? 299 ARG A O   1 
ATOM   586  C  CB  . ARG A 1 84  ? -4.938  7.305   -0.137  1.00 27.20 ? 299 ARG A CB  1 
ATOM   587  C  CG  . ARG A 1 84  ? -6.153  8.102   0.315   1.00 29.62 ? 299 ARG A CG  1 
ATOM   588  C  CD  . ARG A 1 84  ? -6.141  9.488   -0.279  1.00 29.83 ? 299 ARG A CD  1 
ATOM   589  N  NE  . ARG A 1 84  ? -5.124  10.331  0.339   1.00 29.89 ? 299 ARG A NE  1 
ATOM   590  C  CZ  . ARG A 1 84  ? -4.572  11.397  -0.231  1.00 28.82 ? 299 ARG A CZ  1 
ATOM   591  N  NH1 . ARG A 1 84  ? -4.892  11.765  -1.483  1.00 29.19 ? 299 ARG A NH1 1 
ATOM   592  N  NH2 . ARG A 1 84  ? -3.677  12.091  0.447   1.00 29.82 ? 299 ARG A NH2 1 
ATOM   593  N  N   . ILE A 1 85  ? -3.872  5.653   2.454   1.00 24.35 ? 300 ILE A N   1 
ATOM   594  C  CA  . ILE A 1 85  ? -3.801  5.617   3.905   1.00 24.98 ? 300 ILE A CA  1 
ATOM   595  C  C   . ILE A 1 85  ? -2.651  6.491   4.338   1.00 25.11 ? 300 ILE A C   1 
ATOM   596  O  O   . ILE A 1 85  ? -1.496  6.283   3.911   1.00 24.52 ? 300 ILE A O   1 
ATOM   597  C  CB  . ILE A 1 85  ? -3.530  4.182   4.465   1.00 24.52 ? 300 ILE A CB  1 
ATOM   598  C  CG1 . ILE A 1 85  ? -4.493  3.157   3.880   1.00 26.05 ? 300 ILE A CG1 1 
ATOM   599  C  CG2 . ILE A 1 85  ? -3.625  4.201   5.988   1.00 24.85 ? 300 ILE A CG2 1 
ATOM   600  C  CD1 . ILE A 1 85  ? -4.115  1.718   4.185   1.00 27.15 ? 300 ILE A CD1 1 
ATOM   601  N  N   . ASN A 1 86  ? -2.936  7.464   5.201   1.00 25.42 ? 301 ASN A N   1 
ATOM   602  C  CA  . ASN A 1 86  ? -1.869  8.262   5.813   1.00 25.96 ? 301 ASN A CA  1 
ATOM   603  C  C   . ASN A 1 86  ? -1.070  7.276   6.656   1.00 24.89 ? 301 ASN A C   1 
ATOM   604  O  O   . ASN A 1 86  ? -1.623  6.550   7.472   1.00 24.34 ? 301 ASN A O   1 
ATOM   605  C  CB  . ASN A 1 86  ? -2.465  9.392   6.662   1.00 29.17 ? 301 ASN A CB  1 
ATOM   606  C  CG  . ASN A 1 86  ? -1.410  10.286  7.332   1.00 33.39 ? 301 ASN A CG  1 
ATOM   607  O  OD1 . ASN A 1 86  ? -0.293  9.880   7.650   1.00 31.93 ? 301 ASN A OD1 1 
ATOM   608  N  ND2 . ASN A 1 86  ? -1.798  11.529  7.578   1.00 37.25 ? 301 ASN A ND2 1 
ATOM   609  N  N   . THR A 1 87  ? 0.237   7.244   6.458   1.00 24.83 ? 302 THR A N   1 
ATOM   610  C  CA  . THR A 1 87  ? 1.051   6.273   7.151   1.00 24.56 ? 302 THR A CA  1 
ATOM   611  C  C   . THR A 1 87  ? 1.046   6.412   8.689   1.00 27.43 ? 302 THR A C   1 
ATOM   612  O  O   . THR A 1 87  ? 1.342   5.448   9.369   1.00 24.78 ? 302 THR A O   1 
ATOM   613  C  CB  . THR A 1 87  ? 2.490   6.247   6.667   1.00 24.47 ? 302 THR A CB  1 
ATOM   614  O  OG1 . THR A 1 87  ? 3.047   7.562   6.703   1.00 22.97 ? 302 THR A OG1 1 
ATOM   615  C  CG2 . THR A 1 87  ? 2.555   5.611   5.214   1.00 23.67 ? 302 THR A CG2 1 
ATOM   616  N  N   . GLU A 1 88  ? 0.718   7.593   9.209   1.00 29.65 ? 303 GLU A N   1 
ATOM   617  C  CA  . GLU A 1 88  ? 0.495   7.804   10.664  1.00 33.73 ? 303 GLU A CA  1 
ATOM   618  C  C   . GLU A 1 88  ? -0.644  7.004   11.278  1.00 31.73 ? 303 GLU A C   1 
ATOM   619  O  O   . GLU A 1 88  ? -0.669  6.796   12.477  1.00 34.09 ? 303 GLU A O   1 
ATOM   620  C  CB  . GLU A 1 88  ? 0.133   9.253   10.924  1.00 39.58 ? 303 GLU A CB  1 
ATOM   621  C  CG  . GLU A 1 88  ? 1.263   10.231  10.889  1.00 46.22 ? 303 GLU A CG  1 
ATOM   622  C  CD  . GLU A 1 88  ? 0.770   11.564  11.419  1.00 51.15 ? 303 GLU A CD  1 
ATOM   623  O  OE1 . GLU A 1 88  ? -0.116  12.170  10.778  1.00 48.57 ? 303 GLU A OE1 1 
ATOM   624  O  OE2 . GLU A 1 88  ? 1.227   11.949  12.510  1.00 56.59 ? 303 GLU A OE2 1 
ATOM   625  N  N   . VAL A 1 89  ? -1.617  6.621   10.471  1.00 30.17 ? 304 VAL A N   1 
ATOM   626  C  CA  . VAL A 1 89  ? -2.764  5.862   10.933  1.00 30.99 ? 304 VAL A CA  1 
ATOM   627  C  C   . VAL A 1 89  ? -2.736  4.448   10.356  1.00 31.11 ? 304 VAL A C   1 
ATOM   628  O  O   . VAL A 1 89  ? -3.745  3.770   10.347  1.00 34.15 ? 304 VAL A O   1 
ATOM   629  C  CB  . VAL A 1 89  ? -4.098  6.588   10.597  1.00 32.44 ? 304 VAL A CB  1 
ATOM   630  C  CG1 . VAL A 1 89  ? -4.123  8.004   11.189  1.00 34.86 ? 304 VAL A CG1 1 
ATOM   631  C  CG2 . VAL A 1 89  ? -4.384  6.642   9.107   1.00 33.80 ? 304 VAL A CG2 1 
ATOM   632  N  N   . MET A 1 90  ? -1.577  3.994   9.875   1.00 28.03 ? 305 MET A N   1 
ATOM   633  C  CA  . MET A 1 90  ? -1.484  2.694   9.238   1.00 27.30 ? 305 MET A CA  1 
ATOM   634  C  C   . MET A 1 90  ? -0.751  1.807   10.218  1.00 26.90 ? 305 MET A C   1 
ATOM   635  O  O   . MET A 1 90  ? 0.332   2.160   10.664  1.00 28.85 ? 305 MET A O   1 
ATOM   636  C  CB  . MET A 1 90  ? -0.682  2.756   7.936   1.00 26.60 ? 305 MET A CB  1 
ATOM   637  C  CG  . MET A 1 90  ? -0.718  1.468   7.156   1.00 27.71 ? 305 MET A CG  1 
ATOM   638  S  SD  . MET A 1 90  ? 0.292   1.537   5.660   1.00 30.02 ? 305 MET A SD  1 
ATOM   639  C  CE  . MET A 1 90  ? 1.943   1.565   6.300   1.00 26.95 ? 305 MET A CE  1 
ATOM   640  N  N   . GLU A 1 91  ? -1.332  0.656   10.511  1.00 26.01 ? 306 GLU A N   1 
ATOM   641  C  CA  . GLU A 1 91  ? -0.679  -0.350  11.336  1.00 28.37 ? 306 GLU A CA  1 
ATOM   642  C  C   . GLU A 1 91  ? -0.565  -1.643  10.559  1.00 25.18 ? 306 GLU A C   1 
ATOM   643  O  O   . GLU A 1 91  ? -1.344  -1.905  9.654   1.00 25.76 ? 306 GLU A O   1 
ATOM   644  C  CB  . GLU A 1 91  ? -1.406  -0.504  12.680  1.00 32.04 ? 306 GLU A CB  1 
ATOM   645  C  CG  . GLU A 1 91  ? -1.215  0.779   13.486  1.00 36.81 ? 306 GLU A CG  1 
ATOM   646  C  CD  . GLU A 1 91  ? -1.739  0.762   14.919  1.00 43.16 ? 306 GLU A CD  1 
ATOM   647  O  OE1 . GLU A 1 91  ? -2.450  -0.184  15.323  1.00 42.07 ? 306 GLU A OE1 1 
ATOM   648  O  OE2 . GLU A 1 91  ? -1.445  1.757   15.633  1.00 46.22 ? 306 GLU A OE2 1 
ATOM   649  N  N   . VAL A 1 92  ? 0.435   -2.426  10.920  1.00 25.06 ? 307 VAL A N   1 
ATOM   650  C  CA  . VAL A 1 92  ? 0.776   -3.658  10.217  1.00 25.47 ? 307 VAL A CA  1 
ATOM   651  C  C   . VAL A 1 92  ? 0.851   -4.820  11.188  1.00 26.64 ? 307 VAL A C   1 
ATOM   652  O  O   . VAL A 1 92  ? 1.329   -4.677  12.316  1.00 27.20 ? 307 VAL A O   1 
ATOM   653  C  CB  . VAL A 1 92  ? 2.121   -3.542  9.491   1.00 25.64 ? 307 VAL A CB  1 
ATOM   654  C  CG1 . VAL A 1 92  ? 2.485   -4.869  8.832   1.00 25.90 ? 307 VAL A CG1 1 
ATOM   655  C  CG2 . VAL A 1 92  ? 2.086   -2.399  8.505   1.00 26.23 ? 307 VAL A CG2 1 
ATOM   656  N  N   . GLU A 1 93  ? 0.384   -5.975  10.745  1.00 25.72 ? 308 GLU A N   1 
ATOM   657  C  CA  . GLU A 1 93  ? 0.511   -7.186  11.542  1.00 27.47 ? 308 GLU A CA  1 
ATOM   658  C  C   . GLU A 1 93  ? 0.923   -8.331  10.655  1.00 25.42 ? 308 GLU A C   1 
ATOM   659  O  O   . GLU A 1 93  ? 0.294   -8.596  9.633   1.00 24.85 ? 308 GLU A O   1 
ATOM   660  C  CB  . GLU A 1 93  ? -0.824  -7.421  12.264  1.00 32.00 ? 308 GLU A CB  1 
ATOM   661  C  CG  . GLU A 1 93  ? -0.972  -8.712  13.027  1.00 37.08 ? 308 GLU A CG  1 
ATOM   662  C  CD  . GLU A 1 93  ? -2.363  -8.852  13.636  1.00 41.22 ? 308 GLU A CD  1 
ATOM   663  O  OE1 . GLU A 1 93  ? -2.985  -7.822  13.991  1.00 46.00 ? 308 GLU A OE1 1 
ATOM   664  O  OE2 . GLU A 1 93  ? -2.829  -9.997  13.740  1.00 48.21 ? 308 GLU A OE2 1 
ATOM   665  N  N   . ASN A 1 94  ? 1.994   -9.022  11.039  1.00 24.83 ? 309 ASN A N   1 
ATOM   666  C  CA  . ASN A 1 94  ? 2.414   -10.177 10.296  1.00 25.40 ? 309 ASN A CA  1 
ATOM   667  C  C   . ASN A 1 94  ? 1.341   -11.265 10.382  1.00 26.16 ? 309 ASN A C   1 
ATOM   668  O  O   . ASN A 1 94  ? 0.648   -11.373 11.385  1.00 26.90 ? 309 ASN A O   1 
ATOM   669  C  CB  . ASN A 1 94  ? 3.714   -10.742 10.837  1.00 27.03 ? 309 ASN A CB  1 
ATOM   670  C  CG  . ASN A 1 94  ? 4.240   -11.854 9.980   1.00 26.58 ? 309 ASN A CG  1 
ATOM   671  O  OD1 . ASN A 1 94  ? 4.444   -11.669 8.791   1.00 27.05 ? 309 ASN A OD1 1 
ATOM   672  N  ND2 . ASN A 1 94  ? 4.439   -13.021 10.560  1.00 29.95 ? 309 ASN A ND2 1 
ATOM   673  N  N   . VAL A 1 95  ? 1.217   -12.018 9.304   1.00 25.44 ? 310 VAL A N   1 
ATOM   674  C  CA  . VAL A 1 95  ? 0.489   -13.279 9.277   1.00 26.74 ? 310 VAL A CA  1 
ATOM   675  C  C   . VAL A 1 95  ? 1.462   -14.393 8.920   1.00 26.44 ? 310 VAL A C   1 
ATOM   676  O  O   . VAL A 1 95  ? 2.188   -14.278 7.961   1.00 28.10 ? 310 VAL A O   1 
ATOM   677  C  CB  . VAL A 1 95  ? -0.652  -13.228 8.256   1.00 24.99 ? 310 VAL A CB  1 
ATOM   678  C  CG1 . VAL A 1 95  ? -1.414  -14.564 8.243   1.00 25.92 ? 310 VAL A CG1 1 
ATOM   679  C  CG2 . VAL A 1 95  ? -1.603  -12.106 8.629   1.00 26.43 ? 310 VAL A CG2 1 
ATOM   680  N  N   . ASP A 1 96  ? 1.453   -15.467 9.701   1.00 30.85 ? 311 ASP A N   1 
ATOM   681  C  CA  . ASP A 1 96  ? 2.314   -16.623 9.459   1.00 34.26 ? 311 ASP A CA  1 
ATOM   682  C  C   . ASP A 1 96  ? 1.708   -17.451 8.345   1.00 33.75 ? 311 ASP A C   1 
ATOM   683  O  O   . ASP A 1 96  ? 0.478   -17.631 8.288   1.00 32.12 ? 311 ASP A O   1 
ATOM   684  C  CB  . ASP A 1 96  ? 2.424   -17.504 10.717  1.00 38.55 ? 311 ASP A CB  1 
ATOM   685  C  CG  . ASP A 1 96  ? 3.067   -16.782 11.906  1.00 45.26 ? 311 ASP A CG  1 
ATOM   686  O  OD1 . ASP A 1 96  ? 4.088   -16.084 11.707  1.00 52.58 ? 311 ASP A OD1 1 
ATOM   687  O  OD2 . ASP A 1 96  ? 2.548   -16.932 13.048  1.00 53.36 ? 311 ASP A OD2 1 
ATOM   688  N  N   . ASP A 1 97  ? 2.572   -17.958 7.477   1.00 32.04 ? 312 ASP A N   1 
ATOM   689  C  CA  . ASP A 1 97  ? 2.179   -18.809 6.362   1.00 34.08 ? 312 ASP A CA  1 
ATOM   690  C  C   . ASP A 1 97  ? 1.238   -19.955 6.800   1.00 34.30 ? 312 ASP A C   1 
ATOM   691  O  O   . ASP A 1 97  ? 1.457   -20.581 7.851   1.00 30.84 ? 312 ASP A O   1 
ATOM   692  C  CB  . ASP A 1 97  ? 3.417   -19.395 5.703   1.00 36.50 ? 312 ASP A CB  1 
ATOM   693  C  CG  . ASP A 1 97  ? 4.220   -18.378 4.933   1.00 39.02 ? 312 ASP A CG  1 
ATOM   694  O  OD1 . ASP A 1 97  ? 3.853   -17.173 4.861   1.00 33.06 ? 312 ASP A OD1 1 
ATOM   695  O  OD2 . ASP A 1 97  ? 5.252   -18.812 4.374   1.00 38.58 ? 312 ASP A OD2 1 
ATOM   696  N  N   . GLY A 1 98  ? 0.149   -20.151 6.051   1.00 34.17 ? 313 GLY A N   1 
ATOM   697  C  CA  . GLY A 1 98  ? -0.790  -21.254 6.300   1.00 33.48 ? 313 GLY A CA  1 
ATOM   698  C  C   . GLY A 1 98  ? -1.970  -20.880 7.178   1.00 33.93 ? 313 GLY A C   1 
ATOM   699  O  O   . GLY A 1 98  ? -2.893  -21.675 7.349   1.00 33.05 ? 313 GLY A O   1 
ATOM   700  N  N   . THR A 1 99  ? -1.948  -19.676 7.742   1.00 31.32 ? 314 THR A N   1 
ATOM   701  C  CA  . THR A 1 99  ? -3.066  -19.138 8.493   1.00 31.51 ? 314 THR A CA  1 
ATOM   702  C  C   . THR A 1 99  ? -4.186  -18.776 7.517   1.00 31.44 ? 314 THR A C   1 
ATOM   703  O  O   . THR A 1 99  ? -3.930  -18.289 6.412   1.00 27.27 ? 314 THR A O   1 
ATOM   704  C  CB  . THR A 1 99  ? -2.611  -17.880 9.259   1.00 32.70 ? 314 THR A CB  1 
ATOM   705  O  OG1 . THR A 1 99  ? -1.443  -18.213 10.018  1.00 33.66 ? 314 THR A OG1 1 
ATOM   706  C  CG2 . THR A 1 99  ? -3.698  -17.323 10.175  1.00 33.18 ? 314 THR A CG2 1 
ATOM   707  N  N   . ALA A 1 100 ? -5.414  -19.032 7.963   1.00 30.59 ? 315 ALA A N   1 
ATOM   708  C  CA  . ALA A 1 100 ? -6.628  -18.753 7.217   1.00 31.95 ? 315 ALA A CA  1 
ATOM   709  C  C   . ALA A 1 100 ? -7.033  -17.306 7.404   1.00 31.24 ? 315 ALA A C   1 
ATOM   710  O  O   . ALA A 1 100 ? -6.891  -16.737 8.494   1.00 31.91 ? 315 ALA A O   1 
ATOM   711  C  CB  . ALA A 1 100 ? -7.763  -19.665 7.720   1.00 33.02 ? 315 ALA A CB  1 
ATOM   712  N  N   . ASP A 1 101 ? -7.530  -16.709 6.341   1.00 28.94 ? 316 ASP A N   1 
ATOM   713  C  CA  . ASP A 1 101 ? -8.239  -15.453 6.413   1.00 29.88 ? 316 ASP A CA  1 
ATOM   714  C  C   . ASP A 1 101 ? -9.688  -15.904 6.327   1.00 31.81 ? 316 ASP A C   1 
ATOM   715  O  O   . ASP A 1 101 ? -10.014 -16.718 5.472   1.00 27.80 ? 316 ASP A O   1 
ATOM   716  C  CB  . ASP A 1 101 ? -7.897  -14.579 5.207   1.00 32.58 ? 316 ASP A CB  1 
ATOM   717  C  CG  . ASP A 1 101 ? -8.735  -13.311 5.138   1.00 33.41 ? 316 ASP A CG  1 
ATOM   718  O  OD1 . ASP A 1 101 ? -8.388  -12.326 5.787   1.00 37.09 ? 316 ASP A OD1 1 
ATOM   719  O  OD2 . ASP A 1 101 ? -9.726  -13.274 4.406   1.00 38.90 ? 316 ASP A OD2 1 
ATOM   720  N  N   . PHE A 1 102 ? -10.553 -15.396 7.192   1.00 36.61 ? 317 PHE A N   1 
ATOM   721  C  CA  . PHE A 1 102 ? -11.928 -15.916 7.275   1.00 41.78 ? 317 PHE A CA  1 
ATOM   722  C  C   . PHE A 1 102 ? -12.977 -15.096 6.535   1.00 46.04 ? 317 PHE A C   1 
ATOM   723  O  O   . PHE A 1 102 ? -14.161 -15.335 6.676   1.00 60.88 ? 317 PHE A O   1 
ATOM   724  C  CB  . PHE A 1 102 ? -12.299 -16.129 8.743   1.00 38.45 ? 317 PHE A CB  1 
ATOM   725  C  CG  . PHE A 1 102 ? -11.578 -17.270 9.365   1.00 38.25 ? 317 PHE A CG  1 
ATOM   726  C  CD1 . PHE A 1 102 ? -11.763 -18.547 8.887   1.00 37.71 ? 317 PHE A CD1 1 
ATOM   727  C  CD2 . PHE A 1 102 ? -10.693 -17.077 10.404  1.00 38.15 ? 317 PHE A CD2 1 
ATOM   728  C  CE1 . PHE A 1 102 ? -11.097 -19.620 9.433   1.00 39.16 ? 317 PHE A CE1 1 
ATOM   729  C  CE2 . PHE A 1 102 ? -10.017 -18.148 10.955  1.00 41.32 ? 317 PHE A CE2 1 
ATOM   730  C  CZ  . PHE A 1 102 ? -10.221 -19.426 10.474  1.00 41.98 ? 317 PHE A CZ  1 
ATOM   731  N  N   . HIS A 1 103 ? -12.565 -14.180 5.684   1.00 51.93 ? 318 HIS A N   1 
ATOM   732  C  CA  . HIS A 1 103 ? -13.543 -13.334 5.031   1.00 55.82 ? 318 HIS A CA  1 
ATOM   733  C  C   . HIS A 1 103 ? -14.131 -13.995 3.767   1.00 50.01 ? 318 HIS A C   1 
ATOM   734  O  O   . HIS A 1 103 ? -13.434 -14.689 3.017   1.00 41.81 ? 318 HIS A O   1 
ATOM   735  C  CB  . HIS A 1 103 ? -12.974 -11.922 4.892   1.00 62.46 ? 318 HIS A CB  1 
ATOM   736  C  CG  . HIS A 1 103 ? -12.856 -11.234 6.222   1.00 72.28 ? 318 HIS A CG  1 
ATOM   737  N  ND1 . HIS A 1 103 ? -11.981 -11.656 7.204   1.00 77.13 ? 318 HIS A ND1 1 
ATOM   738  C  CD2 . HIS A 1 103 ? -13.576 -10.225 6.771   1.00 74.95 ? 318 HIS A CD2 1 
ATOM   739  C  CE1 . HIS A 1 103 ? -12.137 -10.910 8.283   1.00 77.30 ? 318 HIS A CE1 1 
ATOM   740  N  NE2 . HIS A 1 103 ? -13.097 -10.033 8.046   1.00 79.04 ? 318 HIS A NE2 1 
ATOM   741  N  N   . SER A 1 104 ? -15.452 -13.824 3.609   1.00 51.63 ? 319 SER A N   1 
ATOM   742  C  CA  . SER A 1 104 ? -16.287 -14.603 2.677   1.00 47.31 ? 319 SER A CA  1 
ATOM   743  C  C   . SER A 1 104 ? -15.925 -16.106 2.796   1.00 40.33 ? 319 SER A C   1 
ATOM   744  O  O   . SER A 1 104 ? -15.890 -16.616 3.905   1.00 38.05 ? 319 SER A O   1 
ATOM   745  C  CB  . SER A 1 104 ? -16.174 -14.044 1.257   1.00 51.46 ? 319 SER A CB  1 
ATOM   746  O  OG  . SER A 1 104 ? -17.185 -14.545 0.409   1.00 60.69 ? 319 SER A OG  1 
ATOM   747  N  N   . SER A 1 105 ? -15.618 -16.803 1.700   1.00 35.09 ? 320 SER A N   1 
ATOM   748  C  CA  . SER A 1 105 ? -15.340 -18.237 1.780   1.00 37.07 ? 320 SER A CA  1 
ATOM   749  C  C   . SER A 1 105 ? -13.901 -18.573 2.234   1.00 35.01 ? 320 SER A C   1 
ATOM   750  O  O   . SER A 1 105 ? -13.550 -19.747 2.371   1.00 31.70 ? 320 SER A O   1 
ATOM   751  C  CB  . SER A 1 105 ? -15.697 -18.924 0.454   1.00 41.27 ? 320 SER A CB  1 
ATOM   752  O  OG  . SER A 1 105 ? -14.845 -18.520 -0.602  1.00 46.81 ? 320 SER A OG  1 
ATOM   753  N  N   . GLY A 1 106 ? -13.077 -17.551 2.470   1.00 30.92 ? 321 GLY A N   1 
ATOM   754  C  CA  . GLY A 1 106 ? -11.763 -17.756 3.077   1.00 29.42 ? 321 GLY A CA  1 
ATOM   755  C  C   . GLY A 1 106 ? -10.614 -18.033 2.118   1.00 27.38 ? 321 GLY A C   1 
ATOM   756  O  O   . GLY A 1 106 ? -10.786 -18.378 0.925   1.00 25.46 ? 321 GLY A O   1 
ATOM   757  N  N   . HIS A 1 107 ? -9.408  -17.876 2.638   1.00 26.11 ? 322 HIS A N   1 
ATOM   758  C  CA  . HIS A 1 107 ? -8.196  -18.008 1.837   1.00 27.75 ? 322 HIS A CA  1 
ATOM   759  C  C   . HIS A 1 107 ? -7.054  -18.410 2.745   1.00 27.60 ? 322 HIS A C   1 
ATOM   760  O  O   . HIS A 1 107 ? -7.039  -18.024 3.936   1.00 28.22 ? 322 HIS A O   1 
ATOM   761  C  CB  . HIS A 1 107 ? -7.857  -16.650 1.181   1.00 32.45 ? 322 HIS A CB  1 
ATOM   762  C  CG  . HIS A 1 107 ? -8.957  -16.098 0.335   1.00 36.75 ? 322 HIS A CG  1 
ATOM   763  N  ND1 . HIS A 1 107 ? -9.128  -16.450 -0.990  1.00 41.47 ? 322 HIS A ND1 1 
ATOM   764  C  CD2 . HIS A 1 107 ? -9.975  -15.248 0.638   1.00 40.76 ? 322 HIS A CD2 1 
ATOM   765  C  CE1 . HIS A 1 107 ? -10.196 -15.833 -1.469  1.00 42.48 ? 322 HIS A CE1 1 
ATOM   766  N  NE2 . HIS A 1 107 ? -10.722 -15.090 -0.503  1.00 41.71 ? 322 HIS A NE2 1 
ATOM   767  N  N   . ILE A 1 108 ? -6.110  -19.182 2.213   1.00 26.36 ? 323 ILE A N   1 
ATOM   768  C  CA  . ILE A 1 108 ? -4.922  -19.537 2.971   1.00 25.67 ? 323 ILE A CA  1 
ATOM   769  C  C   . ILE A 1 108 ? -3.885  -18.455 2.669   1.00 25.96 ? 323 ILE A C   1 
ATOM   770  O  O   . ILE A 1 108 ? -3.565  -18.243 1.525   1.00 25.23 ? 323 ILE A O   1 
ATOM   771  C  CB  . ILE A 1 108 ? -4.385  -20.940 2.587   1.00 26.02 ? 323 ILE A CB  1 
ATOM   772  C  CG1 . ILE A 1 108 ? -5.444  -22.015 2.866   1.00 24.48 ? 323 ILE A CG1 1 
ATOM   773  C  CG2 . ILE A 1 108 ? -3.100  -21.277 3.334   1.00 26.72 ? 323 ILE A CG2 1 
ATOM   774  C  CD1 . ILE A 1 108 ? -5.161  -23.316 2.158   1.00 24.39 ? 323 ILE A CD1 1 
ATOM   775  N  N   . VAL A 1 109 ? -3.338  -17.814 3.699   1.00 25.06 ? 324 VAL A N   1 
ATOM   776  C  CA  . VAL A 1 109 ? -2.394  -16.724 3.504   1.00 25.81 ? 324 VAL A CA  1 
ATOM   777  C  C   . VAL A 1 109 ? -0.948  -17.260 3.498   1.00 26.93 ? 324 VAL A C   1 
ATOM   778  O  O   . VAL A 1 109 ? -0.550  -18.062 4.381   1.00 25.76 ? 324 VAL A O   1 
ATOM   779  C  CB  . VAL A 1 109 ? -2.542  -15.684 4.604   1.00 26.86 ? 324 VAL A CB  1 
ATOM   780  C  CG1 . VAL A 1 109 ? -1.551  -14.536 4.378   1.00 28.62 ? 324 VAL A CG1 1 
ATOM   781  C  CG2 . VAL A 1 109 ? -3.972  -15.172 4.624   1.00 28.01 ? 324 VAL A CG2 1 
ATOM   782  N  N   . VAL A 1 110 ? -0.205  -16.811 2.497   1.00 26.15 ? 325 VAL A N   1 
ATOM   783  C  CA  . VAL A 1 110 ? 1.215   -17.111 2.303   1.00 27.49 ? 325 VAL A CA  1 
ATOM   784  C  C   . VAL A 1 110 ? 1.905   -15.792 1.912   1.00 27.18 ? 325 VAL A C   1 
ATOM   785  O  O   . VAL A 1 110 ? 1.377   -15.033 1.105   1.00 26.35 ? 325 VAL A O   1 
ATOM   786  C  CB  . VAL A 1 110 ? 1.403   -18.172 1.192   1.00 30.03 ? 325 VAL A CB  1 
ATOM   787  C  CG1 . VAL A 1 110 ? 2.875   -18.443 0.920   1.00 30.54 ? 325 VAL A CG1 1 
ATOM   788  C  CG2 . VAL A 1 110 ? 0.743   -19.482 1.643   1.00 30.75 ? 325 VAL A CG2 1 
ATOM   789  N  N   . ASN A 1 111 ? 3.068   -15.532 2.522   1.00 26.58 ? 326 ASN A N   1 
ATOM   790  C  CA  . ASN A 1 111 ? 3.816   -14.285 2.357   1.00 25.78 ? 326 ASN A CA  1 
ATOM   791  C  C   . ASN A 1 111 ? 2.942   -13.065 2.573   1.00 24.00 ? 326 ASN A C   1 
ATOM   792  O  O   . ASN A 1 111 ? 2.969   -12.122 1.779   1.00 27.50 ? 326 ASN A O   1 
ATOM   793  C  CB  . ASN A 1 111 ? 4.441   -14.238 0.985   1.00 26.55 ? 326 ASN A CB  1 
ATOM   794  C  CG  . ASN A 1 111 ? 5.421   -15.376 0.775   1.00 27.88 ? 326 ASN A CG  1 
ATOM   795  O  OD1 . ASN A 1 111 ? 6.136   -15.779 1.702   1.00 28.94 ? 326 ASN A OD1 1 
ATOM   796  N  ND2 . ASN A 1 111 ? 5.439   -15.910 -0.421  1.00 27.76 ? 326 ASN A ND2 1 
ATOM   797  N  N   . GLY A 1 112 ? 2.166   -13.109 3.637   1.00 24.40 ? 327 GLY A N   1 
ATOM   798  C  CA  . GLY A 1 112 ? 1.146   -12.101 3.854   1.00 23.46 ? 327 GLY A CA  1 
ATOM   799  C  C   . GLY A 1 112 ? 1.259   -11.362 5.133   1.00 22.53 ? 327 GLY A C   1 
ATOM   800  O  O   . GLY A 1 112 ? 2.046   -11.728 6.046   1.00 22.86 ? 327 GLY A O   1 
ATOM   801  N  N   . TRP A 1 113 ? 0.452   -10.302 5.200   1.00 22.06 ? 328 TRP A N   1 
ATOM   802  C  CA  . TRP A 1 113 ? 0.331   -9.493  6.378   1.00 21.76 ? 328 TRP A CA  1 
ATOM   803  C  C   . TRP A 1 113 ? -0.967  -8.715  6.321   1.00 21.68 ? 328 TRP A C   1 
ATOM   804  O  O   . TRP A 1 113 ? -1.638  -8.683  5.295   1.00 22.78 ? 328 TRP A O   1 
ATOM   805  C  CB  . TRP A 1 113 ? 1.521   -8.515  6.509   1.00 22.11 ? 328 TRP A CB  1 
ATOM   806  C  CG  . TRP A 1 113 ? 1.606   -7.508  5.419   1.00 21.87 ? 328 TRP A CG  1 
ATOM   807  C  CD1 . TRP A 1 113 ? 1.052   -6.245  5.409   1.00 21.89 ? 328 TRP A CD1 1 
ATOM   808  C  CD2 . TRP A 1 113 ? 2.281   -7.662  4.166   1.00 21.34 ? 328 TRP A CD2 1 
ATOM   809  N  NE1 . TRP A 1 113 ? 1.390   -5.607  4.233   1.00 22.20 ? 328 TRP A NE1 1 
ATOM   810  C  CE2 . TRP A 1 113 ? 2.133   -6.451  3.458   1.00 21.23 ? 328 TRP A CE2 1 
ATOM   811  C  CE3 . TRP A 1 113 ? 3.025   -8.693  3.591   1.00 21.20 ? 328 TRP A CE3 1 
ATOM   812  C  CZ2 . TRP A 1 113 ? 2.646   -6.264  2.168   1.00 22.73 ? 328 TRP A CZ2 1 
ATOM   813  C  CZ3 . TRP A 1 113 ? 3.554   -8.508  2.303   1.00 22.48 ? 328 TRP A CZ3 1 
ATOM   814  C  CH2 . TRP A 1 113 ? 3.369   -7.288  1.616   1.00 21.88 ? 328 TRP A CH2 1 
ATOM   815  N  N   . LYS A 1 114 ? -1.340  -8.148  7.450   1.00 21.81 ? 329 LYS A N   1 
ATOM   816  C  CA  . LYS A 1 114 ? -2.514  -7.304  7.524   1.00 23.52 ? 329 LYS A CA  1 
ATOM   817  C  C   . LYS A 1 114 ? -2.123  -5.851  7.588   1.00 22.74 ? 329 LYS A C   1 
ATOM   818  O  O   . LYS A 1 114 ? -1.173  -5.508  8.285   1.00 22.24 ? 329 LYS A O   1 
ATOM   819  C  CB  . LYS A 1 114 ? -3.330  -7.623  8.778   1.00 26.53 ? 329 LYS A CB  1 
ATOM   820  C  CG  . LYS A 1 114 ? -3.799  -9.055  8.872   1.00 32.06 ? 329 LYS A CG  1 
ATOM   821  C  CD  . LYS A 1 114 ? -4.650  -9.265  10.114  1.00 32.78 ? 329 LYS A CD  1 
ATOM   822  C  CE  . LYS A 1 114 ? -5.519  -10.479 9.923   1.00 40.33 ? 329 LYS A CE  1 
ATOM   823  N  NZ  . LYS A 1 114 ? -5.956  -11.008 11.252  1.00 43.77 ? 329 LYS A NZ  1 
ATOM   824  N  N   . ILE A 1 115 ? -2.897  -5.014  6.900   1.00 23.60 ? 330 ILE A N   1 
ATOM   825  C  CA  . ILE A 1 115 ? -2.845  -3.575  7.013   1.00 24.62 ? 330 ILE A CA  1 
ATOM   826  C  C   . ILE A 1 115 ? -4.124  -3.122  7.685   1.00 27.17 ? 330 ILE A C   1 
ATOM   827  O  O   . ILE A 1 115 ? -5.221  -3.503  7.233   1.00 25.78 ? 330 ILE A O   1 
ATOM   828  C  CB  . ILE A 1 115 ? -2.795  -2.884  5.659   1.00 27.15 ? 330 ILE A CB  1 
ATOM   829  C  CG1 . ILE A 1 115 ? -1.553  -3.313  4.860   1.00 29.27 ? 330 ILE A CG1 1 
ATOM   830  C  CG2 . ILE A 1 115 ? -2.773  -1.364  5.853   1.00 27.03 ? 330 ILE A CG2 1 
ATOM   831  C  CD1 . ILE A 1 115 ? -0.288  -2.656  5.332   1.00 33.28 ? 330 ILE A CD1 1 
ATOM   832  N  N   . HIS A 1 116 ? -3.964  -2.342  8.751   1.00 26.94 ? 331 HIS A N   1 
ATOM   833  C  CA  . HIS A 1 116 ? -5.073  -1.729  9.482   1.00 30.64 ? 331 HIS A CA  1 
ATOM   834  C  C   . HIS A 1 116 ? -5.079  -0.227  9.252   1.00 30.03 ? 331 HIS A C   1 
ATOM   835  O  O   . HIS A 1 116 ? -4.117  0.442   9.610   1.00 31.15 ? 331 HIS A O   1 
ATOM   836  C  CB  . HIS A 1 116 ? -4.889  -2.011  10.978  1.00 33.63 ? 331 HIS A CB  1 
ATOM   837  C  CG  . HIS A 1 116 ? -6.052  -1.574  11.820  1.00 38.36 ? 331 HIS A CG  1 
ATOM   838  N  ND1 . HIS A 1 116 ? -5.965  -1.417  13.188  1.00 42.37 ? 331 HIS A ND1 1 
ATOM   839  C  CD2 . HIS A 1 116 ? -7.331  -1.260  11.485  1.00 38.09 ? 331 HIS A CD2 1 
ATOM   840  C  CE1 . HIS A 1 116 ? -7.143  -1.030  13.659  1.00 42.02 ? 331 HIS A CE1 1 
ATOM   841  N  NE2 . HIS A 1 116 ? -7.986  -0.924  12.643  1.00 41.29 ? 331 HIS A NE2 1 
ATOM   842  N  N   . ASN A 1 117 ? -6.138  0.295   8.625   1.00 29.35 ? 332 ASN A N   1 
ATOM   843  C  CA  . ASN A 1 117 ? -6.364  1.739   8.538   1.00 31.51 ? 332 ASN A CA  1 
ATOM   844  C  C   . ASN A 1 117 ? -7.080  2.185   9.826   1.00 33.97 ? 332 ASN A C   1 
ATOM   845  O  O   . ASN A 1 117 ? -8.277  1.953   9.962   1.00 33.35 ? 332 ASN A O   1 
ATOM   846  C  CB  . ASN A 1 117 ? -7.212  2.044   7.319   1.00 32.21 ? 332 ASN A CB  1 
ATOM   847  C  CG  . ASN A 1 117 ? -7.412  3.527   7.101   1.00 34.68 ? 332 ASN A CG  1 
ATOM   848  O  OD1 . ASN A 1 117 ? -7.345  4.341   8.039   1.00 36.64 ? 332 ASN A OD1 1 
ATOM   849  N  ND2 . ASN A 1 117 ? -7.665  3.890   5.870   1.00 34.19 ? 332 ASN A ND2 1 
ATOM   850  N  N   . THR A 1 118 ? -6.347  2.789   10.765  1.00 34.01 ? 333 THR A N   1 
ATOM   851  C  CA  . THR A 1 118 ? -6.911  3.096   12.084  1.00 37.40 ? 333 THR A CA  1 
ATOM   852  C  C   . THR A 1 118 ? -7.850  4.296   12.040  1.00 41.16 ? 333 THR A C   1 
ATOM   853  O  O   . THR A 1 118 ? -8.636  4.470   12.955  1.00 40.84 ? 333 THR A O   1 
ATOM   854  C  CB  . THR A 1 118 ? -5.841  3.329   13.186  1.00 36.64 ? 333 THR A CB  1 
ATOM   855  O  OG1 . THR A 1 118 ? -5.047  4.479   12.896  1.00 35.83 ? 333 THR A OG1 1 
ATOM   856  C  CG2 . THR A 1 118 ? -4.938  2.139   13.330  1.00 37.95 ? 333 THR A CG2 1 
ATOM   857  N  N   . ALA A 1 119 ? -7.762  5.113   10.992  1.00 45.28 ? 334 ALA A N   1 
ATOM   858  C  CA  . ALA A 1 119 ? -8.687  6.234   10.783  1.00 48.34 ? 334 ALA A CA  1 
ATOM   859  C  C   . ALA A 1 119 ? -10.079 5.740   10.409  1.00 50.15 ? 334 ALA A C   1 
ATOM   860  O  O   . ALA A 1 119 ? -11.074 6.279   10.890  1.00 53.68 ? 334 ALA A O   1 
ATOM   861  C  CB  . ALA A 1 119 ? -8.171  7.165   9.698   1.00 48.25 ? 334 ALA A CB  1 
ATOM   862  N  N   . LYS A 1 120 ? -10.134 4.729   9.544   1.00 46.24 ? 335 LYS A N   1 
ATOM   863  C  CA  . LYS A 1 120 ? -11.389 4.100   9.128   1.00 46.58 ? 335 LYS A CA  1 
ATOM   864  C  C   . LYS A 1 120 ? -11.749 2.825   9.905   1.00 45.15 ? 335 LYS A C   1 
ATOM   865  O  O   . LYS A 1 120 ? -12.823 2.289   9.693   1.00 46.63 ? 335 LYS A O   1 
ATOM   866  C  CB  . LYS A 1 120 ? -11.333 3.770   7.648   1.00 48.15 ? 335 LYS A CB  1 
ATOM   867  C  CG  . LYS A 1 120 ? -11.126 4.984   6.771   1.00 52.83 ? 335 LYS A CG  1 
ATOM   868  C  CD  . LYS A 1 120 ? -11.226 4.585   5.309   1.00 56.80 ? 335 LYS A CD  1 
ATOM   869  C  CE  . LYS A 1 120 ? -11.205 5.795   4.391   1.00 58.47 ? 335 LYS A CE  1 
ATOM   870  N  NZ  . LYS A 1 120 ? -11.475 5.371   2.994   1.00 59.12 ? 335 LYS A NZ  1 
ATOM   871  N  N   . ASN A 1 121 ? -10.866 2.343   10.790  1.00 41.77 ? 336 ASN A N   1 
ATOM   872  C  CA  . ASN A 1 121 ? -11.077 1.074   11.529  1.00 46.27 ? 336 ASN A CA  1 
ATOM   873  C  C   . ASN A 1 121 ? -11.409 -0.094  10.584  1.00 43.65 ? 336 ASN A C   1 
ATOM   874  O  O   . ASN A 1 121 ? -12.386 -0.835  10.777  1.00 36.83 ? 336 ASN A O   1 
ATOM   875  C  CB  . ASN A 1 121 ? -12.164 1.248   12.608  1.00 54.05 ? 336 ASN A CB  1 
ATOM   876  C  CG  . ASN A 1 121 ? -12.051 2.588   13.337  1.00 58.28 ? 336 ASN A CG  1 
ATOM   877  O  OD1 . ASN A 1 121 ? -11.201 2.754   14.215  1.00 67.82 ? 336 ASN A OD1 1 
ATOM   878  N  ND2 . ASN A 1 121 ? -12.894 3.557   12.957  1.00 59.86 ? 336 ASN A ND2 1 
ATOM   879  N  N   . LYS A 1 122 ? -10.588 -0.212  9.544   1.00 41.16 ? 337 LYS A N   1 
ATOM   880  C  CA  . LYS A 1 122 ? -10.723 -1.224  8.512   1.00 42.09 ? 337 LYS A CA  1 
ATOM   881  C  C   . LYS A 1 122 ? -9.396  -1.954  8.355   1.00 39.25 ? 337 LYS A C   1 
ATOM   882  O  O   . LYS A 1 122 ? -8.338  -1.344  8.440   1.00 33.28 ? 337 LYS A O   1 
ATOM   883  C  CB  . LYS A 1 122 ? -11.057 -0.584  7.172   1.00 47.80 ? 337 LYS A CB  1 
ATOM   884  C  CG  . LYS A 1 122 ? -12.484 -0.083  6.978   1.00 55.18 ? 337 LYS A CG  1 
ATOM   885  C  CD  . LYS A 1 122 ? -12.599 0.785   5.717   1.00 60.01 ? 337 LYS A CD  1 
ATOM   886  C  CE  . LYS A 1 122 ? -12.133 0.083   4.427   1.00 65.14 ? 337 LYS A CE  1 
ATOM   887  N  NZ  . LYS A 1 122 ? -11.585 1.020   3.395   1.00 66.88 ? 337 LYS A NZ  1 
ATOM   888  N  N   . TRP A 1 123 ? -9.496  -3.242  8.074   1.00 38.90 ? 338 TRP A N   1 
ATOM   889  C  CA  . TRP A 1 123 ? -8.376  -4.180  8.013   1.00 38.18 ? 338 TRP A CA  1 
ATOM   890  C  C   . TRP A 1 123 ? -8.426  -4.804  6.645   1.00 33.78 ? 338 TRP A C   1 
ATOM   891  O  O   . TRP A 1 123 ? -9.529  -5.042  6.151   1.00 34.03 ? 338 TRP A O   1 
ATOM   892  C  CB  . TRP A 1 123 ? -8.616  -5.331  9.007   1.00 39.20 ? 338 TRP A CB  1 
ATOM   893  C  CG  . TRP A 1 123 ? -8.307  -5.042  10.412  1.00 44.18 ? 338 TRP A CG  1 
ATOM   894  C  CD1 . TRP A 1 123 ? -9.185  -4.630  11.380  1.00 47.85 ? 338 TRP A CD1 1 
ATOM   895  C  CD2 . TRP A 1 123 ? -7.032  -5.186  11.062  1.00 47.18 ? 338 TRP A CD2 1 
ATOM   896  N  NE1 . TRP A 1 123 ? -8.527  -4.487  12.590  1.00 48.01 ? 338 TRP A NE1 1 
ATOM   897  C  CE2 . TRP A 1 123 ? -7.207  -4.818  12.421  1.00 48.31 ? 338 TRP A CE2 1 
ATOM   898  C  CE3 . TRP A 1 123 ? -5.757  -5.580  10.628  1.00 45.63 ? 338 TRP A CE3 1 
ATOM   899  C  CZ2 . TRP A 1 123 ? -6.148  -4.831  13.346  1.00 47.04 ? 338 TRP A CZ2 1 
ATOM   900  C  CZ3 . TRP A 1 123 ? -4.703  -5.587  11.552  1.00 46.36 ? 338 TRP A CZ3 1 
ATOM   901  C  CH2 . TRP A 1 123 ? -4.911  -5.220  12.890  1.00 46.15 ? 338 TRP A CH2 1 
ATOM   902  N  N   . PHE A 1 124 ? -7.271  -5.138  6.058   1.00 29.96 ? 339 PHE A N   1 
ATOM   903  C  CA  . PHE A 1 124 ? -7.210  -6.056  4.911   1.00 27.18 ? 339 PHE A CA  1 
ATOM   904  C  C   . PHE A 1 124 ? -5.883  -6.826  4.856   1.00 27.60 ? 339 PHE A C   1 
ATOM   905  O  O   . PHE A 1 124 ? -4.886  -6.369  5.425   1.00 24.26 ? 339 PHE A O   1 
ATOM   906  C  CB  . PHE A 1 124 ? -7.488  -5.324  3.600   1.00 27.69 ? 339 PHE A CB  1 
ATOM   907  C  CG  . PHE A 1 124 ? -6.513  -4.204  3.254   1.00 29.20 ? 339 PHE A CG  1 
ATOM   908  C  CD1 . PHE A 1 124 ? -5.344  -4.466  2.532   1.00 28.53 ? 339 PHE A CD1 1 
ATOM   909  C  CD2 . PHE A 1 124 ? -6.827  -2.869  3.548   1.00 30.64 ? 339 PHE A CD2 1 
ATOM   910  C  CE1 . PHE A 1 124 ? -4.473  -3.418  2.182   1.00 28.66 ? 339 PHE A CE1 1 
ATOM   911  C  CE2 . PHE A 1 124 ? -5.973  -1.823  3.187   1.00 27.85 ? 339 PHE A CE2 1 
ATOM   912  C  CZ  . PHE A 1 124 ? -4.799  -2.102  2.502   1.00 28.71 ? 339 PHE A CZ  1 
ATOM   913  N  N   . VAL A 1 125 ? -5.885  -7.967  4.166   1.00 25.35 ? 340 VAL A N   1 
ATOM   914  C  CA  . VAL A 1 125 ? -4.698  -8.777  3.976   1.00 26.09 ? 340 VAL A CA  1 
ATOM   915  C  C   . VAL A 1 125 ? -4.020  -8.459  2.628   1.00 25.55 ? 340 VAL A C   1 
ATOM   916  O  O   . VAL A 1 125 ? -4.685  -8.308  1.612   1.00 25.01 ? 340 VAL A O   1 
ATOM   917  C  CB  . VAL A 1 125 ? -5.033  -10.275 4.092   1.00 28.65 ? 340 VAL A CB  1 
ATOM   918  C  CG1 . VAL A 1 125 ? -3.853  -11.145 3.774   1.00 29.81 ? 340 VAL A CG1 1 
ATOM   919  C  CG2 . VAL A 1 125 ? -5.541  -10.589 5.498   1.00 31.54 ? 340 VAL A CG2 1 
ATOM   920  N  N   . CYS A 1 126 ? -2.694  -8.364  2.651   1.00 23.52 ? 341 CYS A N   1 
ATOM   921  C  CA  . CYS A 1 126 ? -1.846  -8.301  1.473   1.00 24.02 ? 341 CYS A CA  1 
ATOM   922  C  C   . CYS A 1 126 ? -1.025  -9.558  1.388   1.00 22.57 ? 341 CYS A C   1 
ATOM   923  O  O   . CYS A 1 126 ? -0.608  -10.091 2.418   1.00 23.65 ? 341 CYS A O   1 
ATOM   924  C  CB  . CYS A 1 126 ? -0.818  -7.170  1.603   1.00 25.99 ? 341 CYS A CB  1 
ATOM   925  S  SG  . CYS A 1 126 ? -1.504  -5.562  1.744   1.00 30.82 ? 341 CYS A SG  1 
ATOM   926  N  N   . MET A 1 127 ? -0.735  -10.006 0.180   1.00 23.93 ? 342 MET A N   1 
ATOM   927  C  CA  . MET A 1 127 ? 0.198   -11.093 -0.008  1.00 26.16 ? 342 MET A CA  1 
ATOM   928  C  C   . MET A 1 127 ? 1.147   -10.762 -1.142  1.00 27.73 ? 342 MET A C   1 
ATOM   929  O  O   . MET A 1 127 ? 0.721   -10.341 -2.226  1.00 27.02 ? 342 MET A O   1 
ATOM   930  C  CB  . MET A 1 127 ? -0.556  -12.388 -0.327  1.00 28.70 ? 342 MET A CB  1 
ATOM   931  C  CG  . MET A 1 127 ? -1.444  -12.890 0.792   1.00 32.39 ? 342 MET A CG  1 
ATOM   932  S  SD  . MET A 1 127 ? -2.207  -14.482 0.347   1.00 34.80 ? 342 MET A SD  1 
ATOM   933  C  CE  . MET A 1 127 ? -3.475  -13.867 -0.741  1.00 39.06 ? 342 MET A CE  1 
ATOM   934  N  N   . ALA A 1 128 ? 2.426   -10.980 -0.875  1.00 29.18 ? 343 ALA A N   1 
ATOM   935  C  CA  . ALA A 1 128 ? 3.486   -10.826 -1.863  1.00 31.29 ? 343 ALA A CA  1 
ATOM   936  C  C   . ALA A 1 128 ? 3.792   -12.188 -2.478  1.00 35.87 ? 343 ALA A C   1 
ATOM   937  O  O   . ALA A 1 128 ? 3.325   -13.210 -2.001  1.00 35.76 ? 343 ALA A O   1 
ATOM   938  C  CB  . ALA A 1 128 ? 4.737   -10.273 -1.196  1.00 31.96 ? 343 ALA A CB  1 
ATOM   939  N  N   . LYS A 1 129 ? 4.601   -12.193 -3.529  1.00 38.49 ? 344 LYS A N   1 
ATOM   940  C  CA  . LYS A 1 129 ? 4.954   -13.432 -4.238  1.00 39.31 ? 344 LYS A CA  1 
ATOM   941  C  C   . LYS A 1 129 ? 5.973   -14.281 -3.530  1.00 38.62 ? 344 LYS A C   1 
ATOM   942  O  O   . LYS A 1 129 ? 5.921   -15.499 -3.619  1.00 40.04 ? 344 LYS A O   1 
ATOM   943  C  CB  . LYS A 1 129 ? 5.484   -13.103 -5.615  1.00 41.50 ? 344 LYS A CB  1 
ATOM   944  C  CG  . LYS A 1 129 ? 4.480   -12.339 -6.441  1.00 44.51 ? 344 LYS A CG  1 
ATOM   945  C  CD  . LYS A 1 129 ? 4.963   -12.157 -7.874  1.00 50.03 ? 344 LYS A CD  1 
ATOM   946  C  CE  . LYS A 1 129 ? 3.813   -11.754 -8.787  1.00 52.49 ? 344 LYS A CE  1 
ATOM   947  N  NZ  . LYS A 1 129 ? 3.308   -10.394 -8.437  1.00 54.33 ? 344 LYS A NZ  1 
ATOM   948  N  N   . THR A 1 130 ? 6.919   -13.652 -2.847  1.00 33.99 ? 345 THR A N   1 
ATOM   949  C  CA  . THR A 1 130 ? 8.005   -14.369 -2.209  1.00 34.69 ? 345 THR A CA  1 
ATOM   950  C  C   . THR A 1 130 ? 8.238   -13.854 -0.809  1.00 32.91 ? 345 THR A C   1 
ATOM   951  O  O   . THR A 1 130 ? 7.826   -12.738 -0.494  1.00 33.79 ? 345 THR A O   1 
ATOM   952  C  CB  . THR A 1 130 ? 9.299   -14.154 -2.989  1.00 35.11 ? 345 THR A CB  1 
ATOM   953  O  OG1 . THR A 1 130 ? 9.676   -12.771 -2.909  1.00 36.06 ? 345 THR A OG1 1 
ATOM   954  C  CG2 . THR A 1 130 ? 9.106   -14.531 -4.457  1.00 35.59 ? 345 THR A CG2 1 
ATOM   955  N  N   . PRO A 1 131 ? 8.928   -14.631 0.021   1.00 33.76 ? 346 PRO A N   1 
ATOM   956  C  CA  . PRO A 1 131 ? 9.304   -14.070 1.302   1.00 35.14 ? 346 PRO A CA  1 
ATOM   957  C  C   . PRO A 1 131 ? 10.212  -12.825 1.192   1.00 35.97 ? 346 PRO A C   1 
ATOM   958  O  O   . PRO A 1 131 ? 10.115  -11.946 2.058   1.00 32.55 ? 346 PRO A O   1 
ATOM   959  C  CB  . PRO A 1 131 ? 10.043  -15.217 2.013   1.00 35.97 ? 346 PRO A CB  1 
ATOM   960  C  CG  . PRO A 1 131 ? 9.726   -16.445 1.250   1.00 36.23 ? 346 PRO A CG  1 
ATOM   961  C  CD  . PRO A 1 131 ? 9.369   -16.029 -0.138  1.00 34.91 ? 346 PRO A CD  1 
ATOM   962  N  N   . GLU A 1 132 ? 11.072  -12.758 0.174   1.00 35.47 ? 347 GLU A N   1 
ATOM   963  C  CA  . GLU A 1 132 ? 11.943  -11.572 -0.026  1.00 40.49 ? 347 GLU A CA  1 
ATOM   964  C  C   . GLU A 1 132 ? 11.126  -10.298 -0.304  1.00 35.36 ? 347 GLU A C   1 
ATOM   965  O  O   . GLU A 1 132 ? 11.466  -9.226  0.176   1.00 30.75 ? 347 GLU A O   1 
ATOM   966  C  CB  . GLU A 1 132 ? 12.983  -11.791 -1.161  1.00 46.28 ? 347 GLU A CB  1 
ATOM   967  C  CG  . GLU A 1 132 ? 13.743  -10.502 -1.540  1.00 55.47 ? 347 GLU A CG  1 
ATOM   968  C  CD  . GLU A 1 132 ? 14.992  -10.700 -2.410  1.00 65.62 ? 347 GLU A CD  1 
ATOM   969  O  OE1 . GLU A 1 132 ? 15.507  -11.840 -2.528  1.00 72.78 ? 347 GLU A OE1 1 
ATOM   970  O  OE2 . GLU A 1 132 ? 15.471  -9.684  -2.975  1.00 67.75 ? 347 GLU A OE2 1 
ATOM   971  N  N   . GLU A 1 133 ? 10.083  -10.429 -1.115  1.00 32.33 ? 348 GLU A N   1 
ATOM   972  C  CA  . GLU A 1 133 ? 9.238   -9.314  -1.481  1.00 32.83 ? 348 GLU A CA  1 
ATOM   973  C  C   . GLU A 1 133 ? 8.434   -8.811  -0.241  1.00 30.04 ? 348 GLU A C   1 
ATOM   974  O  O   . GLU A 1 133 ? 8.357   -7.593  0.020   1.00 25.97 ? 348 GLU A O   1 
ATOM   975  C  CB  . GLU A 1 133 ? 8.347   -9.756  -2.627  1.00 38.99 ? 348 GLU A CB  1 
ATOM   976  C  CG  . GLU A 1 133 ? 7.730   -8.675  -3.483  1.00 46.69 ? 348 GLU A CG  1 
ATOM   977  C  CD  . GLU A 1 133 ? 7.007   -9.263  -4.704  1.00 55.27 ? 348 GLU A CD  1 
ATOM   978  O  OE1 . GLU A 1 133 ? 6.082   -10.092 -4.529  1.00 59.99 ? 348 GLU A OE1 1 
ATOM   979  O  OE2 . GLU A 1 133 ? 7.358   -8.903  -5.849  1.00 61.14 ? 348 GLU A OE2 1 
ATOM   980  N  N   . LYS A 1 134 ? 7.896   -9.750  0.540   1.00 26.67 ? 349 LYS A N   1 
ATOM   981  C  CA  . LYS A 1 134 ? 7.310   -9.429  1.846   1.00 25.90 ? 349 LYS A CA  1 
ATOM   982  C  C   . LYS A 1 134 ? 8.304   -8.695  2.760   1.00 24.95 ? 349 LYS A C   1 
ATOM   983  O  O   . LYS A 1 134 ? 7.967   -7.691  3.395   1.00 21.47 ? 349 LYS A O   1 
ATOM   984  C  CB  . LYS A 1 134 ? 6.842   -10.705 2.534   1.00 25.38 ? 349 LYS A CB  1 
ATOM   985  C  CG  . LYS A 1 134 ? 6.464   -10.540 3.993   1.00 25.70 ? 349 LYS A CG  1 
ATOM   986  C  CD  . LYS A 1 134 ? 5.640   -11.758 4.467   1.00 27.00 ? 349 LYS A CD  1 
ATOM   987  C  CE  . LYS A 1 134 ? 5.312   -11.682 5.935   1.00 26.82 ? 349 LYS A CE  1 
ATOM   988  N  NZ  . LYS A 1 134 ? 4.545   -12.851 6.411   1.00 25.27 ? 349 LYS A NZ  1 
ATOM   989  N  N   . HIS A 1 135 ? 9.529   -9.205  2.818   1.00 24.42 ? 350 HIS A N   1 
ATOM   990  C  CA  . HIS A 1 135 ? 10.564  -8.579  3.639   1.00 25.79 ? 350 HIS A CA  1 
ATOM   991  C  C   . HIS A 1 135 ? 10.839  -7.164  3.191   1.00 23.15 ? 350 HIS A C   1 
ATOM   992  O  O   . HIS A 1 135 ? 10.983  -6.271  4.013   1.00 24.26 ? 350 HIS A O   1 
ATOM   993  C  CB  . HIS A 1 135 ? 11.856  -9.388  3.631   1.00 27.18 ? 350 HIS A CB  1 
ATOM   994  C  CG  . HIS A 1 135 ? 12.884  -8.848  4.571   1.00 28.32 ? 350 HIS A CG  1 
ATOM   995  N  ND1 . HIS A 1 135 ? 12.765  -8.970  5.934   1.00 28.04 ? 350 HIS A ND1 1 
ATOM   996  C  CD2 . HIS A 1 135 ? 14.021  -8.145  4.347   1.00 29.75 ? 350 HIS A CD2 1 
ATOM   997  C  CE1 . HIS A 1 135 ? 13.796  -8.376  6.516   1.00 28.00 ? 350 HIS A CE1 1 
ATOM   998  N  NE2 . HIS A 1 135 ? 14.576  -7.877  5.574   1.00 29.52 ? 350 HIS A NE2 1 
ATOM   999  N  N   . GLU A 1 136 ? 10.932  -6.964  1.888   1.00 24.55 ? 351 GLU A N   1 
ATOM   1000 C  CA  . GLU A 1 136 ? 11.124  -5.622  1.320   1.00 26.51 ? 351 GLU A CA  1 
ATOM   1001 C  C   . GLU A 1 136 ? 10.021  -4.623  1.685   1.00 25.59 ? 351 GLU A C   1 
ATOM   1002 O  O   . GLU A 1 136 ? 10.313  -3.455  1.956   1.00 21.00 ? 351 GLU A O   1 
ATOM   1003 C  CB  . GLU A 1 136 ? 11.240  -5.671  -0.201  1.00 30.96 ? 351 GLU A CB  1 
ATOM   1004 C  CG  . GLU A 1 136 ? 12.619  -6.085  -0.703  1.00 37.02 ? 351 GLU A CG  1 
ATOM   1005 C  CD  . GLU A 1 136 ? 12.690  -6.040  -2.221  1.00 44.36 ? 351 GLU A CD  1 
ATOM   1006 O  OE1 . GLU A 1 136 ? 11.813  -6.669  -2.871  1.00 46.64 ? 351 GLU A OE1 1 
ATOM   1007 O  OE2 . GLU A 1 136 ? 13.600  -5.355  -2.757  1.00 50.29 ? 351 GLU A OE2 1 
ATOM   1008 N  N   . TRP A 1 137 ? 8.759   -5.069  1.628   1.00 23.35 ? 352 TRP A N   1 
ATOM   1009 C  CA  . TRP A 1 137 ? 7.653   -4.239  2.094   1.00 22.54 ? 352 TRP A CA  1 
ATOM   1010 C  C   . TRP A 1 137 ? 7.752   -3.887  3.578   1.00 20.94 ? 352 TRP A C   1 
ATOM   1011 O  O   . TRP A 1 137 ? 7.558   -2.747  3.925   1.00 21.80 ? 352 TRP A O   1 
ATOM   1012 C  CB  . TRP A 1 137 ? 6.305   -4.891  1.791   1.00 22.09 ? 352 TRP A CB  1 
ATOM   1013 C  CG  . TRP A 1 137 ? 5.882   -4.629  0.420   1.00 21.77 ? 352 TRP A CG  1 
ATOM   1014 C  CD1 . TRP A 1 137 ? 5.950   -5.480  -0.659  1.00 22.89 ? 352 TRP A CD1 1 
ATOM   1015 C  CD2 . TRP A 1 137 ? 5.338   -3.397  -0.066  1.00 22.44 ? 352 TRP A CD2 1 
ATOM   1016 N  NE1 . TRP A 1 137 ? 5.464   -4.842  -1.785  1.00 21.61 ? 352 TRP A NE1 1 
ATOM   1017 C  CE2 . TRP A 1 137 ? 5.069   -3.567  -1.440  1.00 22.61 ? 352 TRP A CE2 1 
ATOM   1018 C  CE3 . TRP A 1 137 ? 5.049   -2.161  0.536   1.00 23.19 ? 352 TRP A CE3 1 
ATOM   1019 C  CZ2 . TRP A 1 137 ? 4.541   -2.535  -2.233  1.00 23.14 ? 352 TRP A CZ2 1 
ATOM   1020 C  CZ3 . TRP A 1 137 ? 4.499   -1.144  -0.244  1.00 24.00 ? 352 TRP A CZ3 1 
ATOM   1021 C  CH2 . TRP A 1 137 ? 4.247   -1.335  -1.613  1.00 22.80 ? 352 TRP A CH2 1 
ATOM   1022 N  N   . PHE A 1 138 ? 8.035   -4.860  4.437   1.00 19.40 ? 353 PHE A N   1 
ATOM   1023 C  CA  . PHE A 1 138 ? 8.225   -4.614  5.862   1.00 20.59 ? 353 PHE A CA  1 
ATOM   1024 C  C   . PHE A 1 138 ? 9.320   -3.578  6.094   1.00 20.68 ? 353 PHE A C   1 
ATOM   1025 O  O   . PHE A 1 138 ? 9.129   -2.634  6.825   1.00 22.43 ? 353 PHE A O   1 
ATOM   1026 C  CB  . PHE A 1 138 ? 8.572   -5.900  6.601   1.00 19.98 ? 353 PHE A CB  1 
ATOM   1027 C  CG  . PHE A 1 138 ? 7.390   -6.810  6.887   1.00 21.43 ? 353 PHE A CG  1 
ATOM   1028 C  CD1 . PHE A 1 138 ? 6.084   -6.506  6.468   1.00 22.89 ? 353 PHE A CD1 1 
ATOM   1029 C  CD2 . PHE A 1 138 ? 7.594   -7.971  7.649   1.00 23.61 ? 353 PHE A CD2 1 
ATOM   1030 C  CE1 . PHE A 1 138 ? 5.018   -7.348  6.784   1.00 22.28 ? 353 PHE A CE1 1 
ATOM   1031 C  CE2 . PHE A 1 138 ? 6.534   -8.828  7.950   1.00 24.56 ? 353 PHE A CE2 1 
ATOM   1032 C  CZ  . PHE A 1 138 ? 5.238   -8.501  7.524   1.00 23.28 ? 353 PHE A CZ  1 
ATOM   1033 N  N   . GLU A 1 139 ? 10.428  -3.738  5.406   1.00 22.61 ? 354 GLU A N   1 
ATOM   1034 C  CA  . GLU A 1 139 ? 11.555  -2.817  5.564   1.00 22.92 ? 354 GLU A CA  1 
ATOM   1035 C  C   . GLU A 1 139 ? 11.200  -1.428  5.112   1.00 22.32 ? 354 GLU A C   1 
ATOM   1036 O  O   . GLU A 1 139 ? 11.558  -0.463  5.792   1.00 22.21 ? 354 GLU A O   1 
ATOM   1037 C  CB  . GLU A 1 139 ? 12.765  -3.333  4.777   1.00 25.79 ? 354 GLU A CB  1 
ATOM   1038 C  CG  . GLU A 1 139 ? 13.427  -4.542  5.429   1.00 30.20 ? 354 GLU A CG  1 
ATOM   1039 C  CD  . GLU A 1 139 ? 13.891  -4.274  6.857   1.00 35.19 ? 354 GLU A CD  1 
ATOM   1040 O  OE1 . GLU A 1 139 ? 14.220  -3.092  7.170   1.00 32.93 ? 354 GLU A OE1 1 
ATOM   1041 O  OE2 . GLU A 1 139 ? 13.900  -5.235  7.676   1.00 40.53 ? 354 GLU A OE2 1 
ATOM   1042 N  N   . ALA A 1 140 ? 10.497  -1.325  3.981   1.00 20.63 ? 355 ALA A N   1 
ATOM   1043 C  CA  . ALA A 1 140 ? 10.069  -0.026  3.455   1.00 21.49 ? 355 ALA A CA  1 
ATOM   1044 C  C   . ALA A 1 140 ? 9.117   0.666   4.415   1.00 20.10 ? 355 ALA A C   1 
ATOM   1045 O  O   . ALA A 1 140 ? 9.252   1.869   4.687   1.00 20.02 ? 355 ALA A O   1 
ATOM   1046 C  CB  . ALA A 1 140 ? 9.437   -0.158  2.062   1.00 23.42 ? 355 ALA A CB  1 
ATOM   1047 N  N   . ILE A 1 141 ? 8.152   -0.089  4.932   1.00 19.79 ? 356 ILE A N   1 
ATOM   1048 C  CA  . ILE A 1 141 ? 7.197   0.465   5.869   1.00 20.33 ? 356 ILE A CA  1 
ATOM   1049 C  C   . ILE A 1 141 ? 7.912   0.962   7.136   1.00 20.61 ? 356 ILE A C   1 
ATOM   1050 O  O   . ILE A 1 141 ? 7.600   2.039   7.685   1.00 20.94 ? 356 ILE A O   1 
ATOM   1051 C  CB  . ILE A 1 141 ? 6.113   -0.592  6.166   1.00 20.66 ? 356 ILE A CB  1 
ATOM   1052 C  CG1 . ILE A 1 141 ? 5.212   -0.744  4.921   1.00 22.08 ? 356 ILE A CG1 1 
ATOM   1053 C  CG2 . ILE A 1 141 ? 5.289   -0.200  7.387   1.00 20.91 ? 356 ILE A CG2 1 
ATOM   1054 C  CD1 . ILE A 1 141 ? 4.399   -2.027  4.884   1.00 23.51 ? 356 ILE A CD1 1 
ATOM   1055 N  N   . LEU A 1 142 ? 8.855   0.165   7.628   1.00 24.39 ? 357 LEU A N   1 
ATOM   1056 C  CA  . LEU A 1 142 ? 9.614   0.550   8.831   1.00 26.48 ? 357 LEU A CA  1 
ATOM   1057 C  C   . LEU A 1 142 ? 10.482  1.762   8.625   1.00 27.74 ? 357 LEU A C   1 
ATOM   1058 O  O   . LEU A 1 142 ? 10.564  2.646   9.509   1.00 27.50 ? 357 LEU A O   1 
ATOM   1059 C  CB  . LEU A 1 142 ? 10.522  -0.614  9.285   1.00 30.96 ? 357 LEU A CB  1 
ATOM   1060 C  CG  . LEU A 1 142 ? 9.815   -1.721  10.011  1.00 32.54 ? 357 LEU A CG  1 
ATOM   1061 C  CD1 . LEU A 1 142 ? 10.732  -2.944  10.137  1.00 34.58 ? 357 LEU A CD1 1 
ATOM   1062 C  CD2 . LEU A 1 142 ? 9.374   -1.207  11.359  1.00 34.73 ? 357 LEU A CD2 1 
ATOM   1063 N  N   . LYS A 1 143 ? 11.167  1.783   7.488   1.00 27.90 ? 358 LYS A N   1 
ATOM   1064 C  CA  . LYS A 1 143 ? 12.017  2.911   7.151   1.00 32.59 ? 358 LYS A CA  1 
ATOM   1065 C  C   . LYS A 1 143 ? 11.188  4.207   7.067   1.00 31.63 ? 358 LYS A C   1 
ATOM   1066 O  O   . LYS A 1 143 ? 11.640  5.257   7.531   1.00 31.06 ? 358 LYS A O   1 
ATOM   1067 C  CB  . LYS A 1 143 ? 12.786  2.668   5.865   1.00 37.49 ? 358 LYS A CB  1 
ATOM   1068 C  CG  . LYS A 1 143 ? 13.423  3.925   5.278   1.00 46.55 ? 358 LYS A CG  1 
ATOM   1069 C  CD  . LYS A 1 143 ? 14.183  3.666   3.980   1.00 52.94 ? 358 LYS A CD  1 
ATOM   1070 C  CE  . LYS A 1 143 ? 15.103  4.829   3.620   1.00 58.57 ? 358 LYS A CE  1 
ATOM   1071 N  NZ  . LYS A 1 143 ? 16.458  4.660   4.217   1.00 61.17 ? 358 LYS A NZ  1 
ATOM   1072 N  N   . GLU A 1 144 ? 9.985   4.132   6.493   1.00 26.66 ? 359 GLU A N   1 
ATOM   1073 C  CA  . GLU A 1 144 ? 9.139   5.302   6.378   1.00 26.91 ? 359 GLU A CA  1 
ATOM   1074 C  C   . GLU A 1 144 ? 8.763   5.810   7.761   1.00 27.25 ? 359 GLU A C   1 
ATOM   1075 O  O   . GLU A 1 144 ? 8.793   7.025   8.022   1.00 27.48 ? 359 GLU A O   1 
ATOM   1076 C  CB  . GLU A 1 144 ? 7.894   5.017   5.528   1.00 24.91 ? 359 GLU A CB  1 
ATOM   1077 C  CG  . GLU A 1 144 ? 7.094   6.264   5.186   1.00 25.03 ? 359 GLU A CG  1 
ATOM   1078 C  CD  . GLU A 1 144 ? 6.121   6.722   6.258   1.00 25.14 ? 359 GLU A CD  1 
ATOM   1079 O  OE1 . GLU A 1 144 ? 5.749   5.904   7.129   1.00 25.76 ? 359 GLU A OE1 1 
ATOM   1080 O  OE2 . GLU A 1 144 ? 5.700   7.918   6.231   1.00 22.48 ? 359 GLU A OE2 1 
ATOM   1081 N  N   . ARG A 1 145 ? 8.443   4.866   8.637   1.00 28.12 ? 360 ARG A N   1 
ATOM   1082 C  CA  . ARG A 1 145 ? 8.035   5.162   9.979   1.00 31.67 ? 360 ARG A CA  1 
ATOM   1083 C  C   . ARG A 1 145 ? 9.180   5.772   10.817  1.00 32.40 ? 360 ARG A C   1 
ATOM   1084 O  O   . ARG A 1 145 ? 8.940   6.665   11.645  1.00 32.83 ? 360 ARG A O   1 
ATOM   1085 C  CB  . ARG A 1 145 ? 7.506   3.890   10.617  1.00 34.13 ? 360 ARG A CB  1 
ATOM   1086 C  CG  . ARG A 1 145 ? 7.001   4.104   12.027  1.00 39.33 ? 360 ARG A CG  1 
ATOM   1087 C  CD  . ARG A 1 145 ? 6.375   2.846   12.534  1.00 41.93 ? 360 ARG A CD  1 
ATOM   1088 N  NE  . ARG A 1 145 ? 5.194   2.481   11.767  1.00 41.96 ? 360 ARG A NE  1 
ATOM   1089 C  CZ  . ARG A 1 145 ? 4.494   1.382   11.981  1.00 40.17 ? 360 ARG A CZ  1 
ATOM   1090 N  NH1 . ARG A 1 145 ? 3.414   1.143   11.251  1.00 39.81 ? 360 ARG A NH1 1 
ATOM   1091 N  NH2 . ARG A 1 145 ? 4.865   0.527   12.933  1.00 38.26 ? 360 ARG A NH2 1 
ATOM   1092 N  N   . GLU A 1 146 ? 10.396  5.286   10.592  1.00 32.95 ? 361 GLU A N   1 
ATOM   1093 C  CA  . GLU A 1 146 ? 11.598  5.769   11.292  1.00 34.97 ? 361 GLU A CA  1 
ATOM   1094 C  C   . GLU A 1 146 ? 12.014  7.179   10.891  1.00 41.27 ? 361 GLU A C   1 
ATOM   1095 O  O   . GLU A 1 146 ? 12.390  7.988   11.764  1.00 36.92 ? 361 GLU A O   1 
ATOM   1096 C  CB  . GLU A 1 146 ? 12.751  4.841   11.025  1.00 35.34 ? 361 GLU A CB  1 
ATOM   1097 C  CG  . GLU A 1 146 ? 12.608  3.550   11.783  1.00 36.87 ? 361 GLU A CG  1 
ATOM   1098 C  CD  . GLU A 1 146 ? 13.435  2.399   11.205  1.00 38.82 ? 361 GLU A CD  1 
ATOM   1099 O  OE1 . GLU A 1 146 ? 14.251  2.613   10.279  1.00 37.53 ? 361 GLU A OE1 1 
ATOM   1100 O  OE2 . GLU A 1 146 ? 13.249  1.261   11.699  1.00 38.50 ? 361 GLU A OE2 1 
ATOM   1101 N  N   . ARG A 1 147 ? 11.949  7.460   9.580   1.00 44.36 ? 362 ARG A N   1 
ATOM   1102 C  CA  . ARG A 1 147 ? 12.101  8.831   9.030   1.00 50.71 ? 362 ARG A CA  1 
ATOM   1103 C  C   . ARG A 1 147 ? 11.287  9.846   9.841   1.00 48.15 ? 362 ARG A C   1 
ATOM   1104 O  O   . ARG A 1 147 ? 11.844  10.808  10.377  1.00 47.22 ? 362 ARG A O   1 
ATOM   1105 C  CB  . ARG A 1 147 ? 11.627  8.914   7.570   1.00 57.50 ? 362 ARG A CB  1 
ATOM   1106 C  CG  . ARG A 1 147 ? 12.548  8.283   6.534   1.00 65.87 ? 362 ARG A CG  1 
ATOM   1107 C  CD  . ARG A 1 147 ? 11.786  7.909   5.259   1.00 73.67 ? 362 ARG A CD  1 
ATOM   1108 N  NE  . ARG A 1 147 ? 11.446  9.076   4.441   1.00 75.08 ? 362 ARG A NE  1 
ATOM   1109 C  CZ  . ARG A 1 147 ? 12.210  9.593   3.475   1.00 77.05 ? 362 ARG A CZ  1 
ATOM   1110 N  NH1 . ARG A 1 147 ? 13.389  9.056   3.160   1.00 79.70 ? 362 ARG A NH1 1 
ATOM   1111 N  NH2 . ARG A 1 147 ? 11.789  10.662  2.806   1.00 76.62 ? 362 ARG A NH2 1 
ATOM   1112 N  N   . ARG A 1 148 ? 9.982   9.605   9.942   1.00 45.92 ? 363 ARG A N   1 
ATOM   1113 C  CA  . ARG A 1 148 ? 9.083   10.498  10.685  1.00 47.86 ? 363 ARG A CA  1 
ATOM   1114 C  C   . ARG A 1 148 ? 9.414   10.567  12.162  1.00 52.62 ? 363 ARG A C   1 
ATOM   1115 O  O   . ARG A 1 148 ? 9.316   11.630  12.769  1.00 59.01 ? 363 ARG A O   1 
ATOM   1116 C  CB  . ARG A 1 148 ? 7.606   10.106  10.495  1.00 42.64 ? 363 ARG A CB  1 
ATOM   1117 C  CG  . ARG A 1 148 ? 7.072   10.565  9.152   1.00 41.68 ? 363 ARG A CG  1 
ATOM   1118 C  CD  . ARG A 1 148 ? 5.622   10.177  8.919   1.00 38.12 ? 363 ARG A CD  1 
ATOM   1119 N  NE  . ARG A 1 148 ? 5.427   8.735   8.870   1.00 32.12 ? 363 ARG A NE  1 
ATOM   1120 C  CZ  . ARG A 1 148 ? 4.860   7.977   9.821   1.00 32.46 ? 363 ARG A CZ  1 
ATOM   1121 N  NH1 . ARG A 1 148 ? 4.731   6.665   9.623   1.00 29.09 ? 363 ARG A NH1 1 
ATOM   1122 N  NH2 . ARG A 1 148 ? 4.405   8.506   10.960  1.00 31.37 ? 363 ARG A NH2 1 
ATOM   1123 N  N   . LYS A 1 149 ? 9.800   9.443   12.746  1.00 59.36 ? 364 LYS A N   1 
ATOM   1124 C  CA  . LYS A 1 149 ? 10.246  9.432   14.144  1.00 63.14 ? 364 LYS A CA  1 
ATOM   1125 C  C   . LYS A 1 149 ? 11.648  10.022  14.338  1.00 66.66 ? 364 LYS A C   1 
ATOM   1126 O  O   . LYS A 1 149 ? 12.015  10.364  15.456  1.00 72.57 ? 364 LYS A O   1 
ATOM   1127 C  CB  . LYS A 1 149 ? 10.178  8.014   14.704  1.00 63.88 ? 364 LYS A CB  1 
ATOM   1128 C  CG  . LYS A 1 149 ? 8.749   7.529   14.840  1.00 63.56 ? 364 LYS A CG  1 
ATOM   1129 C  CD  . LYS A 1 149 ? 8.668   6.019   14.931  1.00 66.94 ? 364 LYS A CD  1 
ATOM   1130 C  CE  . LYS A 1 149 ? 7.226   5.580   15.125  1.00 71.76 ? 364 LYS A CE  1 
ATOM   1131 N  NZ  . LYS A 1 149 ? 7.136   4.161   15.574  1.00 74.78 ? 364 LYS A NZ  1 
ATOM   1132 N  N   . GLY A 1 150 ? 12.419  10.146  13.260  1.00 68.79 ? 365 GLY A N   1 
ATOM   1133 C  CA  . GLY A 1 150 ? 13.790  10.612  13.324  1.00 70.22 ? 365 GLY A CA  1 
ATOM   1134 C  C   . GLY A 1 150 ? 14.684  9.421   13.611  1.00 69.13 ? 365 GLY A C   1 
ATOM   1135 O  O   . GLY A 1 150 ? 15.713  9.568   14.252  1.00 69.52 ? 365 GLY A O   1 
HETATM 1136 CL CL  . CL  B 2 .   ? 15.716  19.574  -8.444  1.00 27.50 ? 401 CL  A CL  1 
HETATM 1137 CL CL  . CL  C 2 .   ? 2.202   -1.178  13.301  1.00 35.61 ? 402 CL  A CL  1 
HETATM 1138 CL CL  . CL  D 2 .   ? -9.437  -2.253  -3.403  1.00 37.09 ? 403 CL  A CL  1 
HETATM 1139 CL CL  . CL  E 2 .   ? 3.628   6.017   12.585  1.00 38.30 ? 404 CL  A CL  1 
HETATM 1140 O  O   . HOH F 3 .   ? -12.312 -18.193 -0.964  1.00 39.95 ? 501 HOH A O   1 
HETATM 1141 O  O   . HOH F 3 .   ? 7.004   -17.881 2.952   1.00 39.09 ? 502 HOH A O   1 
HETATM 1142 O  O   . HOH F 3 .   ? -7.410  -12.307 8.048   1.00 37.49 ? 503 HOH A O   1 
HETATM 1143 O  O   . HOH F 3 .   ? 4.306   2.065   -20.171 1.00 34.89 ? 504 HOH A O   1 
HETATM 1144 O  O   . HOH F 3 .   ? -3.698  -2.172  14.473  1.00 43.74 ? 505 HOH A O   1 
HETATM 1145 O  O   . HOH F 3 .   ? 1.154   21.125  -2.526  1.00 45.75 ? 506 HOH A O   1 
HETATM 1146 O  O   . HOH F 3 .   ? -14.554 -17.712 5.866   1.00 46.56 ? 507 HOH A O   1 
HETATM 1147 O  O   . HOH F 3 .   ? 5.558   17.556  -0.925  1.00 26.77 ? 508 HOH A O   1 
HETATM 1148 O  O   . HOH F 3 .   ? 2.428   -5.769  14.391  1.00 50.49 ? 509 HOH A O   1 
HETATM 1149 O  O   . HOH F 3 .   ? 9.608   -12.370 4.572   1.00 38.92 ? 510 HOH A O   1 
HETATM 1150 O  O   . HOH F 3 .   ? 5.524   -15.211 5.299   1.00 35.98 ? 511 HOH A O   1 
HETATM 1151 O  O   . HOH F 3 .   ? -16.191 -14.207 7.883   1.00 43.58 ? 512 HOH A O   1 
HETATM 1152 O  O   . HOH F 3 .   ? 12.613  -2.401  1.286   1.00 31.33 ? 513 HOH A O   1 
HETATM 1153 O  O   . HOH F 3 .   ? 2.389   11.281  7.827   1.00 57.29 ? 514 HOH A O   1 
HETATM 1154 O  O   . HOH F 3 .   ? 5.088   3.367   7.294   1.00 24.67 ? 515 HOH A O   1 
HETATM 1155 O  O   . HOH F 3 .   ? 1.100   4.069   12.320  1.00 33.30 ? 516 HOH A O   1 
HETATM 1156 O  O   . HOH F 3 .   ? 14.156  5.911   8.002   1.00 50.29 ? 517 HOH A O   1 
HETATM 1157 O  O   . HOH F 3 .   ? -1.758  14.148  -0.434  1.00 33.12 ? 518 HOH A O   1 
HETATM 1158 O  O   . HOH F 3 .   ? 2.084   -15.253 5.470   1.00 27.70 ? 519 HOH A O   1 
HETATM 1159 O  O   . HOH F 3 .   ? 11.027  3.386   3.372   1.00 35.07 ? 520 HOH A O   1 
HETATM 1160 O  O   . HOH F 3 .   ? -12.209 6.889   -6.946  1.00 44.09 ? 521 HOH A O   1 
HETATM 1161 O  O   . HOH F 3 .   ? 5.928   18.381  -15.614 1.00 41.96 ? 522 HOH A O   1 
HETATM 1162 O  O   . HOH F 3 .   ? -6.783  16.470  -5.509  1.00 45.95 ? 523 HOH A O   1 
HETATM 1163 O  O   . HOH F 3 .   ? 10.863  16.548  -3.339  1.00 43.64 ? 524 HOH A O   1 
HETATM 1164 O  O   . HOH F 3 .   ? -10.105 -13.469 9.115   1.00 42.23 ? 525 HOH A O   1 
HETATM 1165 O  O   . HOH F 3 .   ? -0.318  11.839  4.234   1.00 32.27 ? 526 HOH A O   1 
HETATM 1166 O  O   . HOH F 3 .   ? 3.316   3.499   9.426   1.00 34.09 ? 527 HOH A O   1 
HETATM 1167 O  O   . HOH F 3 .   ? 11.795  0.923   14.048  1.00 29.93 ? 528 HOH A O   1 
HETATM 1168 O  O   . HOH F 3 .   ? 2.839   15.128  4.698   1.00 39.16 ? 529 HOH A O   1 
HETATM 1169 O  O   . HOH F 3 .   ? -6.362  14.374  1.335   1.00 42.21 ? 530 HOH A O   1 
HETATM 1170 O  O   . HOH F 3 .   ? -2.010  -23.948 8.718   1.00 37.68 ? 531 HOH A O   1 
HETATM 1171 O  O   . HOH F 3 .   ? -1.491  4.301   14.428  1.00 52.14 ? 532 HOH A O   1 
HETATM 1172 O  O   . HOH F 3 .   ? 5.653   -6.130  -4.307  1.00 25.24 ? 533 HOH A O   1 
HETATM 1173 O  O   . HOH F 3 .   ? 1.533   -11.449 14.087  1.00 55.37 ? 534 HOH A O   1 
HETATM 1174 O  O   . HOH F 3 .   ? 10.305  -10.239 6.594   1.00 39.73 ? 535 HOH A O   1 
HETATM 1175 O  O   . HOH F 3 .   ? 13.891  -0.156  7.400   1.00 42.49 ? 536 HOH A O   1 
HETATM 1176 O  O   . HOH F 3 .   ? 5.372   -17.439 7.771   1.00 40.47 ? 537 HOH A O   1 
HETATM 1177 O  O   . HOH F 3 .   ? 2.278   -1.369  -13.878 1.00 46.56 ? 538 HOH A O   1 
HETATM 1178 O  O   . HOH F 3 .   ? -4.003  14.737  3.016   1.00 47.01 ? 539 HOH A O   1 
HETATM 1179 O  O   . HOH F 3 .   ? -5.675  8.155   5.839   1.00 28.93 ? 540 HOH A O   1 
HETATM 1180 O  O   . HOH F 3 .   ? -7.837  6.678   5.088   1.00 48.88 ? 541 HOH A O   1 
HETATM 1181 O  O   . HOH F 3 .   ? -4.560  19.099  -3.134  1.00 41.45 ? 542 HOH A O   1 
HETATM 1182 O  O   . HOH F 3 .   ? 12.664  13.854  -0.269  1.00 49.72 ? 543 HOH A O   1 
HETATM 1183 O  O   . HOH F 3 .   ? 6.892   -18.420 -0.728  1.00 47.31 ? 544 HOH A O   1 
HETATM 1184 O  O   . HOH F 3 .   ? 12.499  -14.900 -1.199  1.00 34.60 ? 545 HOH A O   1 
HETATM 1185 O  O   . HOH F 3 .   ? -16.364 -18.718 -3.085  1.00 51.18 ? 546 HOH A O   1 
HETATM 1186 O  O   . HOH F 3 .   ? -5.455  -14.196 8.426   1.00 38.58 ? 547 HOH A O   1 
HETATM 1187 O  O   . HOH F 3 .   ? -4.227  -4.493  -10.656 1.00 45.31 ? 548 HOH A O   1 
HETATM 1188 O  O   . HOH F 3 .   ? -9.039  14.520  -6.523  1.00 54.06 ? 549 HOH A O   1 
HETATM 1189 O  O   . HOH F 3 .   ? -5.148  9.965   3.290   1.00 26.81 ? 550 HOH A O   1 
HETATM 1190 O  O   . HOH F 3 .   ? -5.269  12.791  -10.262 1.00 41.97 ? 551 HOH A O   1 
HETATM 1191 O  O   . HOH F 3 .   ? 10.372  9.192   -6.092  1.00 25.14 ? 552 HOH A O   1 
HETATM 1192 O  O   . HOH F 3 .   ? -12.320 -4.191  7.948   1.00 38.07 ? 553 HOH A O   1 
HETATM 1193 O  O   . HOH F 3 .   ? -11.138 0.108   -2.247  1.00 57.19 ? 554 HOH A O   1 
HETATM 1194 O  O   . HOH F 3 .   ? 5.996   -15.115 9.043   1.00 42.41 ? 555 HOH A O   1 
HETATM 1195 O  O   . HOH F 3 .   ? 5.773   -6.442  -8.153  1.00 31.57 ? 556 HOH A O   1 
HETATM 1196 O  O   . HOH F 3 .   ? -7.947  1.622   3.364   1.00 27.89 ? 557 HOH A O   1 
HETATM 1197 O  O   . HOH F 3 .   ? -4.589  12.363  6.622   1.00 46.21 ? 558 HOH A O   1 
HETATM 1198 O  O   . HOH F 3 .   ? 3.851   19.419  3.054   1.00 58.27 ? 559 HOH A O   1 
HETATM 1199 O  O   . HOH F 3 .   ? -11.657 13.633  -3.289  1.00 41.85 ? 560 HOH A O   1 
HETATM 1200 O  O   . HOH F 3 .   ? -6.952  -20.526 -0.439  1.00 19.28 ? 561 HOH A O   1 
HETATM 1201 O  O   . HOH F 3 .   ? 4.061   -13.186 13.628  1.00 32.41 ? 562 HOH A O   1 
HETATM 1202 O  O   . HOH F 3 .   ? -10.276 10.768  -13.313 1.00 44.33 ? 563 HOH A O   1 
HETATM 1203 O  O   . HOH F 3 .   ? -4.696  -13.879 11.081  1.00 44.53 ? 564 HOH A O   1 
HETATM 1204 O  O   . HOH F 3 .   ? 4.747   -17.779 -5.544  1.00 55.00 ? 565 HOH A O   1 
HETATM 1205 O  O   . HOH F 3 .   ? -9.386  -20.349 -1.191  1.00 42.16 ? 566 HOH A O   1 
HETATM 1206 O  O   . HOH F 3 .   ? 7.597   4.754   18.720  1.00 53.22 ? 567 HOH A O   1 
HETATM 1207 O  O   . HOH F 3 .   ? -9.242  5.821   0.411   1.00 33.84 ? 568 HOH A O   1 
HETATM 1208 O  O   . HOH F 3 .   ? -2.995  12.074  3.647   1.00 27.68 ? 569 HOH A O   1 
HETATM 1209 O  O   . HOH F 3 .   ? -16.038 -17.474 8.476   1.00 52.64 ? 570 HOH A O   1 
HETATM 1210 O  O   . HOH F 3 .   ? 13.473  -0.067  2.457   1.00 41.22 ? 571 HOH A O   1 
HETATM 1211 O  O   . HOH F 3 .   ? 0.759   13.862  5.818   1.00 32.13 ? 572 HOH A O   1 
HETATM 1212 O  O   . HOH F 3 .   ? 9.053   -17.430 4.640   1.00 50.65 ? 573 HOH A O   1 
HETATM 1213 O  O   . HOH F 3 .   ? -5.745  10.111  7.969   1.00 39.81 ? 574 HOH A O   1 
# 
loop_
_pdbx_poly_seq_scheme.asym_id 
_pdbx_poly_seq_scheme.entity_id 
_pdbx_poly_seq_scheme.seq_id 
_pdbx_poly_seq_scheme.mon_id 
_pdbx_poly_seq_scheme.ndb_seq_num 
_pdbx_poly_seq_scheme.pdb_seq_num 
_pdbx_poly_seq_scheme.auth_seq_num 
_pdbx_poly_seq_scheme.pdb_mon_id 
_pdbx_poly_seq_scheme.auth_mon_id 
_pdbx_poly_seq_scheme.pdb_strand_id 
_pdbx_poly_seq_scheme.pdb_ins_code 
_pdbx_poly_seq_scheme.hetero 
A 1 1   GLY 1   -2  -2  GLY GLY A . n 
A 1 2   GLU 2   -1  -1  GLU GLU A . n 
A 1 3   PHE 3   0   0   PHE PHE A . n 
A 1 4   GLU 4   219 219 GLU GLU A . n 
A 1 5   LYS 5   220 220 LYS LYS A . n 
A 1 6   LEU 6   221 221 LEU LEU A . n 
A 1 7   GLU 7   222 222 GLU GLU A . n 
A 1 8   VAL 8   223 223 VAL VAL A . n 
A 1 9   LEU 9   224 224 LEU LEU A . n 
A 1 10  GLU 10  225 225 GLU GLU A . n 
A 1 11  GLU 11  226 226 GLU GLU A . n 
A 1 12  TRP 12  227 227 TRP TRP A . n 
A 1 13  GLN 13  228 228 GLN GLN A . n 
A 1 14  SER 14  229 229 SER SER A . n 
A 1 15  HIS 15  230 230 HIS HIS A . n 
A 1 16  ILE 16  231 231 ILE ILE A . n 
A 1 17  GLU 17  232 232 GLU GLU A . n 
A 1 18  GLY 18  233 233 GLY GLY A . n 
A 1 19  TRP 19  234 234 TRP TRP A . n 
A 1 20  GLU 20  235 235 GLU GLU A . n 
A 1 21  GLY 21  236 236 GLY GLY A . n 
A 1 22  SER 22  237 237 SER SER A . n 
A 1 23  ASN 23  238 238 ASN ASN A . n 
A 1 24  ILE 24  239 239 ILE ILE A . n 
A 1 25  THR 25  240 240 THR THR A . n 
A 1 26  ASP 26  241 241 ASP ASP A . n 
A 1 27  THR 27  242 242 THR THR A . n 
A 1 28  CYS 28  243 243 CYS CYS A . n 
A 1 29  THR 29  244 244 THR THR A . n 
A 1 30  GLU 30  245 245 GLU GLU A . n 
A 1 31  MET 31  246 246 MET MET A . n 
A 1 32  LEU 32  247 247 LEU LEU A . n 
A 1 33  MET 33  248 248 MET MET A . n 
A 1 34  CYS 34  249 249 CYS CYS A . n 
A 1 35  GLY 35  250 250 GLY GLY A . n 
A 1 36  VAL 36  251 251 VAL VAL A . n 
A 1 37  LEU 37  252 252 LEU LEU A . n 
A 1 38  LEU 38  253 253 LEU LEU A . n 
A 1 39  LYS 39  254 254 LYS LYS A . n 
A 1 40  ILE 40  255 255 ILE ILE A . n 
A 1 41  SER 41  256 256 SER SER A . n 
A 1 42  SER 42  257 257 SER SER A . n 
A 1 43  GLY 43  258 258 GLY GLY A . n 
A 1 44  ASN 44  259 259 ASN ASN A . n 
A 1 45  ILE 45  260 260 ILE ILE A . n 
A 1 46  GLN 46  261 261 GLN GLN A . n 
A 1 47  GLU 47  262 262 GLU GLU A . n 
A 1 48  ARG 48  263 263 ARG ARG A . n 
A 1 49  VAL 49  264 264 VAL VAL A . n 
A 1 50  PHE 50  265 265 PHE PHE A . n 
A 1 51  PHE 51  266 266 PHE PHE A . n 
A 1 52  LEU 52  267 267 LEU LEU A . n 
A 1 53  PHE 53  268 268 PHE PHE A . n 
A 1 54  ASP 54  269 269 ASP ASP A . n 
A 1 55  ASN 55  270 270 ASN ASN A . n 
A 1 56  LEU 56  271 271 LEU LEU A . n 
A 1 57  LEU 57  272 272 LEU LEU A . n 
A 1 58  VAL 58  273 273 VAL VAL A . n 
A 1 59  TYR 59  274 274 TYR TYR A . n 
A 1 60  CYS 60  275 275 CYS CYS A . n 
A 1 61  LYS 61  276 276 LYS LYS A . n 
A 1 62  ARG 62  277 277 ARG ARG A . n 
A 1 63  LYS 63  278 278 LYS LYS A . n 
A 1 64  HIS 64  279 ?   ?   ?   A . n 
A 1 65  ARG 65  280 ?   ?   ?   A . n 
A 1 66  ARG 66  281 ?   ?   ?   A . n 
A 1 67  LEU 67  282 ?   ?   ?   A . n 
A 1 68  LYS 68  283 ?   ?   ?   A . n 
A 1 69  ASN 69  284 ?   ?   ?   A . n 
A 1 70  SER 70  285 ?   ?   ?   A . n 
A 1 71  LYS 71  286 ?   ?   ?   A . n 
A 1 72  ALA 72  287 ?   ?   ?   A . n 
A 1 73  SER 73  288 ?   ?   ?   A . n 
A 1 74  THR 74  289 ?   ?   ?   A . n 
A 1 75  ASP 75  290 ?   ?   ?   A . n 
A 1 76  GLY 76  291 ?   ?   ?   A . n 
A 1 77  HIS 77  292 292 HIS HIS A . n 
A 1 78  ARG 78  293 293 ARG ARG A . n 
A 1 79  TYR 79  294 294 TYR TYR A . n 
A 1 80  LEU 80  295 295 LEU LEU A . n 
A 1 81  PHE 81  296 296 PHE PHE A . n 
A 1 82  ARG 82  297 297 ARG ARG A . n 
A 1 83  GLY 83  298 298 GLY GLY A . n 
A 1 84  ARG 84  299 299 ARG ARG A . n 
A 1 85  ILE 85  300 300 ILE ILE A . n 
A 1 86  ASN 86  301 301 ASN ASN A . n 
A 1 87  THR 87  302 302 THR THR A . n 
A 1 88  GLU 88  303 303 GLU GLU A . n 
A 1 89  VAL 89  304 304 VAL VAL A . n 
A 1 90  MET 90  305 305 MET MET A . n 
A 1 91  GLU 91  306 306 GLU GLU A . n 
A 1 92  VAL 92  307 307 VAL VAL A . n 
A 1 93  GLU 93  308 308 GLU GLU A . n 
A 1 94  ASN 94  309 309 ASN ASN A . n 
A 1 95  VAL 95  310 310 VAL VAL A . n 
A 1 96  ASP 96  311 311 ASP ASP A . n 
A 1 97  ASP 97  312 312 ASP ASP A . n 
A 1 98  GLY 98  313 313 GLY GLY A . n 
A 1 99  THR 99  314 314 THR THR A . n 
A 1 100 ALA 100 315 315 ALA ALA A . n 
A 1 101 ASP 101 316 316 ASP ASP A . n 
A 1 102 PHE 102 317 317 PHE PHE A . n 
A 1 103 HIS 103 318 318 HIS HIS A . n 
A 1 104 SER 104 319 319 SER SER A . n 
A 1 105 SER 105 320 320 SER SER A . n 
A 1 106 GLY 106 321 321 GLY GLY A . n 
A 1 107 HIS 107 322 322 HIS HIS A . n 
A 1 108 ILE 108 323 323 ILE ILE A . n 
A 1 109 VAL 109 324 324 VAL VAL A . n 
A 1 110 VAL 110 325 325 VAL VAL A . n 
A 1 111 ASN 111 326 326 ASN ASN A . n 
A 1 112 GLY 112 327 327 GLY GLY A . n 
A 1 113 TRP 113 328 328 TRP TRP A . n 
A 1 114 LYS 114 329 329 LYS LYS A . n 
A 1 115 ILE 115 330 330 ILE ILE A . n 
A 1 116 HIS 116 331 331 HIS HIS A . n 
A 1 117 ASN 117 332 332 ASN ASN A . n 
A 1 118 THR 118 333 333 THR THR A . n 
A 1 119 ALA 119 334 334 ALA ALA A . n 
A 1 120 LYS 120 335 335 LYS LYS A . n 
A 1 121 ASN 121 336 336 ASN ASN A . n 
A 1 122 LYS 122 337 337 LYS LYS A . n 
A 1 123 TRP 123 338 338 TRP TRP A . n 
A 1 124 PHE 124 339 339 PHE PHE A . n 
A 1 125 VAL 125 340 340 VAL VAL A . n 
A 1 126 CYS 126 341 341 CYS CYS A . n 
A 1 127 MET 127 342 342 MET MET A . n 
A 1 128 ALA 128 343 343 ALA ALA A . n 
A 1 129 LYS 129 344 344 LYS LYS A . n 
A 1 130 THR 130 345 345 THR THR A . n 
A 1 131 PRO 131 346 346 PRO PRO A . n 
A 1 132 GLU 132 347 347 GLU GLU A . n 
A 1 133 GLU 133 348 348 GLU GLU A . n 
A 1 134 LYS 134 349 349 LYS LYS A . n 
A 1 135 HIS 135 350 350 HIS HIS A . n 
A 1 136 GLU 136 351 351 GLU GLU A . n 
A 1 137 TRP 137 352 352 TRP TRP A . n 
A 1 138 PHE 138 353 353 PHE PHE A . n 
A 1 139 GLU 139 354 354 GLU GLU A . n 
A 1 140 ALA 140 355 355 ALA ALA A . n 
A 1 141 ILE 141 356 356 ILE ILE A . n 
A 1 142 LEU 142 357 357 LEU LEU A . n 
A 1 143 LYS 143 358 358 LYS LYS A . n 
A 1 144 GLU 144 359 359 GLU GLU A . n 
A 1 145 ARG 145 360 360 ARG ARG A . n 
A 1 146 GLU 146 361 361 GLU GLU A . n 
A 1 147 ARG 147 362 362 ARG ARG A . n 
A 1 148 ARG 148 363 363 ARG ARG A . n 
A 1 149 LYS 149 364 364 LYS LYS A . n 
A 1 150 GLY 150 365 365 GLY GLY A . n 
A 1 151 LEU 151 366 ?   ?   ?   A . n 
A 1 152 LYS 152 367 ?   ?   ?   A . n 
A 1 153 LEU 153 368 ?   ?   ?   A . n 
A 1 154 GLY 154 369 ?   ?   ?   A . n 
A 1 155 MET 155 370 ?   ?   ?   A . n 
A 1 156 GLU 156 371 ?   ?   ?   A . n 
A 1 157 GLN 157 372 ?   ?   ?   A . n 
A 1 158 ASP 158 373 ?   ?   ?   A . n 
A 1 159 THR 159 374 ?   ?   ?   A . n 
A 1 160 TRP 160 375 ?   ?   ?   A . n 
A 1 161 VAL 161 376 ?   ?   ?   A . n 
A 1 162 MET 162 377 ?   ?   ?   A . n 
# 
loop_
_pdbx_nonpoly_scheme.asym_id 
_pdbx_nonpoly_scheme.entity_id 
_pdbx_nonpoly_scheme.mon_id 
_pdbx_nonpoly_scheme.ndb_seq_num 
_pdbx_nonpoly_scheme.pdb_seq_num 
_pdbx_nonpoly_scheme.auth_seq_num 
_pdbx_nonpoly_scheme.pdb_mon_id 
_pdbx_nonpoly_scheme.auth_mon_id 
_pdbx_nonpoly_scheme.pdb_strand_id 
_pdbx_nonpoly_scheme.pdb_ins_code 
B 2 CL  1  401 1  CL  CL  A . 
C 2 CL  1  402 2  CL  CL  A . 
D 2 CL  1  403 3  CL  CL  A . 
E 2 CL  1  404 4  CL  CL  A . 
F 3 HOH 1  501 40 HOH HOH A . 
F 3 HOH 2  502 69 HOH HOH A . 
F 3 HOH 3  503 67 HOH HOH A . 
F 3 HOH 4  504 10 HOH HOH A . 
F 3 HOH 5  505 74 HOH HOH A . 
F 3 HOH 6  506 41 HOH HOH A . 
F 3 HOH 7  507 23 HOH HOH A . 
F 3 HOH 8  508 11 HOH HOH A . 
F 3 HOH 9  509 66 HOH HOH A . 
F 3 HOH 10 510 28 HOH HOH A . 
F 3 HOH 11 511 16 HOH HOH A . 
F 3 HOH 12 512 43 HOH HOH A . 
F 3 HOH 13 513 18 HOH HOH A . 
F 3 HOH 14 514 37 HOH HOH A . 
F 3 HOH 15 515 5  HOH HOH A . 
F 3 HOH 16 516 15 HOH HOH A . 
F 3 HOH 17 517 56 HOH HOH A . 
F 3 HOH 18 518 9  HOH HOH A . 
F 3 HOH 19 519 14 HOH HOH A . 
F 3 HOH 20 520 53 HOH HOH A . 
F 3 HOH 21 521 33 HOH HOH A . 
F 3 HOH 22 522 59 HOH HOH A . 
F 3 HOH 23 523 71 HOH HOH A . 
F 3 HOH 24 524 39 HOH HOH A . 
F 3 HOH 25 525 17 HOH HOH A . 
F 3 HOH 26 526 25 HOH HOH A . 
F 3 HOH 27 527 27 HOH HOH A . 
F 3 HOH 28 528 24 HOH HOH A . 
F 3 HOH 29 529 32 HOH HOH A . 
F 3 HOH 30 530 30 HOH HOH A . 
F 3 HOH 31 531 51 HOH HOH A . 
F 3 HOH 32 532 35 HOH HOH A . 
F 3 HOH 33 533 12 HOH HOH A . 
F 3 HOH 34 534 44 HOH HOH A . 
F 3 HOH 35 535 58 HOH HOH A . 
F 3 HOH 36 536 38 HOH HOH A . 
F 3 HOH 37 537 34 HOH HOH A . 
F 3 HOH 38 538 29 HOH HOH A . 
F 3 HOH 39 539 63 HOH HOH A . 
F 3 HOH 40 540 3  HOH HOH A . 
F 3 HOH 41 541 64 HOH HOH A . 
F 3 HOH 42 542 22 HOH HOH A . 
F 3 HOH 43 543 42 HOH HOH A . 
F 3 HOH 44 544 55 HOH HOH A . 
F 3 HOH 45 545 13 HOH HOH A . 
F 3 HOH 46 546 72 HOH HOH A . 
F 3 HOH 47 547 36 HOH HOH A . 
F 3 HOH 48 548 31 HOH HOH A . 
F 3 HOH 49 549 62 HOH HOH A . 
F 3 HOH 50 550 1  HOH HOH A . 
F 3 HOH 51 551 26 HOH HOH A . 
F 3 HOH 52 552 7  HOH HOH A . 
F 3 HOH 53 553 8  HOH HOH A . 
F 3 HOH 54 554 46 HOH HOH A . 
F 3 HOH 55 555 61 HOH HOH A . 
F 3 HOH 56 556 21 HOH HOH A . 
F 3 HOH 57 557 2  HOH HOH A . 
F 3 HOH 58 558 68 HOH HOH A . 
F 3 HOH 59 559 45 HOH HOH A . 
F 3 HOH 60 560 6  HOH HOH A . 
F 3 HOH 61 561 19 HOH HOH A . 
F 3 HOH 62 562 52 HOH HOH A . 
F 3 HOH 63 563 57 HOH HOH A . 
F 3 HOH 64 564 48 HOH HOH A . 
F 3 HOH 65 565 20 HOH HOH A . 
F 3 HOH 66 566 60 HOH HOH A . 
F 3 HOH 67 567 70 HOH HOH A . 
F 3 HOH 68 568 54 HOH HOH A . 
F 3 HOH 69 569 4  HOH HOH A . 
F 3 HOH 70 570 65 HOH HOH A . 
F 3 HOH 71 571 50 HOH HOH A . 
F 3 HOH 72 572 49 HOH HOH A . 
F 3 HOH 73 573 47 HOH HOH A . 
F 3 HOH 74 574 73 HOH HOH A . 
# 
_pdbx_struct_assembly.id                   1 
_pdbx_struct_assembly.details              author_and_software_defined_assembly 
_pdbx_struct_assembly.method_details       PISA 
_pdbx_struct_assembly.oligomeric_details   monomeric 
_pdbx_struct_assembly.oligomeric_count     1 
# 
_pdbx_struct_assembly_gen.assembly_id       1 
_pdbx_struct_assembly_gen.oper_expression   1 
_pdbx_struct_assembly_gen.asym_id_list      A,B,C,D,E,F 
# 
loop_
_pdbx_struct_assembly_prop.biol_id 
_pdbx_struct_assembly_prop.type 
_pdbx_struct_assembly_prop.value 
_pdbx_struct_assembly_prop.details 
1 'ABSA (A^2)' 520  ? 
1 MORE         -36  ? 
1 'SSA (A^2)'  7870 ? 
# 
_pdbx_struct_oper_list.id                   1 
_pdbx_struct_oper_list.type                 'identity operation' 
_pdbx_struct_oper_list.name                 1_555 
_pdbx_struct_oper_list.symmetry_operation   x,y,z 
_pdbx_struct_oper_list.matrix[1][1]         1.0000000000 
_pdbx_struct_oper_list.matrix[1][2]         0.0000000000 
_pdbx_struct_oper_list.matrix[1][3]         0.0000000000 
_pdbx_struct_oper_list.vector[1]            0.0000000000 
_pdbx_struct_oper_list.matrix[2][1]         0.0000000000 
_pdbx_struct_oper_list.matrix[2][2]         1.0000000000 
_pdbx_struct_oper_list.matrix[2][3]         0.0000000000 
_pdbx_struct_oper_list.vector[2]            0.0000000000 
_pdbx_struct_oper_list.matrix[3][1]         0.0000000000 
_pdbx_struct_oper_list.matrix[3][2]         0.0000000000 
_pdbx_struct_oper_list.matrix[3][3]         1.0000000000 
_pdbx_struct_oper_list.vector[3]            0.0000000000 
# 
loop_
_pdbx_audit_revision_history.ordinal 
_pdbx_audit_revision_history.data_content_type 
_pdbx_audit_revision_history.major_revision 
_pdbx_audit_revision_history.minor_revision 
_pdbx_audit_revision_history.revision_date 
1 'Structure model' 1 0 2018-11-21 
2 'Structure model' 1 1 2019-06-05 
3 'Structure model' 1 2 2019-12-04 
4 'Structure model' 1 3 2023-10-04 
# 
_pdbx_audit_revision_details.ordinal             1 
_pdbx_audit_revision_details.revision_ordinal    1 
_pdbx_audit_revision_details.data_content_type   'Structure model' 
_pdbx_audit_revision_details.provider            repository 
_pdbx_audit_revision_details.type                'Initial release' 
_pdbx_audit_revision_details.description         ? 
_pdbx_audit_revision_details.details             ? 
# 
loop_
_pdbx_audit_revision_group.ordinal 
_pdbx_audit_revision_group.revision_ordinal 
_pdbx_audit_revision_group.data_content_type 
_pdbx_audit_revision_group.group 
1 2 'Structure model' 'Data collection'            
2 2 'Structure model' 'Database references'        
3 3 'Structure model' 'Author supporting evidence' 
4 4 'Structure model' 'Data collection'            
5 4 'Structure model' 'Database references'        
6 4 'Structure model' 'Refinement description'     
# 
loop_
_pdbx_audit_revision_category.ordinal 
_pdbx_audit_revision_category.revision_ordinal 
_pdbx_audit_revision_category.data_content_type 
_pdbx_audit_revision_category.category 
1 2 'Structure model' citation                      
2 3 'Structure model' pdbx_audit_support            
3 4 'Structure model' chem_comp_atom                
4 4 'Structure model' chem_comp_bond                
5 4 'Structure model' database_2                    
6 4 'Structure model' pdbx_initial_refinement_model 
# 
loop_
_pdbx_audit_revision_item.ordinal 
_pdbx_audit_revision_item.revision_ordinal 
_pdbx_audit_revision_item.data_content_type 
_pdbx_audit_revision_item.item 
1  2 'Structure model' '_citation.country'                        
2  2 'Structure model' '_citation.journal_abbrev'                 
3  2 'Structure model' '_citation.journal_id_ASTM'                
4  2 'Structure model' '_citation.journal_id_CSD'                 
5  2 'Structure model' '_citation.journal_id_ISSN'                
6  2 'Structure model' '_citation.journal_volume'                 
7  2 'Structure model' '_citation.pdbx_database_id_DOI'           
8  2 'Structure model' '_citation.title'                          
9  2 'Structure model' '_citation.year'                           
10 3 'Structure model' '_pdbx_audit_support.funding_organization' 
11 4 'Structure model' '_database_2.pdbx_DOI'                     
12 4 'Structure model' '_database_2.pdbx_database_accession'      
# 
_pdbx_phasing_MR.entry_id                     6BNM 
_pdbx_phasing_MR.method_rotation              ? 
_pdbx_phasing_MR.method_translation           ? 
_pdbx_phasing_MR.model_details                'Phaser MODE: MR_AUTO' 
_pdbx_phasing_MR.R_factor                     ? 
_pdbx_phasing_MR.R_rigid_body                 ? 
_pdbx_phasing_MR.correlation_coeff_Fo_to_Fc   ? 
_pdbx_phasing_MR.correlation_coeff_Io_to_Ic   ? 
_pdbx_phasing_MR.d_res_high_rotation          5.170 
_pdbx_phasing_MR.d_res_low_rotation           44.560 
_pdbx_phasing_MR.d_res_high_translation       5.170 
_pdbx_phasing_MR.d_res_low_translation        44.560 
_pdbx_phasing_MR.packing                      ? 
_pdbx_phasing_MR.reflns_percent_rotation      ? 
_pdbx_phasing_MR.reflns_percent_translation   ? 
_pdbx_phasing_MR.sigma_F_rotation             ? 
_pdbx_phasing_MR.sigma_F_translation          ? 
_pdbx_phasing_MR.sigma_I_rotation             ? 
_pdbx_phasing_MR.sigma_I_translation          ? 
# 
_phasing.method   MR 
# 
loop_
_software.citation_id 
_software.classification 
_software.compiler_name 
_software.compiler_version 
_software.contact_author 
_software.contact_author_email 
_software.date 
_software.description 
_software.dependencies 
_software.hardware 
_software.language 
_software.location 
_software.mods 
_software.name 
_software.os 
_software.os_version 
_software.type 
_software.version 
_software.pdbx_ordinal 
? 'data collection' ? ? ? ? ? ? ? ? ? ? ? HKL-2000    ? ? ? .        1 
? 'data reduction'  ? ? ? ? ? ? ? ? ? ? ? HKL-2000    ? ? ? .        2 
? 'data scaling'    ? ? ? ? ? ? ? ? ? ? ? SCALEPACK   ? ? ? 2.5.7    3 
? refinement        ? ? ? ? ? ? ? ? ? ? ? REFMAC      ? ? ? 5.8.0155 4 
? 'data extraction' ? ? ? ? ? ? ? ? ? ? ? PDB_EXTRACT ? ? ? 3.22     5 
? phasing           ? ? ? ? ? ? ? ? ? ? ? PHASER      ? ? ? .        6 
? 'model building'  ? ? ? ? ? ? ? ? ? ? ? Coot        ? ? ? .        7 
# 
loop_
_pdbx_validate_torsion.id 
_pdbx_validate_torsion.PDB_model_num 
_pdbx_validate_torsion.auth_comp_id 
_pdbx_validate_torsion.auth_asym_id 
_pdbx_validate_torsion.auth_seq_id 
_pdbx_validate_torsion.PDB_ins_code 
_pdbx_validate_torsion.label_alt_id 
_pdbx_validate_torsion.phi 
_pdbx_validate_torsion.psi 
1 1 ASN A 270 ? ? 79.36  -5.94   
2 1 ARG A 277 ? ? -65.92 -178.25 
3 1 SER A 319 ? ? 45.11  -127.65 
# 
loop_
_pdbx_unobs_or_zero_occ_residues.id 
_pdbx_unobs_or_zero_occ_residues.PDB_model_num 
_pdbx_unobs_or_zero_occ_residues.polymer_flag 
_pdbx_unobs_or_zero_occ_residues.occupancy_flag 
_pdbx_unobs_or_zero_occ_residues.auth_asym_id 
_pdbx_unobs_or_zero_occ_residues.auth_comp_id 
_pdbx_unobs_or_zero_occ_residues.auth_seq_id 
_pdbx_unobs_or_zero_occ_residues.PDB_ins_code 
_pdbx_unobs_or_zero_occ_residues.label_asym_id 
_pdbx_unobs_or_zero_occ_residues.label_comp_id 
_pdbx_unobs_or_zero_occ_residues.label_seq_id 
1  1 Y 1 A HIS 279 ? A HIS 64  
2  1 Y 1 A ARG 280 ? A ARG 65  
3  1 Y 1 A ARG 281 ? A ARG 66  
4  1 Y 1 A LEU 282 ? A LEU 67  
5  1 Y 1 A LYS 283 ? A LYS 68  
6  1 Y 1 A ASN 284 ? A ASN 69  
7  1 Y 1 A SER 285 ? A SER 70  
8  1 Y 1 A LYS 286 ? A LYS 71  
9  1 Y 1 A ALA 287 ? A ALA 72  
10 1 Y 1 A SER 288 ? A SER 73  
11 1 Y 1 A THR 289 ? A THR 74  
12 1 Y 1 A ASP 290 ? A ASP 75  
13 1 Y 1 A GLY 291 ? A GLY 76  
14 1 Y 1 A LEU 366 ? A LEU 151 
15 1 Y 1 A LYS 367 ? A LYS 152 
16 1 Y 1 A LEU 368 ? A LEU 153 
17 1 Y 1 A GLY 369 ? A GLY 154 
18 1 Y 1 A MET 370 ? A MET 155 
19 1 Y 1 A GLU 371 ? A GLU 156 
20 1 Y 1 A GLN 372 ? A GLN 157 
21 1 Y 1 A ASP 373 ? A ASP 158 
22 1 Y 1 A THR 374 ? A THR 159 
23 1 Y 1 A TRP 375 ? A TRP 160 
24 1 Y 1 A VAL 376 ? A VAL 161 
25 1 Y 1 A MET 377 ? A MET 162 
# 
loop_
_chem_comp_atom.comp_id 
_chem_comp_atom.atom_id 
_chem_comp_atom.type_symbol 
_chem_comp_atom.pdbx_aromatic_flag 
_chem_comp_atom.pdbx_stereo_config 
_chem_comp_atom.pdbx_ordinal 
ALA N    N  N N 1   
ALA CA   C  N S 2   
ALA C    C  N N 3   
ALA O    O  N N 4   
ALA CB   C  N N 5   
ALA OXT  O  N N 6   
ALA H    H  N N 7   
ALA H2   H  N N 8   
ALA HA   H  N N 9   
ALA HB1  H  N N 10  
ALA HB2  H  N N 11  
ALA HB3  H  N N 12  
ALA HXT  H  N N 13  
ARG N    N  N N 14  
ARG CA   C  N S 15  
ARG C    C  N N 16  
ARG O    O  N N 17  
ARG CB   C  N N 18  
ARG CG   C  N N 19  
ARG CD   C  N N 20  
ARG NE   N  N N 21  
ARG CZ   C  N N 22  
ARG NH1  N  N N 23  
ARG NH2  N  N N 24  
ARG OXT  O  N N 25  
ARG H    H  N N 26  
ARG H2   H  N N 27  
ARG HA   H  N N 28  
ARG HB2  H  N N 29  
ARG HB3  H  N N 30  
ARG HG2  H  N N 31  
ARG HG3  H  N N 32  
ARG HD2  H  N N 33  
ARG HD3  H  N N 34  
ARG HE   H  N N 35  
ARG HH11 H  N N 36  
ARG HH12 H  N N 37  
ARG HH21 H  N N 38  
ARG HH22 H  N N 39  
ARG HXT  H  N N 40  
ASN N    N  N N 41  
ASN CA   C  N S 42  
ASN C    C  N N 43  
ASN O    O  N N 44  
ASN CB   C  N N 45  
ASN CG   C  N N 46  
ASN OD1  O  N N 47  
ASN ND2  N  N N 48  
ASN OXT  O  N N 49  
ASN H    H  N N 50  
ASN H2   H  N N 51  
ASN HA   H  N N 52  
ASN HB2  H  N N 53  
ASN HB3  H  N N 54  
ASN HD21 H  N N 55  
ASN HD22 H  N N 56  
ASN HXT  H  N N 57  
ASP N    N  N N 58  
ASP CA   C  N S 59  
ASP C    C  N N 60  
ASP O    O  N N 61  
ASP CB   C  N N 62  
ASP CG   C  N N 63  
ASP OD1  O  N N 64  
ASP OD2  O  N N 65  
ASP OXT  O  N N 66  
ASP H    H  N N 67  
ASP H2   H  N N 68  
ASP HA   H  N N 69  
ASP HB2  H  N N 70  
ASP HB3  H  N N 71  
ASP HD2  H  N N 72  
ASP HXT  H  N N 73  
CL  CL   CL N N 74  
CYS N    N  N N 75  
CYS CA   C  N R 76  
CYS C    C  N N 77  
CYS O    O  N N 78  
CYS CB   C  N N 79  
CYS SG   S  N N 80  
CYS OXT  O  N N 81  
CYS H    H  N N 82  
CYS H2   H  N N 83  
CYS HA   H  N N 84  
CYS HB2  H  N N 85  
CYS HB3  H  N N 86  
CYS HG   H  N N 87  
CYS HXT  H  N N 88  
GLN N    N  N N 89  
GLN CA   C  N S 90  
GLN C    C  N N 91  
GLN O    O  N N 92  
GLN CB   C  N N 93  
GLN CG   C  N N 94  
GLN CD   C  N N 95  
GLN OE1  O  N N 96  
GLN NE2  N  N N 97  
GLN OXT  O  N N 98  
GLN H    H  N N 99  
GLN H2   H  N N 100 
GLN HA   H  N N 101 
GLN HB2  H  N N 102 
GLN HB3  H  N N 103 
GLN HG2  H  N N 104 
GLN HG3  H  N N 105 
GLN HE21 H  N N 106 
GLN HE22 H  N N 107 
GLN HXT  H  N N 108 
GLU N    N  N N 109 
GLU CA   C  N S 110 
GLU C    C  N N 111 
GLU O    O  N N 112 
GLU CB   C  N N 113 
GLU CG   C  N N 114 
GLU CD   C  N N 115 
GLU OE1  O  N N 116 
GLU OE2  O  N N 117 
GLU OXT  O  N N 118 
GLU H    H  N N 119 
GLU H2   H  N N 120 
GLU HA   H  N N 121 
GLU HB2  H  N N 122 
GLU HB3  H  N N 123 
GLU HG2  H  N N 124 
GLU HG3  H  N N 125 
GLU HE2  H  N N 126 
GLU HXT  H  N N 127 
GLY N    N  N N 128 
GLY CA   C  N N 129 
GLY C    C  N N 130 
GLY O    O  N N 131 
GLY OXT  O  N N 132 
GLY H    H  N N 133 
GLY H2   H  N N 134 
GLY HA2  H  N N 135 
GLY HA3  H  N N 136 
GLY HXT  H  N N 137 
HIS N    N  N N 138 
HIS CA   C  N S 139 
HIS C    C  N N 140 
HIS O    O  N N 141 
HIS CB   C  N N 142 
HIS CG   C  Y N 143 
HIS ND1  N  Y N 144 
HIS CD2  C  Y N 145 
HIS CE1  C  Y N 146 
HIS NE2  N  Y N 147 
HIS OXT  O  N N 148 
HIS H    H  N N 149 
HIS H2   H  N N 150 
HIS HA   H  N N 151 
HIS HB2  H  N N 152 
HIS HB3  H  N N 153 
HIS HD1  H  N N 154 
HIS HD2  H  N N 155 
HIS HE1  H  N N 156 
HIS HE2  H  N N 157 
HIS HXT  H  N N 158 
HOH O    O  N N 159 
HOH H1   H  N N 160 
HOH H2   H  N N 161 
ILE N    N  N N 162 
ILE CA   C  N S 163 
ILE C    C  N N 164 
ILE O    O  N N 165 
ILE CB   C  N S 166 
ILE CG1  C  N N 167 
ILE CG2  C  N N 168 
ILE CD1  C  N N 169 
ILE OXT  O  N N 170 
ILE H    H  N N 171 
ILE H2   H  N N 172 
ILE HA   H  N N 173 
ILE HB   H  N N 174 
ILE HG12 H  N N 175 
ILE HG13 H  N N 176 
ILE HG21 H  N N 177 
ILE HG22 H  N N 178 
ILE HG23 H  N N 179 
ILE HD11 H  N N 180 
ILE HD12 H  N N 181 
ILE HD13 H  N N 182 
ILE HXT  H  N N 183 
LEU N    N  N N 184 
LEU CA   C  N S 185 
LEU C    C  N N 186 
LEU O    O  N N 187 
LEU CB   C  N N 188 
LEU CG   C  N N 189 
LEU CD1  C  N N 190 
LEU CD2  C  N N 191 
LEU OXT  O  N N 192 
LEU H    H  N N 193 
LEU H2   H  N N 194 
LEU HA   H  N N 195 
LEU HB2  H  N N 196 
LEU HB3  H  N N 197 
LEU HG   H  N N 198 
LEU HD11 H  N N 199 
LEU HD12 H  N N 200 
LEU HD13 H  N N 201 
LEU HD21 H  N N 202 
LEU HD22 H  N N 203 
LEU HD23 H  N N 204 
LEU HXT  H  N N 205 
LYS N    N  N N 206 
LYS CA   C  N S 207 
LYS C    C  N N 208 
LYS O    O  N N 209 
LYS CB   C  N N 210 
LYS CG   C  N N 211 
LYS CD   C  N N 212 
LYS CE   C  N N 213 
LYS NZ   N  N N 214 
LYS OXT  O  N N 215 
LYS H    H  N N 216 
LYS H2   H  N N 217 
LYS HA   H  N N 218 
LYS HB2  H  N N 219 
LYS HB3  H  N N 220 
LYS HG2  H  N N 221 
LYS HG3  H  N N 222 
LYS HD2  H  N N 223 
LYS HD3  H  N N 224 
LYS HE2  H  N N 225 
LYS HE3  H  N N 226 
LYS HZ1  H  N N 227 
LYS HZ2  H  N N 228 
LYS HZ3  H  N N 229 
LYS HXT  H  N N 230 
MET N    N  N N 231 
MET CA   C  N S 232 
MET C    C  N N 233 
MET O    O  N N 234 
MET CB   C  N N 235 
MET CG   C  N N 236 
MET SD   S  N N 237 
MET CE   C  N N 238 
MET OXT  O  N N 239 
MET H    H  N N 240 
MET H2   H  N N 241 
MET HA   H  N N 242 
MET HB2  H  N N 243 
MET HB3  H  N N 244 
MET HG2  H  N N 245 
MET HG3  H  N N 246 
MET HE1  H  N N 247 
MET HE2  H  N N 248 
MET HE3  H  N N 249 
MET HXT  H  N N 250 
PHE N    N  N N 251 
PHE CA   C  N S 252 
PHE C    C  N N 253 
PHE O    O  N N 254 
PHE CB   C  N N 255 
PHE CG   C  Y N 256 
PHE CD1  C  Y N 257 
PHE CD2  C  Y N 258 
PHE CE1  C  Y N 259 
PHE CE2  C  Y N 260 
PHE CZ   C  Y N 261 
PHE OXT  O  N N 262 
PHE H    H  N N 263 
PHE H2   H  N N 264 
PHE HA   H  N N 265 
PHE HB2  H  N N 266 
PHE HB3  H  N N 267 
PHE HD1  H  N N 268 
PHE HD2  H  N N 269 
PHE HE1  H  N N 270 
PHE HE2  H  N N 271 
PHE HZ   H  N N 272 
PHE HXT  H  N N 273 
PRO N    N  N N 274 
PRO CA   C  N S 275 
PRO C    C  N N 276 
PRO O    O  N N 277 
PRO CB   C  N N 278 
PRO CG   C  N N 279 
PRO CD   C  N N 280 
PRO OXT  O  N N 281 
PRO H    H  N N 282 
PRO HA   H  N N 283 
PRO HB2  H  N N 284 
PRO HB3  H  N N 285 
PRO HG2  H  N N 286 
PRO HG3  H  N N 287 
PRO HD2  H  N N 288 
PRO HD3  H  N N 289 
PRO HXT  H  N N 290 
SER N    N  N N 291 
SER CA   C  N S 292 
SER C    C  N N 293 
SER O    O  N N 294 
SER CB   C  N N 295 
SER OG   O  N N 296 
SER OXT  O  N N 297 
SER H    H  N N 298 
SER H2   H  N N 299 
SER HA   H  N N 300 
SER HB2  H  N N 301 
SER HB3  H  N N 302 
SER HG   H  N N 303 
SER HXT  H  N N 304 
THR N    N  N N 305 
THR CA   C  N S 306 
THR C    C  N N 307 
THR O    O  N N 308 
THR CB   C  N R 309 
THR OG1  O  N N 310 
THR CG2  C  N N 311 
THR OXT  O  N N 312 
THR H    H  N N 313 
THR H2   H  N N 314 
THR HA   H  N N 315 
THR HB   H  N N 316 
THR HG1  H  N N 317 
THR HG21 H  N N 318 
THR HG22 H  N N 319 
THR HG23 H  N N 320 
THR HXT  H  N N 321 
TRP N    N  N N 322 
TRP CA   C  N S 323 
TRP C    C  N N 324 
TRP O    O  N N 325 
TRP CB   C  N N 326 
TRP CG   C  Y N 327 
TRP CD1  C  Y N 328 
TRP CD2  C  Y N 329 
TRP NE1  N  Y N 330 
TRP CE2  C  Y N 331 
TRP CE3  C  Y N 332 
TRP CZ2  C  Y N 333 
TRP CZ3  C  Y N 334 
TRP CH2  C  Y N 335 
TRP OXT  O  N N 336 
TRP H    H  N N 337 
TRP H2   H  N N 338 
TRP HA   H  N N 339 
TRP HB2  H  N N 340 
TRP HB3  H  N N 341 
TRP HD1  H  N N 342 
TRP HE1  H  N N 343 
TRP HE3  H  N N 344 
TRP HZ2  H  N N 345 
TRP HZ3  H  N N 346 
TRP HH2  H  N N 347 
TRP HXT  H  N N 348 
TYR N    N  N N 349 
TYR CA   C  N S 350 
TYR C    C  N N 351 
TYR O    O  N N 352 
TYR CB   C  N N 353 
TYR CG   C  Y N 354 
TYR CD1  C  Y N 355 
TYR CD2  C  Y N 356 
TYR CE1  C  Y N 357 
TYR CE2  C  Y N 358 
TYR CZ   C  Y N 359 
TYR OH   O  N N 360 
TYR OXT  O  N N 361 
TYR H    H  N N 362 
TYR H2   H  N N 363 
TYR HA   H  N N 364 
TYR HB2  H  N N 365 
TYR HB3  H  N N 366 
TYR HD1  H  N N 367 
TYR HD2  H  N N 368 
TYR HE1  H  N N 369 
TYR HE2  H  N N 370 
TYR HH   H  N N 371 
TYR HXT  H  N N 372 
VAL N    N  N N 373 
VAL CA   C  N S 374 
VAL C    C  N N 375 
VAL O    O  N N 376 
VAL CB   C  N N 377 
VAL CG1  C  N N 378 
VAL CG2  C  N N 379 
VAL OXT  O  N N 380 
VAL H    H  N N 381 
VAL H2   H  N N 382 
VAL HA   H  N N 383 
VAL HB   H  N N 384 
VAL HG11 H  N N 385 
VAL HG12 H  N N 386 
VAL HG13 H  N N 387 
VAL HG21 H  N N 388 
VAL HG22 H  N N 389 
VAL HG23 H  N N 390 
VAL HXT  H  N N 391 
# 
loop_
_chem_comp_bond.comp_id 
_chem_comp_bond.atom_id_1 
_chem_comp_bond.atom_id_2 
_chem_comp_bond.value_order 
_chem_comp_bond.pdbx_aromatic_flag 
_chem_comp_bond.pdbx_stereo_config 
_chem_comp_bond.pdbx_ordinal 
ALA N   CA   sing N N 1   
ALA N   H    sing N N 2   
ALA N   H2   sing N N 3   
ALA CA  C    sing N N 4   
ALA CA  CB   sing N N 5   
ALA CA  HA   sing N N 6   
ALA C   O    doub N N 7   
ALA C   OXT  sing N N 8   
ALA CB  HB1  sing N N 9   
ALA CB  HB2  sing N N 10  
ALA CB  HB3  sing N N 11  
ALA OXT HXT  sing N N 12  
ARG N   CA   sing N N 13  
ARG N   H    sing N N 14  
ARG N   H2   sing N N 15  
ARG CA  C    sing N N 16  
ARG CA  CB   sing N N 17  
ARG CA  HA   sing N N 18  
ARG C   O    doub N N 19  
ARG C   OXT  sing N N 20  
ARG CB  CG   sing N N 21  
ARG CB  HB2  sing N N 22  
ARG CB  HB3  sing N N 23  
ARG CG  CD   sing N N 24  
ARG CG  HG2  sing N N 25  
ARG CG  HG3  sing N N 26  
ARG CD  NE   sing N N 27  
ARG CD  HD2  sing N N 28  
ARG CD  HD3  sing N N 29  
ARG NE  CZ   sing N N 30  
ARG NE  HE   sing N N 31  
ARG CZ  NH1  sing N N 32  
ARG CZ  NH2  doub N N 33  
ARG NH1 HH11 sing N N 34  
ARG NH1 HH12 sing N N 35  
ARG NH2 HH21 sing N N 36  
ARG NH2 HH22 sing N N 37  
ARG OXT HXT  sing N N 38  
ASN N   CA   sing N N 39  
ASN N   H    sing N N 40  
ASN N   H2   sing N N 41  
ASN CA  C    sing N N 42  
ASN CA  CB   sing N N 43  
ASN CA  HA   sing N N 44  
ASN C   O    doub N N 45  
ASN C   OXT  sing N N 46  
ASN CB  CG   sing N N 47  
ASN CB  HB2  sing N N 48  
ASN CB  HB3  sing N N 49  
ASN CG  OD1  doub N N 50  
ASN CG  ND2  sing N N 51  
ASN ND2 HD21 sing N N 52  
ASN ND2 HD22 sing N N 53  
ASN OXT HXT  sing N N 54  
ASP N   CA   sing N N 55  
ASP N   H    sing N N 56  
ASP N   H2   sing N N 57  
ASP CA  C    sing N N 58  
ASP CA  CB   sing N N 59  
ASP CA  HA   sing N N 60  
ASP C   O    doub N N 61  
ASP C   OXT  sing N N 62  
ASP CB  CG   sing N N 63  
ASP CB  HB2  sing N N 64  
ASP CB  HB3  sing N N 65  
ASP CG  OD1  doub N N 66  
ASP CG  OD2  sing N N 67  
ASP OD2 HD2  sing N N 68  
ASP OXT HXT  sing N N 69  
CYS N   CA   sing N N 70  
CYS N   H    sing N N 71  
CYS N   H2   sing N N 72  
CYS CA  C    sing N N 73  
CYS CA  CB   sing N N 74  
CYS CA  HA   sing N N 75  
CYS C   O    doub N N 76  
CYS C   OXT  sing N N 77  
CYS CB  SG   sing N N 78  
CYS CB  HB2  sing N N 79  
CYS CB  HB3  sing N N 80  
CYS SG  HG   sing N N 81  
CYS OXT HXT  sing N N 82  
GLN N   CA   sing N N 83  
GLN N   H    sing N N 84  
GLN N   H2   sing N N 85  
GLN CA  C    sing N N 86  
GLN CA  CB   sing N N 87  
GLN CA  HA   sing N N 88  
GLN C   O    doub N N 89  
GLN C   OXT  sing N N 90  
GLN CB  CG   sing N N 91  
GLN CB  HB2  sing N N 92  
GLN CB  HB3  sing N N 93  
GLN CG  CD   sing N N 94  
GLN CG  HG2  sing N N 95  
GLN CG  HG3  sing N N 96  
GLN CD  OE1  doub N N 97  
GLN CD  NE2  sing N N 98  
GLN NE2 HE21 sing N N 99  
GLN NE2 HE22 sing N N 100 
GLN OXT HXT  sing N N 101 
GLU N   CA   sing N N 102 
GLU N   H    sing N N 103 
GLU N   H2   sing N N 104 
GLU CA  C    sing N N 105 
GLU CA  CB   sing N N 106 
GLU CA  HA   sing N N 107 
GLU C   O    doub N N 108 
GLU C   OXT  sing N N 109 
GLU CB  CG   sing N N 110 
GLU CB  HB2  sing N N 111 
GLU CB  HB3  sing N N 112 
GLU CG  CD   sing N N 113 
GLU CG  HG2  sing N N 114 
GLU CG  HG3  sing N N 115 
GLU CD  OE1  doub N N 116 
GLU CD  OE2  sing N N 117 
GLU OE2 HE2  sing N N 118 
GLU OXT HXT  sing N N 119 
GLY N   CA   sing N N 120 
GLY N   H    sing N N 121 
GLY N   H2   sing N N 122 
GLY CA  C    sing N N 123 
GLY CA  HA2  sing N N 124 
GLY CA  HA3  sing N N 125 
GLY C   O    doub N N 126 
GLY C   OXT  sing N N 127 
GLY OXT HXT  sing N N 128 
HIS N   CA   sing N N 129 
HIS N   H    sing N N 130 
HIS N   H2   sing N N 131 
HIS CA  C    sing N N 132 
HIS CA  CB   sing N N 133 
HIS CA  HA   sing N N 134 
HIS C   O    doub N N 135 
HIS C   OXT  sing N N 136 
HIS CB  CG   sing N N 137 
HIS CB  HB2  sing N N 138 
HIS CB  HB3  sing N N 139 
HIS CG  ND1  sing Y N 140 
HIS CG  CD2  doub Y N 141 
HIS ND1 CE1  doub Y N 142 
HIS ND1 HD1  sing N N 143 
HIS CD2 NE2  sing Y N 144 
HIS CD2 HD2  sing N N 145 
HIS CE1 NE2  sing Y N 146 
HIS CE1 HE1  sing N N 147 
HIS NE2 HE2  sing N N 148 
HIS OXT HXT  sing N N 149 
HOH O   H1   sing N N 150 
HOH O   H2   sing N N 151 
ILE N   CA   sing N N 152 
ILE N   H    sing N N 153 
ILE N   H2   sing N N 154 
ILE CA  C    sing N N 155 
ILE CA  CB   sing N N 156 
ILE CA  HA   sing N N 157 
ILE C   O    doub N N 158 
ILE C   OXT  sing N N 159 
ILE CB  CG1  sing N N 160 
ILE CB  CG2  sing N N 161 
ILE CB  HB   sing N N 162 
ILE CG1 CD1  sing N N 163 
ILE CG1 HG12 sing N N 164 
ILE CG1 HG13 sing N N 165 
ILE CG2 HG21 sing N N 166 
ILE CG2 HG22 sing N N 167 
ILE CG2 HG23 sing N N 168 
ILE CD1 HD11 sing N N 169 
ILE CD1 HD12 sing N N 170 
ILE CD1 HD13 sing N N 171 
ILE OXT HXT  sing N N 172 
LEU N   CA   sing N N 173 
LEU N   H    sing N N 174 
LEU N   H2   sing N N 175 
LEU CA  C    sing N N 176 
LEU CA  CB   sing N N 177 
LEU CA  HA   sing N N 178 
LEU C   O    doub N N 179 
LEU C   OXT  sing N N 180 
LEU CB  CG   sing N N 181 
LEU CB  HB2  sing N N 182 
LEU CB  HB3  sing N N 183 
LEU CG  CD1  sing N N 184 
LEU CG  CD2  sing N N 185 
LEU CG  HG   sing N N 186 
LEU CD1 HD11 sing N N 187 
LEU CD1 HD12 sing N N 188 
LEU CD1 HD13 sing N N 189 
LEU CD2 HD21 sing N N 190 
LEU CD2 HD22 sing N N 191 
LEU CD2 HD23 sing N N 192 
LEU OXT HXT  sing N N 193 
LYS N   CA   sing N N 194 
LYS N   H    sing N N 195 
LYS N   H2   sing N N 196 
LYS CA  C    sing N N 197 
LYS CA  CB   sing N N 198 
LYS CA  HA   sing N N 199 
LYS C   O    doub N N 200 
LYS C   OXT  sing N N 201 
LYS CB  CG   sing N N 202 
LYS CB  HB2  sing N N 203 
LYS CB  HB3  sing N N 204 
LYS CG  CD   sing N N 205 
LYS CG  HG2  sing N N 206 
LYS CG  HG3  sing N N 207 
LYS CD  CE   sing N N 208 
LYS CD  HD2  sing N N 209 
LYS CD  HD3  sing N N 210 
LYS CE  NZ   sing N N 211 
LYS CE  HE2  sing N N 212 
LYS CE  HE3  sing N N 213 
LYS NZ  HZ1  sing N N 214 
LYS NZ  HZ2  sing N N 215 
LYS NZ  HZ3  sing N N 216 
LYS OXT HXT  sing N N 217 
MET N   CA   sing N N 218 
MET N   H    sing N N 219 
MET N   H2   sing N N 220 
MET CA  C    sing N N 221 
MET CA  CB   sing N N 222 
MET CA  HA   sing N N 223 
MET C   O    doub N N 224 
MET C   OXT  sing N N 225 
MET CB  CG   sing N N 226 
MET CB  HB2  sing N N 227 
MET CB  HB3  sing N N 228 
MET CG  SD   sing N N 229 
MET CG  HG2  sing N N 230 
MET CG  HG3  sing N N 231 
MET SD  CE   sing N N 232 
MET CE  HE1  sing N N 233 
MET CE  HE2  sing N N 234 
MET CE  HE3  sing N N 235 
MET OXT HXT  sing N N 236 
PHE N   CA   sing N N 237 
PHE N   H    sing N N 238 
PHE N   H2   sing N N 239 
PHE CA  C    sing N N 240 
PHE CA  CB   sing N N 241 
PHE CA  HA   sing N N 242 
PHE C   O    doub N N 243 
PHE C   OXT  sing N N 244 
PHE CB  CG   sing N N 245 
PHE CB  HB2  sing N N 246 
PHE CB  HB3  sing N N 247 
PHE CG  CD1  doub Y N 248 
PHE CG  CD2  sing Y N 249 
PHE CD1 CE1  sing Y N 250 
PHE CD1 HD1  sing N N 251 
PHE CD2 CE2  doub Y N 252 
PHE CD2 HD2  sing N N 253 
PHE CE1 CZ   doub Y N 254 
PHE CE1 HE1  sing N N 255 
PHE CE2 CZ   sing Y N 256 
PHE CE2 HE2  sing N N 257 
PHE CZ  HZ   sing N N 258 
PHE OXT HXT  sing N N 259 
PRO N   CA   sing N N 260 
PRO N   CD   sing N N 261 
PRO N   H    sing N N 262 
PRO CA  C    sing N N 263 
PRO CA  CB   sing N N 264 
PRO CA  HA   sing N N 265 
PRO C   O    doub N N 266 
PRO C   OXT  sing N N 267 
PRO CB  CG   sing N N 268 
PRO CB  HB2  sing N N 269 
PRO CB  HB3  sing N N 270 
PRO CG  CD   sing N N 271 
PRO CG  HG2  sing N N 272 
PRO CG  HG3  sing N N 273 
PRO CD  HD2  sing N N 274 
PRO CD  HD3  sing N N 275 
PRO OXT HXT  sing N N 276 
SER N   CA   sing N N 277 
SER N   H    sing N N 278 
SER N   H2   sing N N 279 
SER CA  C    sing N N 280 
SER CA  CB   sing N N 281 
SER CA  HA   sing N N 282 
SER C   O    doub N N 283 
SER C   OXT  sing N N 284 
SER CB  OG   sing N N 285 
SER CB  HB2  sing N N 286 
SER CB  HB3  sing N N 287 
SER OG  HG   sing N N 288 
SER OXT HXT  sing N N 289 
THR N   CA   sing N N 290 
THR N   H    sing N N 291 
THR N   H2   sing N N 292 
THR CA  C    sing N N 293 
THR CA  CB   sing N N 294 
THR CA  HA   sing N N 295 
THR C   O    doub N N 296 
THR C   OXT  sing N N 297 
THR CB  OG1  sing N N 298 
THR CB  CG2  sing N N 299 
THR CB  HB   sing N N 300 
THR OG1 HG1  sing N N 301 
THR CG2 HG21 sing N N 302 
THR CG2 HG22 sing N N 303 
THR CG2 HG23 sing N N 304 
THR OXT HXT  sing N N 305 
TRP N   CA   sing N N 306 
TRP N   H    sing N N 307 
TRP N   H2   sing N N 308 
TRP CA  C    sing N N 309 
TRP CA  CB   sing N N 310 
TRP CA  HA   sing N N 311 
TRP C   O    doub N N 312 
TRP C   OXT  sing N N 313 
TRP CB  CG   sing N N 314 
TRP CB  HB2  sing N N 315 
TRP CB  HB3  sing N N 316 
TRP CG  CD1  doub Y N 317 
TRP CG  CD2  sing Y N 318 
TRP CD1 NE1  sing Y N 319 
TRP CD1 HD1  sing N N 320 
TRP CD2 CE2  doub Y N 321 
TRP CD2 CE3  sing Y N 322 
TRP NE1 CE2  sing Y N 323 
TRP NE1 HE1  sing N N 324 
TRP CE2 CZ2  sing Y N 325 
TRP CE3 CZ3  doub Y N 326 
TRP CE3 HE3  sing N N 327 
TRP CZ2 CH2  doub Y N 328 
TRP CZ2 HZ2  sing N N 329 
TRP CZ3 CH2  sing Y N 330 
TRP CZ3 HZ3  sing N N 331 
TRP CH2 HH2  sing N N 332 
TRP OXT HXT  sing N N 333 
TYR N   CA   sing N N 334 
TYR N   H    sing N N 335 
TYR N   H2   sing N N 336 
TYR CA  C    sing N N 337 
TYR CA  CB   sing N N 338 
TYR CA  HA   sing N N 339 
TYR C   O    doub N N 340 
TYR C   OXT  sing N N 341 
TYR CB  CG   sing N N 342 
TYR CB  HB2  sing N N 343 
TYR CB  HB3  sing N N 344 
TYR CG  CD1  doub Y N 345 
TYR CG  CD2  sing Y N 346 
TYR CD1 CE1  sing Y N 347 
TYR CD1 HD1  sing N N 348 
TYR CD2 CE2  doub Y N 349 
TYR CD2 HD2  sing N N 350 
TYR CE1 CZ   doub Y N 351 
TYR CE1 HE1  sing N N 352 
TYR CE2 CZ   sing Y N 353 
TYR CE2 HE2  sing N N 354 
TYR CZ  OH   sing N N 355 
TYR OH  HH   sing N N 356 
TYR OXT HXT  sing N N 357 
VAL N   CA   sing N N 358 
VAL N   H    sing N N 359 
VAL N   H2   sing N N 360 
VAL CA  C    sing N N 361 
VAL CA  CB   sing N N 362 
VAL CA  HA   sing N N 363 
VAL C   O    doub N N 364 
VAL C   OXT  sing N N 365 
VAL CB  CG1  sing N N 366 
VAL CB  CG2  sing N N 367 
VAL CB  HB   sing N N 368 
VAL CG1 HG11 sing N N 369 
VAL CG1 HG12 sing N N 370 
VAL CG1 HG13 sing N N 371 
VAL CG2 HG21 sing N N 372 
VAL CG2 HG22 sing N N 373 
VAL CG2 HG23 sing N N 374 
VAL OXT HXT  sing N N 375 
# 
loop_
_pdbx_audit_support.funding_organization 
_pdbx_audit_support.country 
_pdbx_audit_support.grant_number 
_pdbx_audit_support.ordinal 
'National Institutes of Health/National Heart, Lung, and Blood Institute (NIH/NHLBI)' 'United States' HL086865         1 
'National Institutes of Health/National Heart, Lung, and Blood Institute (NIH/NHLBI)' 'United States' HL122416         2 
'American Cancer Society-Michigan Cancer Research Fund'                               'United States' PF-14-224-01-DMC 3 
# 
loop_
_pdbx_entity_nonpoly.entity_id 
_pdbx_entity_nonpoly.name 
_pdbx_entity_nonpoly.comp_id 
2 'CHLORIDE ION' CL  
3 water          HOH 
# 
_pdbx_initial_refinement_model.id               1 
_pdbx_initial_refinement_model.entity_id_list   ? 
_pdbx_initial_refinement_model.type             'experimental model' 
_pdbx_initial_refinement_model.source_name      PDB 
_pdbx_initial_refinement_model.accession_code   5D27 
_pdbx_initial_refinement_model.details          ? 
# 
_pdbx_struct_assembly_auth_evidence.id                     1 
_pdbx_struct_assembly_auth_evidence.assembly_id            1 
_pdbx_struct_assembly_auth_evidence.experimental_support   'gel filtration' 
_pdbx_struct_assembly_auth_evidence.details                ? 
# 
